data_2VNT
#
_entry.id   2VNT
#
_cell.length_a   104.557
_cell.length_b   181.108
_cell.length_c   104.363
_cell.angle_alpha   90.00
_cell.angle_beta   94.80
_cell.angle_gamma   90.00
#
_symmetry.space_group_name_H-M   'C 1 2 1'
#
loop_
_entity.id
_entity.type
_entity.pdbx_description
1 polymer 'UROKINASE-TYPE PLASMINOGEN ACTIVATOR'
2 non-polymer 1-({4-CHLORO-1-[(DIAMINOMETHYLIDENE)AMINO]ISOQUINOLIN-7-YL}SULFONYL)-D-PROLINE
3 non-polymer 'SULFATE ION'
4 water water
#
_entity_poly.entity_id   1
_entity_poly.type   'polypeptide(L)'
_entity_poly.pdbx_seq_one_letter_code
;KPSSPPEELKFQCGQKTLRPRFKIIGGEFTTIENQPWFAAIYRRHRGGSVTYVCGGSLMSPCWVISATHCFIDYPKKEDY
IVYLGRSRLNSNTQGEMKFEVENLILHKDYSADTLAHHNDIALLKIRSKEGRCAQPSRTIQTICLPSMYNDPQFGTSCEI
TGFGKENSTDYLYPEQLKMTVVKLISHRECQQPHYYGSEVTTKMLCAADPQWKTDSCQGDSGGPLVCSLQGRMTLTGIVS
WGRGCALKDKPGVYTRVSHFLPWIRSHTKEENGLAL
;
_entity_poly.pdbx_strand_id   A,B,C,D,E,F
#
loop_
_chem_comp.id
_chem_comp.type
_chem_comp.name
_chem_comp.formula
QGG non-polymer 1-({4-CHLORO-1-[(DIAMINOMETHYLIDENE)AMINO]ISOQUINOLIN-7-YL}SULFONYL)-D-PROLINE 'C15 H16 Cl N5 O4 S'
SO4 non-polymer 'SULFATE ION' 'O4 S -2'
#
# COMPACT_ATOMS: atom_id res chain seq x y z
N LYS A 10 23.03 48.08 24.51
CA LYS A 10 24.11 47.09 24.15
C LYS A 10 24.19 45.92 25.14
N PHE A 11 24.80 44.81 24.71
CA PHE A 11 24.87 43.56 25.50
C PHE A 11 25.78 43.70 26.73
N GLN A 12 25.28 43.30 27.90
CA GLN A 12 26.11 43.17 29.10
C GLN A 12 25.92 41.73 29.60
N CYS A 13 26.91 40.87 29.39
CA CYS A 13 26.73 39.41 29.62
C CYS A 13 26.25 39.07 31.02
N GLY A 14 25.34 38.09 31.11
CA GLY A 14 24.88 37.54 32.39
C GLY A 14 23.86 38.30 33.26
N GLN A 15 23.47 39.50 32.85
CA GLN A 15 22.53 40.26 33.69
C GLN A 15 21.11 40.32 33.14
N LYS A 16 20.16 39.78 33.91
CA LYS A 16 18.76 39.88 33.54
C LYS A 16 18.16 41.27 33.83
N THR A 17 17.06 41.56 33.14
CA THR A 17 16.21 42.71 33.43
C THR A 17 15.20 42.19 34.45
N LEU A 18 15.25 42.77 35.65
CA LEU A 18 14.54 42.19 36.80
C LEU A 18 13.02 42.36 36.73
N ILE A 24 13.45 19.03 31.80
CA ILE A 24 13.68 19.32 33.22
C ILE A 24 12.66 18.55 34.12
N ILE A 25 13.15 17.54 34.84
CA ILE A 25 12.36 16.87 35.92
C ILE A 25 12.11 17.88 37.04
N GLY A 26 13.14 18.66 37.34
CA GLY A 26 12.99 19.99 37.93
C GLY A 26 11.67 20.38 38.56
N GLY A 27 11.49 21.67 38.85
CA GLY A 27 10.22 22.07 39.45
C GLY A 27 9.58 23.36 39.02
N GLU A 28 10.05 24.01 37.97
CA GLU A 28 9.64 25.39 37.72
C GLU A 28 9.47 25.83 36.24
N PHE A 29 8.28 26.29 35.83
CA PHE A 29 8.10 26.99 34.53
C PHE A 29 8.60 28.43 34.62
N THR A 30 9.06 28.97 33.51
CA THR A 30 9.70 30.30 33.55
C THR A 30 9.35 31.13 32.32
N THR A 31 9.85 32.35 32.32
CA THR A 31 9.81 33.20 31.16
C THR A 31 11.24 33.38 30.67
N ILE A 32 11.42 33.92 29.47
CA ILE A 32 12.76 34.05 28.92
C ILE A 32 13.63 35.09 29.54
N GLU A 33 13.05 36.17 30.07
CA GLU A 33 13.83 37.20 30.81
C GLU A 33 14.47 36.62 32.06
N ASN A 34 14.03 35.44 32.49
CA ASN A 34 14.66 34.68 33.58
C ASN A 34 15.90 33.93 33.12
N GLN A 35 15.97 33.67 31.81
CA GLN A 35 17.12 33.02 31.16
C GLN A 35 17.38 33.61 29.76
N PRO A 36 17.74 34.89 29.69
CA PRO A 36 17.66 35.59 28.42
C PRO A 36 18.71 35.22 27.36
N TRP A 37 19.70 34.42 27.73
CA TRP A 37 20.67 33.88 26.79
C TRP A 37 20.22 32.53 26.19
N PHE A 38 19.02 32.06 26.55
CA PHE A 38 18.59 30.73 26.10
C PHE A 38 18.22 30.79 24.66
N ALA A 39 18.85 29.94 23.88
CA ALA A 39 18.55 29.83 22.45
C ALA A 39 17.86 28.51 22.21
N ALA A 40 16.79 28.54 21.43
CA ALA A 40 16.00 27.37 21.17
C ALA A 40 16.22 26.96 19.73
N ILE A 41 16.77 25.76 19.54
CA ILE A 41 17.22 25.35 18.21
C ILE A 41 16.27 24.31 17.57
N TYR A 42 15.73 24.67 16.42
CA TYR A 42 14.79 23.85 15.63
C TYR A 42 15.36 23.42 14.28
N ARG A 43 14.67 22.50 13.62
CA ARG A 43 15.08 21.95 12.32
C ARG A 43 13.93 22.00 11.34
N ARG A 44 14.18 22.65 10.20
CA ARG A 44 13.23 22.76 9.08
C ARG A 44 13.00 21.43 8.40
N HIS A 45 11.73 21.08 8.20
CA HIS A 45 11.45 19.81 7.51
C HIS A 45 11.00 19.92 6.05
N ARG A 46 9.77 19.50 5.77
CA ARG A 46 9.34 19.01 4.43
C ARG A 46 8.61 19.96 3.45
N GLY A 47 7.58 20.71 3.85
CA GLY A 47 7.11 20.90 5.23
C GLY A 47 6.21 22.15 5.28
N GLY A 48 6.38 23.04 6.26
CA GLY A 48 7.34 22.91 7.38
C GLY A 48 6.83 23.68 8.60
N SER A 49 6.68 23.03 9.74
CA SER A 49 7.24 21.70 10.05
C SER A 49 8.67 21.87 10.54
N VAL A 50 8.87 22.92 11.34
CA VAL A 50 10.08 23.05 12.14
C VAL A 50 9.86 22.26 13.41
N THR A 51 10.80 21.37 13.73
CA THR A 51 10.75 20.60 14.95
C THR A 51 11.92 20.91 15.91
N TYR A 52 11.66 20.96 17.22
CA TYR A 52 12.69 21.31 18.23
C TYR A 52 13.82 20.31 18.23
N VAL A 53 15.04 20.81 18.37
CA VAL A 53 16.22 19.98 18.35
C VAL A 53 16.93 19.97 19.71
N CYS A 54 17.37 21.16 20.13
CA CYS A 54 18.25 21.28 21.29
C CYS A 54 18.19 22.66 21.91
N GLY A 55 18.60 22.74 23.16
CA GLY A 55 18.94 24.04 23.77
C GLY A 55 20.23 24.67 23.23
N GLY A 56 20.39 25.95 23.52
CA GLY A 56 21.65 26.67 23.28
C GLY A 56 21.79 27.88 24.23
N SER A 57 22.85 28.65 24.03
CA SER A 57 23.16 29.84 24.83
C SER A 57 23.84 30.83 23.90
N LEU A 58 23.37 32.09 23.95
CA LEU A 58 24.00 33.24 23.26
C LEU A 58 25.33 33.71 23.85
N MET A 59 26.38 33.77 23.01
CA MET A 59 27.78 34.10 23.38
C MET A 59 28.13 35.55 23.17
N SER A 60 27.75 36.01 21.99
CA SER A 60 28.06 37.31 21.46
C SER A 60 26.92 37.48 20.46
N PRO A 61 26.72 38.68 19.90
CA PRO A 61 25.56 38.82 19.01
C PRO A 61 25.48 37.84 17.82
N CYS A 62 26.59 37.20 17.47
CA CYS A 62 26.64 36.31 16.29
C CYS A 62 26.93 34.83 16.61
N TRP A 63 27.11 34.49 17.88
CA TRP A 63 27.51 33.13 18.25
C TRP A 63 26.64 32.46 19.32
N VAL A 64 26.03 31.34 18.97
CA VAL A 64 25.35 30.47 19.96
C VAL A 64 26.20 29.23 20.24
N ILE A 65 26.23 28.77 21.49
CA ILE A 65 26.96 27.55 21.81
C ILE A 65 26.00 26.45 22.27
N SER A 66 26.19 25.23 21.77
CA SER A 66 25.31 24.11 22.11
C SER A 66 26.19 22.89 22.26
N ALA A 67 25.60 21.71 22.04
CA ALA A 67 26.26 20.41 22.13
C ALA A 67 26.26 19.74 20.75
N THR A 68 27.42 19.21 20.34
CA THR A 68 27.59 18.53 19.04
C THR A 68 26.64 17.34 18.79
N HIS A 69 26.23 16.63 19.84
CA HIS A 69 25.46 15.41 19.68
C HIS A 69 24.07 15.69 19.12
N CYS A 70 23.66 16.96 19.22
CA CYS A 70 22.44 17.53 18.66
C CYS A 70 22.29 17.57 17.13
N PHE A 71 23.41 17.63 16.43
CA PHE A 71 23.47 18.02 15.01
C PHE A 71 24.11 16.89 14.14
N ILE A 72 24.61 15.90 14.85
CA ILE A 72 25.32 14.73 14.37
C ILE A 72 24.57 13.88 13.30
N ASP A 73 23.24 13.85 13.39
CA ASP A 73 22.36 13.05 12.53
C ASP A 73 21.74 13.88 11.43
N TYR A 74 21.80 15.20 11.59
CA TYR A 74 21.48 16.12 10.51
C TYR A 74 22.51 17.25 10.37
N PRO A 75 23.70 16.94 9.80
CA PRO A 75 24.80 17.93 9.82
C PRO A 75 24.70 19.12 8.82
N LYS A 76 23.56 19.29 8.15
CA LYS A 76 23.35 20.39 7.20
C LYS A 76 22.94 21.68 7.91
N LYS A 77 23.82 22.68 7.96
CA LYS A 77 23.49 23.98 8.60
C LYS A 77 22.22 24.66 8.07
N GLU A 78 21.92 24.48 6.79
CA GLU A 78 20.82 25.19 6.11
C GLU A 78 19.45 24.71 6.59
N ASP A 79 19.44 23.57 7.26
CA ASP A 79 18.25 23.01 7.91
C ASP A 79 17.81 23.66 9.23
N TYR A 80 18.67 24.48 9.85
CA TYR A 80 18.40 24.95 11.21
C TYR A 80 17.81 26.32 11.36
N ILE A 81 17.09 26.50 12.46
CA ILE A 81 16.45 27.74 12.86
C ILE A 81 16.79 27.98 14.34
N VAL A 82 17.40 29.12 14.64
CA VAL A 82 17.55 29.50 16.06
C VAL A 82 16.66 30.68 16.50
N TYR A 83 15.99 30.45 17.62
CA TYR A 83 15.19 31.45 18.25
C TYR A 83 15.85 31.94 19.51
N LEU A 84 15.77 33.26 19.67
CA LEU A 84 16.20 33.97 20.85
C LEU A 84 14.95 34.69 21.36
N GLY A 85 14.85 34.88 22.66
CA GLY A 85 13.66 35.50 23.22
C GLY A 85 12.41 34.65 23.11
N ARG A 86 12.56 33.33 23.05
CA ARG A 86 11.40 32.43 22.98
C ARG A 86 11.25 31.61 24.24
N SER A 87 10.04 31.54 24.78
CA SER A 87 9.78 30.75 26.00
C SER A 87 8.69 29.68 25.85
N ARG A 88 8.16 29.58 24.63
CA ARG A 88 7.16 28.59 24.25
C ARG A 88 7.75 27.62 23.22
N LEU A 89 7.51 26.32 23.39
CA LEU A 89 7.97 25.33 22.42
C LEU A 89 7.43 25.50 20.98
N ASN A 90 6.12 25.74 20.84
CA ASN A 90 5.51 25.66 19.48
C ASN A 90 4.74 26.87 18.98
N SER A 91 4.72 27.93 19.80
CA SER A 91 4.10 29.20 19.46
C SER A 91 5.07 30.36 19.74
N ASN A 92 4.65 31.56 19.33
CA ASN A 92 5.51 32.74 19.32
C ASN A 92 5.52 33.47 20.67
N THR A 93 6.56 34.29 20.87
CA THR A 93 6.72 35.15 22.05
C THR A 93 7.00 36.58 21.58
N GLN A 94 6.19 37.55 22.03
CA GLN A 94 6.43 38.96 21.71
C GLN A 94 7.91 39.27 21.90
N GLY A 95 8.55 39.81 20.86
CA GLY A 95 9.96 40.16 20.93
C GLY A 95 10.96 39.07 20.53
N GLU A 96 10.47 37.87 20.22
CA GLU A 96 11.37 36.74 19.85
C GLU A 96 12.10 37.07 18.55
N MET A 97 13.31 36.55 18.38
CA MET A 97 14.08 36.88 17.20
C MET A 97 14.56 35.63 16.49
N LYS A 98 14.35 35.59 15.19
CA LYS A 98 14.56 34.39 14.40
C LYS A 98 15.77 34.52 13.52
N PHE A 99 16.60 33.48 13.56
CA PHE A 99 17.86 33.45 12.86
C PHE A 99 18.07 32.16 12.05
N GLU A 100 19.02 32.21 11.13
CA GLU A 100 19.46 31.05 10.36
C GLU A 100 20.89 30.77 10.77
N VAL A 101 21.41 29.64 10.35
CA VAL A 101 22.77 29.23 10.74
C VAL A 101 23.65 29.24 9.48
N GLU A 102 24.58 30.19 9.45
CA GLU A 102 25.43 30.34 8.28
C GLU A 102 26.78 29.63 8.53
N ASN A 103 27.03 29.25 9.80
CA ASN A 103 28.18 28.46 10.21
C ASN A 103 27.78 27.48 11.30
N LEU A 104 28.02 26.19 11.06
CA LEU A 104 27.80 25.15 12.08
C LEU A 104 29.08 24.39 12.31
N ILE A 105 29.67 24.59 13.49
CA ILE A 105 30.89 23.92 13.81
C ILE A 105 30.70 22.92 14.96
N LEU A 106 31.13 21.67 14.69
CA LEU A 106 31.09 20.57 15.65
C LEU A 106 32.50 20.34 16.10
N HIS A 107 32.66 19.74 17.27
CA HIS A 107 33.98 19.45 17.78
C HIS A 107 34.48 18.18 17.12
N LYS A 108 35.67 18.29 16.53
CA LYS A 108 36.28 17.19 15.77
C LYS A 108 36.82 16.05 16.62
N ASP A 109 36.84 16.22 17.95
CA ASP A 109 37.23 15.15 18.85
C ASP A 109 36.03 14.52 19.58
N TYR A 110 34.83 14.84 19.10
CA TYR A 110 33.58 14.33 19.70
C TYR A 110 33.56 12.81 19.62
N SER A 111 32.96 12.18 20.61
CA SER A 111 33.01 10.73 20.73
C SER A 111 31.88 10.34 21.68
N ALA A 112 31.36 9.12 21.54
CA ALA A 112 30.40 8.63 22.50
C ALA A 112 30.47 7.14 22.66
N ASP A 113 30.02 6.64 23.77
CA ASP A 113 29.73 5.23 23.79
C ASP A 113 28.21 5.07 23.85
N THR A 114 27.70 4.15 24.63
CA THR A 114 26.24 4.00 24.73
C THR A 114 25.59 4.98 25.72
N LEU A 115 26.41 5.60 26.58
CA LEU A 115 25.95 6.54 27.58
C LEU A 115 26.62 7.91 27.50
N ALA A 116 27.95 7.93 27.53
CA ALA A 116 28.69 9.17 27.76
C ALA A 116 29.03 9.75 26.42
N HIS A 117 29.06 11.08 26.37
CA HIS A 117 29.50 11.85 25.23
C HIS A 117 30.76 12.59 25.70
N HIS A 118 31.83 12.52 24.89
CA HIS A 118 33.08 13.24 25.20
C HIS A 118 33.18 14.37 24.20
N ASN A 119 33.76 15.51 24.63
CA ASN A 119 33.88 16.72 23.79
C ASN A 119 32.57 17.22 23.21
N ASP A 120 31.55 17.26 24.05
CA ASP A 120 30.18 17.45 23.59
C ASP A 120 29.82 18.94 23.50
N ILE A 121 30.38 19.59 22.48
CA ILE A 121 30.30 21.03 22.36
C ILE A 121 30.24 21.49 20.91
N ALA A 122 29.36 22.45 20.64
CA ALA A 122 29.21 22.97 19.32
C ALA A 122 28.93 24.46 19.34
N LEU A 123 29.24 25.11 18.21
CA LEU A 123 29.06 26.57 17.95
C LEU A 123 28.26 26.81 16.69
N LEU A 124 27.32 27.75 16.75
CA LEU A 124 26.50 28.17 15.63
C LEU A 124 26.58 29.68 15.39
N LYS A 125 27.01 30.07 14.20
CA LYS A 125 27.07 31.47 13.87
C LYS A 125 25.72 31.81 13.30
N ILE A 126 25.04 32.77 13.93
CA ILE A 126 23.67 33.09 13.60
C ILE A 126 23.57 34.38 12.79
N ARG A 127 22.45 34.55 12.09
CA ARG A 127 22.27 35.61 11.13
C ARG A 127 20.81 35.56 10.69
N SER A 128 20.15 36.71 10.60
CA SER A 128 18.74 36.72 10.20
C SER A 128 18.56 36.89 8.69
N LYS A 129 17.38 36.55 8.18
CA LYS A 129 17.02 36.71 6.76
C LYS A 129 17.46 38.07 6.17
N GLU A 130 17.47 39.09 7.01
CA GLU A 130 17.89 40.44 6.65
C GLU A 130 19.37 40.71 7.03
N GLY A 131 20.17 39.63 7.12
CA GLY A 131 21.60 39.73 7.37
C GLY A 131 22.06 40.37 8.67
N ARG A 132 21.18 40.39 9.69
CA ARG A 132 21.47 41.01 10.99
C ARG A 132 21.92 39.99 12.05
N CYS A 133 22.82 40.40 12.95
CA CYS A 133 23.17 39.61 14.12
C CYS A 133 22.17 39.90 15.23
N ALA A 134 22.34 39.27 16.39
CA ALA A 134 21.39 39.48 17.48
C ALA A 134 21.50 40.88 18.04
N GLN A 135 20.38 41.42 18.50
CA GLN A 135 20.30 42.75 19.12
C GLN A 135 19.72 42.63 20.54
N PRO A 136 20.34 43.31 21.54
CA PRO A 136 19.87 43.23 22.94
C PRO A 136 18.43 43.71 23.17
N SER A 137 17.81 43.15 24.21
CA SER A 137 16.48 43.51 24.66
C SER A 137 16.24 42.94 26.05
N ARG A 138 15.08 43.26 26.63
CA ARG A 138 14.63 42.68 27.88
C ARG A 138 14.65 41.15 27.87
N THR A 139 14.56 40.56 26.66
CA THR A 139 14.38 39.11 26.53
C THR A 139 15.53 38.36 25.84
N ILE A 140 16.49 39.11 25.29
CA ILE A 140 17.67 38.56 24.63
C ILE A 140 18.94 39.19 25.22
N GLN A 141 19.88 38.35 25.66
CA GLN A 141 21.07 38.78 26.41
C GLN A 141 22.16 37.71 26.28
N THR A 142 23.42 38.12 26.11
CA THR A 142 24.56 37.19 26.17
C THR A 142 24.73 36.57 27.56
N ILE A 143 25.54 35.50 27.68
CA ILE A 143 25.97 34.92 28.97
C ILE A 143 27.46 35.06 28.93
N CYS A 144 28.10 35.04 30.09
CA CYS A 144 29.55 35.14 30.14
C CYS A 144 30.19 33.78 30.09
N LEU A 145 31.33 33.72 29.42
CA LEU A 145 32.17 32.55 29.42
C LEU A 145 32.93 32.46 30.72
N PRO A 146 33.36 31.24 31.12
CA PRO A 146 34.32 31.26 32.19
C PRO A 146 35.62 31.77 31.59
N SER A 147 36.59 32.05 32.44
CA SER A 147 37.92 32.40 31.95
C SER A 147 38.80 31.18 32.11
N MET A 148 39.97 31.22 31.48
CA MET A 148 40.88 30.08 31.51
C MET A 148 41.12 29.67 32.97
N TYR A 149 40.65 28.47 33.31
CA TYR A 149 41.10 27.72 34.50
C TYR A 149 40.18 27.77 35.71
N ASN A 150 39.54 28.92 35.92
CA ASN A 150 38.59 29.05 37.04
C ASN A 150 37.19 28.51 36.73
N ASP A 151 36.69 27.70 37.64
CA ASP A 151 35.32 27.20 37.57
C ASP A 151 34.74 27.48 38.92
N PRO A 152 33.40 27.36 39.06
CA PRO A 152 32.82 27.34 40.40
C PRO A 152 33.36 26.12 41.11
N GLN A 153 33.38 26.15 42.44
CA GLN A 153 33.90 25.05 43.23
C GLN A 153 32.69 24.21 43.52
N PHE A 154 32.85 22.94 43.90
CA PHE A 154 31.68 22.06 44.16
C PHE A 154 30.75 22.55 45.28
N GLY A 155 29.51 22.08 45.27
CA GLY A 155 28.45 22.57 46.15
C GLY A 155 27.75 23.85 45.72
N THR A 156 28.38 24.59 44.79
CA THR A 156 27.78 25.77 44.18
C THR A 156 26.45 25.38 43.48
N SER A 157 25.42 26.15 43.78
CA SER A 157 24.09 25.95 43.23
C SER A 157 24.05 26.71 41.92
N CYS A 158 23.64 25.98 40.87
CA CYS A 158 23.62 26.47 39.49
C CYS A 158 22.24 26.25 38.83
N GLU A 159 22.00 27.00 37.77
CA GLU A 159 20.73 26.96 37.05
C GLU A 159 20.86 26.13 35.77
N ILE A 160 19.91 25.25 35.55
CA ILE A 160 19.70 24.57 34.25
C ILE A 160 18.35 24.95 33.69
N THR A 161 18.32 25.36 32.42
CA THR A 161 17.09 25.63 31.65
C THR A 161 16.90 24.83 30.32
N GLY A 162 15.66 24.47 30.05
CA GLY A 162 15.34 23.67 28.88
C GLY A 162 13.87 23.36 28.62
N PHE A 163 13.62 22.88 27.40
CA PHE A 163 12.29 22.39 26.96
C PHE A 163 12.20 20.88 27.02
N GLY A 164 13.07 20.29 27.78
CA GLY A 164 13.16 18.85 27.92
C GLY A 164 11.99 18.20 28.62
N LYS A 165 11.93 16.87 28.50
CA LYS A 165 10.90 16.06 29.15
C LYS A 165 10.78 16.31 30.66
N GLU A 166 9.56 16.20 31.17
CA GLU A 166 9.23 16.49 32.57
C GLU A 166 9.24 15.28 33.43
N ASN A 167 9.20 14.11 32.81
CA ASN A 167 9.36 12.82 33.43
C ASN A 167 9.98 11.97 32.30
N SER A 168 10.91 11.07 32.61
CA SER A 168 11.69 10.41 31.55
C SER A 168 10.89 9.53 30.56
N THR A 169 9.74 9.02 31.02
CA THR A 169 8.87 8.12 30.26
C THR A 169 7.85 8.85 29.35
N ASP A 170 7.68 10.16 29.53
CA ASP A 170 6.81 10.98 28.68
C ASP A 170 7.13 10.84 27.17
N TYR A 171 6.10 10.90 26.32
CA TYR A 171 6.34 11.08 24.89
C TYR A 171 6.14 12.56 24.51
N LEU A 172 5.58 13.31 25.45
CA LEU A 172 5.35 14.73 25.26
C LEU A 172 6.40 15.58 26.01
N TYR A 173 6.67 16.76 25.46
CA TYR A 173 7.53 17.78 26.03
C TYR A 173 6.63 18.93 26.44
N PRO A 174 7.04 19.68 27.50
CA PRO A 174 6.38 20.89 27.97
C PRO A 174 6.35 21.99 26.90
N GLU A 175 5.26 22.76 26.91
CA GLU A 175 5.02 23.86 26.01
C GLU A 175 5.60 25.18 26.55
N GLN A 176 5.86 25.21 27.84
CA GLN A 176 6.46 26.37 28.54
C GLN A 176 7.88 25.95 28.97
N LEU A 177 8.86 26.78 28.67
CA LEU A 177 10.24 26.64 29.18
C LEU A 177 10.28 26.38 30.68
N LYS A 178 11.11 25.42 31.10
CA LYS A 178 11.31 25.10 32.50
C LYS A 178 12.74 25.48 32.89
N MET A 179 12.94 25.63 34.20
CA MET A 179 14.27 25.80 34.78
C MET A 179 14.30 25.16 36.16
N THR A 180 15.50 24.82 36.60
CA THR A 180 15.72 24.36 37.95
C THR A 180 17.12 24.68 38.49
N VAL A 181 17.32 24.36 39.77
CA VAL A 181 18.63 24.52 40.43
C VAL A 181 19.15 23.16 40.81
N VAL A 182 20.44 23.01 40.63
CA VAL A 182 21.08 21.71 40.77
C VAL A 182 22.45 21.99 41.41
N LYS A 183 22.91 21.07 42.25
CA LYS A 183 24.15 21.32 42.97
C LYS A 183 25.34 20.49 42.41
N LEU A 184 26.39 21.22 42.00
CA LEU A 184 27.64 20.66 41.52
C LEU A 184 28.29 19.56 42.42
N ILE A 185 28.51 18.37 41.85
CA ILE A 185 29.15 17.21 42.49
C ILE A 185 30.65 17.17 42.15
N SER A 186 31.47 16.61 43.04
CA SER A 186 32.91 16.55 42.80
C SER A 186 33.23 15.47 41.76
N HIS A 187 34.24 15.73 40.94
CA HIS A 187 34.71 14.76 39.96
C HIS A 187 34.93 13.41 40.63
N ARG A 188 35.48 13.43 41.86
CA ARG A 188 35.82 12.19 42.57
C ARG A 188 34.61 11.41 43.06
N GLU A 189 33.57 12.12 43.51
CA GLU A 189 32.32 11.46 43.91
C GLU A 189 31.56 10.93 42.68
N CYS A 190 31.73 11.60 41.55
CA CYS A 190 31.00 11.18 40.37
C CYS A 190 31.60 9.89 39.82
N GLN A 191 32.88 9.68 40.13
CA GLN A 191 33.61 8.51 39.67
C GLN A 191 33.47 7.30 40.54
N GLN A 192 32.74 7.43 41.66
CA GLN A 192 32.43 6.25 42.49
C GLN A 192 31.64 5.22 41.68
N PRO A 193 31.87 3.91 41.90
CA PRO A 193 31.15 2.87 41.22
C PRO A 193 29.61 3.09 41.16
N HIS A 194 29.00 3.39 42.31
CA HIS A 194 27.54 3.63 42.44
C HIS A 194 27.01 4.79 41.61
N TYR A 195 27.90 5.67 41.18
CA TYR A 195 27.62 6.76 40.31
C TYR A 195 28.03 6.38 38.88
N TYR A 196 28.98 7.11 38.30
CA TYR A 196 29.41 6.86 36.92
C TYR A 196 30.74 6.13 36.70
N GLY A 197 31.57 5.99 37.75
CA GLY A 197 32.90 5.42 37.58
C GLY A 197 33.68 6.26 36.62
N SER A 198 34.43 5.58 35.76
CA SER A 198 35.35 6.24 34.86
C SER A 198 34.65 6.72 33.60
N GLU A 199 33.34 6.49 33.50
CA GLU A 199 32.58 7.09 32.42
C GLU A 199 32.76 8.58 32.41
N VAL A 200 32.79 9.19 33.60
CA VAL A 200 33.00 10.64 33.73
C VAL A 200 34.48 11.08 33.74
N THR A 201 34.78 12.14 33.00
CA THR A 201 36.15 12.58 32.84
C THR A 201 36.28 13.96 33.52
N THR A 202 37.43 14.62 33.40
CA THR A 202 37.68 15.94 34.06
C THR A 202 37.35 17.03 33.09
N LYS A 203 36.93 16.63 31.89
CA LYS A 203 36.31 17.55 30.93
C LYS A 203 34.77 17.60 31.03
N MET A 204 34.23 16.95 32.05
CA MET A 204 32.79 16.98 32.36
C MET A 204 32.64 17.46 33.82
N LEU A 205 31.44 17.93 34.17
CA LEU A 205 31.05 18.29 35.51
C LEU A 205 29.74 17.57 35.78
N CYS A 206 29.65 16.90 36.93
CA CYS A 206 28.36 16.38 37.41
C CYS A 206 27.60 17.44 38.27
N ALA A 207 26.27 17.40 38.20
CA ALA A 207 25.41 18.35 38.93
C ALA A 207 24.06 17.68 39.15
N ALA A 208 23.67 17.59 40.42
CA ALA A 208 22.44 16.93 40.81
C ALA A 208 21.77 17.65 41.96
N ASP A 209 20.67 17.06 42.40
CA ASP A 209 19.94 17.50 43.56
C ASP A 209 20.22 16.47 44.64
N PRO A 210 20.53 16.94 45.87
CA PRO A 210 20.87 16.14 47.09
C PRO A 210 20.38 14.67 47.42
N GLN A 211 19.10 14.24 47.45
CA GLN A 211 17.80 14.86 47.17
C GLN A 211 17.14 14.12 45.97
N TRP A 212 17.78 14.21 44.80
CA TRP A 212 17.42 13.43 43.60
C TRP A 212 15.97 13.64 43.10
N LYS A 213 15.46 14.86 43.23
CA LYS A 213 14.08 15.12 42.80
C LYS A 213 13.96 16.06 41.59
N THR A 214 15.07 16.66 41.20
CA THR A 214 15.10 17.59 40.09
C THR A 214 16.39 17.34 39.28
N ASP A 215 16.34 17.62 37.96
CA ASP A 215 17.37 17.16 36.98
C ASP A 215 17.08 17.61 35.54
N SER A 216 18.09 17.50 34.69
CA SER A 216 17.94 17.65 33.26
C SER A 216 17.45 16.28 32.71
N CYS A 217 16.95 16.29 31.46
CA CYS A 217 16.42 15.07 30.84
C CYS A 217 16.47 15.21 29.34
N GLN A 218 15.97 14.19 28.66
CA GLN A 218 15.82 14.19 27.22
C GLN A 218 15.20 15.46 26.71
N GLY A 219 15.85 16.05 25.72
CA GLY A 219 15.39 17.33 25.19
C GLY A 219 16.12 18.54 25.79
N ASP A 220 16.91 18.33 26.84
CA ASP A 220 17.57 19.47 27.53
C ASP A 220 18.99 19.70 26.97
N SER A 221 19.52 18.69 26.28
CA SER A 221 20.78 18.74 25.56
C SER A 221 21.12 20.09 25.00
N GLY A 222 22.37 20.48 25.22
CA GLY A 222 22.91 21.69 24.67
C GLY A 222 22.64 22.93 25.50
N GLY A 223 21.67 22.85 26.41
CA GLY A 223 21.21 24.03 27.09
C GLY A 223 22.21 24.45 28.17
N PRO A 224 22.00 25.64 28.76
CA PRO A 224 22.84 26.24 29.82
C PRO A 224 22.87 25.52 31.16
N LEU A 225 24.05 25.30 31.71
CA LEU A 225 24.23 25.20 33.17
C LEU A 225 24.92 26.51 33.64
N VAL A 226 24.16 27.36 34.33
CA VAL A 226 24.56 28.73 34.69
C VAL A 226 24.90 28.77 36.18
N CYS A 227 26.07 29.29 36.48
CA CYS A 227 26.49 29.52 37.89
C CYS A 227 26.96 30.98 38.06
N SER A 228 26.79 31.56 39.26
CA SER A 228 27.38 32.90 39.46
C SER A 228 28.78 32.79 40.05
N LEU A 229 29.74 33.27 39.29
CA LEU A 229 31.12 33.39 39.72
C LEU A 229 31.46 34.87 39.90
N GLN A 230 31.92 35.28 41.08
CA GLN A 230 32.62 36.56 41.19
C GLN A 230 31.72 37.68 40.61
N GLY A 231 30.42 37.57 40.89
CA GLY A 231 29.41 38.42 40.30
C GLY A 231 28.77 37.89 39.03
N ARG A 232 29.58 37.67 38.00
CA ARG A 232 29.03 37.39 36.67
C ARG A 232 28.35 36.03 36.54
N MET A 233 27.26 36.03 35.78
CA MET A 233 26.43 34.86 35.56
C MET A 233 27.05 34.19 34.35
N THR A 234 27.53 32.96 34.56
CA THR A 234 28.48 32.41 33.60
C THR A 234 28.15 31.02 33.13
N LEU A 235 28.41 30.82 31.85
CA LEU A 235 28.20 29.53 31.16
C LEU A 235 29.29 28.56 31.56
N THR A 236 29.03 27.86 32.64
CA THR A 236 29.95 26.88 33.21
C THR A 236 29.84 25.47 32.59
N GLY A 237 28.63 25.10 32.12
CA GLY A 237 28.33 23.77 31.61
C GLY A 237 27.28 23.75 30.48
N ILE A 238 27.27 22.67 29.71
CA ILE A 238 26.31 22.50 28.61
C ILE A 238 25.68 21.13 28.82
N VAL A 239 24.36 21.06 28.95
CA VAL A 239 23.69 19.78 29.22
C VAL A 239 24.19 18.78 28.18
N SER A 240 24.52 17.58 28.62
CA SER A 240 25.13 16.60 27.77
C SER A 240 24.54 15.23 27.87
N TRP A 241 24.57 14.61 29.05
CA TRP A 241 24.11 13.23 29.17
C TRP A 241 23.82 12.85 30.61
N GLY A 242 23.21 11.69 30.78
CA GLY A 242 23.04 11.09 32.12
C GLY A 242 22.33 9.75 32.02
N ARG A 243 22.36 8.96 33.08
CA ARG A 243 21.59 7.68 33.12
C ARG A 243 20.20 7.91 33.74
N GLY A 244 19.14 7.75 32.92
CA GLY A 244 17.78 7.99 33.40
C GLY A 244 17.67 9.47 33.70
N CYS A 245 16.62 9.87 34.39
CA CYS A 245 16.41 11.27 34.73
C CYS A 245 15.87 11.34 36.16
N ALA A 246 16.52 12.17 36.99
CA ALA A 246 16.30 12.25 38.43
C ALA A 246 16.40 10.89 39.13
N LEU A 247 17.35 10.05 38.73
CA LEU A 247 17.63 8.84 39.47
C LEU A 247 18.73 9.08 40.57
N LYS A 248 18.75 8.20 41.56
CA LYS A 248 19.62 8.30 42.74
C LYS A 248 21.00 7.84 42.33
N ASP A 249 22.00 8.65 42.67
CA ASP A 249 23.41 8.39 42.35
C ASP A 249 23.69 8.53 40.86
N LYS A 250 22.70 9.02 40.12
CA LYS A 250 22.87 9.24 38.68
C LYS A 250 22.59 10.71 38.34
N PRO A 251 23.58 11.58 38.60
CA PRO A 251 23.37 13.01 38.34
C PRO A 251 23.44 13.28 36.83
N GLY A 252 23.08 14.50 36.42
CA GLY A 252 23.33 15.01 35.08
C GLY A 252 24.80 15.36 34.88
N VAL A 253 25.26 15.26 33.62
CA VAL A 253 26.66 15.43 33.27
C VAL A 253 26.74 16.47 32.21
N TYR A 254 27.64 17.43 32.40
CA TYR A 254 27.70 18.61 31.58
C TYR A 254 29.10 18.74 30.95
N THR A 255 29.17 19.18 29.71
CA THR A 255 30.43 19.62 29.13
C THR A 255 31.02 20.74 30.08
N ARG A 256 32.29 20.62 30.47
CA ARG A 256 32.98 21.72 31.20
C ARG A 256 33.46 22.77 30.23
N VAL A 257 32.73 23.89 30.12
CA VAL A 257 33.01 24.89 29.08
C VAL A 257 34.41 25.52 29.16
N SER A 258 34.99 25.59 30.36
CA SER A 258 36.30 26.24 30.60
C SER A 258 37.41 25.48 29.92
N HIS A 259 37.36 24.16 30.05
CA HIS A 259 38.28 23.27 29.33
C HIS A 259 38.36 23.53 27.81
N PHE A 260 37.46 24.34 27.22
CA PHE A 260 37.32 24.56 25.74
C PHE A 260 37.47 26.00 25.15
N LEU A 261 37.90 26.97 25.96
CA LEU A 261 38.08 28.37 25.46
C LEU A 261 39.09 28.55 24.32
N PRO A 262 40.20 27.78 24.32
CA PRO A 262 41.06 27.80 23.12
C PRO A 262 40.29 27.41 21.87
N TRP A 263 39.52 26.31 21.97
CA TRP A 263 38.61 25.86 20.90
C TRP A 263 37.56 26.91 20.50
N ILE A 264 36.85 27.51 21.47
CA ILE A 264 35.90 28.60 21.15
C ILE A 264 36.61 29.77 20.47
N ARG A 265 37.69 30.25 21.10
CA ARG A 265 38.49 31.36 20.59
C ARG A 265 39.08 31.11 19.21
N SER A 266 39.66 29.91 19.01
CA SER A 266 40.19 29.53 17.70
C SER A 266 39.15 29.49 16.60
N HIS A 267 37.90 29.17 16.93
CA HIS A 267 36.81 29.04 15.93
C HIS A 267 35.85 30.24 15.86
N THR A 268 35.98 31.20 16.79
CA THR A 268 34.98 32.26 16.93
C THR A 268 35.45 33.64 16.46
N LYS A 269 36.76 33.88 16.55
CA LYS A 269 37.29 35.24 16.38
C LYS A 269 37.62 35.67 14.95
N GLU A 270 38.16 34.73 14.19
CA GLU A 270 38.53 34.96 12.78
C GLU A 270 38.54 33.59 12.10
N GLU A 271 39.69 32.93 12.14
CA GLU A 271 39.91 31.59 11.56
C GLU A 271 38.78 30.56 11.88
N ASN A 272 38.11 30.05 10.97
N LEU B 9 -31.49 -11.49 2.30
CA LEU B 9 -30.33 -11.25 1.39
C LEU B 9 -30.06 -12.49 0.56
N LYS B 10 -30.15 -12.36 -0.77
CA LYS B 10 -29.94 -13.50 -1.70
C LYS B 10 -28.96 -13.16 -2.82
N PHE B 11 -28.36 -14.18 -3.39
CA PHE B 11 -27.54 -14.00 -4.55
C PHE B 11 -28.40 -13.71 -5.76
N GLN B 12 -28.01 -12.67 -6.50
CA GLN B 12 -28.71 -12.20 -7.69
C GLN B 12 -27.64 -11.99 -8.75
N CYS B 13 -27.38 -13.05 -9.52
CA CYS B 13 -26.20 -13.12 -10.40
C CYS B 13 -26.01 -11.83 -11.19
N GLY B 14 -24.79 -11.29 -11.20
CA GLY B 14 -24.42 -10.18 -12.10
C GLY B 14 -24.80 -8.79 -11.62
N GLN B 15 -25.54 -8.71 -10.52
CA GLN B 15 -25.95 -7.43 -9.94
C GLN B 15 -24.89 -6.89 -8.93
N LYS B 16 -24.51 -5.64 -9.14
CA LYS B 16 -23.54 -4.99 -8.29
C LYS B 16 -24.08 -3.63 -7.83
N THR B 17 -23.48 -3.13 -6.77
CA THR B 17 -23.84 -1.88 -6.10
C THR B 17 -23.73 -0.69 -7.05
N LEU B 18 -24.58 0.32 -6.85
CA LEU B 18 -24.65 1.48 -7.76
C LEU B 18 -23.40 2.38 -7.65
N ILE B 24 -3.26 -6.91 -15.26
CA ILE B 24 -3.95 -6.04 -16.22
C ILE B 24 -3.02 -4.93 -16.65
N ILE B 25 -2.75 -4.85 -17.96
CA ILE B 25 -1.82 -3.84 -18.51
C ILE B 25 -2.35 -2.40 -18.46
N GLY B 26 -3.55 -2.16 -18.95
CA GLY B 26 -4.08 -0.80 -18.81
C GLY B 26 -5.15 -0.75 -17.73
N GLY B 27 -6.17 0.08 -17.97
CA GLY B 27 -7.33 0.11 -17.10
C GLY B 27 -7.12 0.84 -15.79
N GLU B 28 -7.81 0.38 -14.76
CA GLU B 28 -7.86 1.11 -13.50
C GLU B 28 -7.88 0.17 -12.34
N PHE B 29 -7.33 0.64 -11.23
CA PHE B 29 -7.57 0.04 -9.93
C PHE B 29 -9.03 0.20 -9.54
N THR B 30 -9.62 -0.83 -8.95
CA THR B 30 -10.93 -0.74 -8.28
C THR B 30 -10.99 -1.49 -6.97
N THR B 31 -12.22 -1.69 -6.53
CA THR B 31 -12.59 -2.31 -5.25
C THR B 31 -13.45 -3.54 -5.62
N ILE B 32 -13.53 -4.55 -4.76
CA ILE B 32 -14.32 -5.74 -5.05
C ILE B 32 -15.76 -5.43 -5.32
N GLU B 33 -16.31 -4.38 -4.72
CA GLU B 33 -17.71 -3.97 -4.96
C GLU B 33 -18.02 -3.82 -6.46
N ASN B 34 -17.03 -3.43 -7.25
CA ASN B 34 -17.13 -3.26 -8.69
C ASN B 34 -17.09 -4.56 -9.49
N GLN B 35 -16.72 -5.64 -8.77
CA GLN B 35 -16.65 -7.02 -9.26
C GLN B 35 -16.89 -8.00 -8.15
N PRO B 36 -18.11 -7.97 -7.52
CA PRO B 36 -18.35 -8.76 -6.32
C PRO B 36 -18.28 -10.31 -6.40
N TRP B 37 -18.26 -10.88 -7.62
CA TRP B 37 -18.06 -12.34 -7.84
C TRP B 37 -16.58 -12.74 -7.98
N PHE B 38 -15.68 -11.76 -8.04
CA PHE B 38 -14.26 -12.10 -8.17
C PHE B 38 -13.75 -12.89 -6.93
N ALA B 39 -13.11 -14.03 -7.22
CA ALA B 39 -12.54 -14.92 -6.21
C ALA B 39 -11.03 -14.76 -6.28
N ALA B 40 -10.39 -14.54 -5.14
CA ALA B 40 -8.92 -14.44 -5.09
C ALA B 40 -8.31 -15.80 -4.68
N ILE B 41 -7.47 -16.39 -5.50
CA ILE B 41 -7.02 -17.79 -5.17
C ILE B 41 -5.54 -17.84 -4.82
N TYR B 42 -5.25 -18.41 -3.65
CA TYR B 42 -3.88 -18.49 -3.15
C TYR B 42 -3.52 -19.91 -2.74
N ARG B 43 -2.25 -20.29 -2.99
CA ARG B 43 -1.56 -21.44 -2.33
C ARG B 43 -1.14 -21.09 -0.88
N ARG B 44 -1.54 -21.90 0.10
CA ARG B 44 -1.02 -21.87 1.48
C ARG B 44 0.30 -22.66 1.62
N HIS B 45 1.06 -22.31 2.66
CA HIS B 45 2.31 -22.96 3.01
C HIS B 45 2.38 -23.17 4.54
N ARG B 46 3.37 -23.89 5.05
CA ARG B 46 3.36 -24.17 6.52
C ARG B 46 3.62 -23.02 7.53
N GLY B 47 3.91 -21.82 7.09
CA GLY B 47 3.92 -20.65 8.01
C GLY B 47 2.63 -20.21 8.74
N GLY B 48 1.48 -20.13 8.07
CA GLY B 48 1.40 -20.10 6.63
C GLY B 48 1.43 -18.76 5.90
N SER B 49 2.50 -18.58 5.15
CA SER B 49 2.58 -17.61 4.11
C SER B 49 1.71 -18.07 2.90
N VAL B 50 1.39 -17.13 2.03
CA VAL B 50 0.53 -17.34 0.88
C VAL B 50 1.13 -16.72 -0.35
N THR B 51 0.92 -17.39 -1.47
CA THR B 51 1.37 -16.93 -2.75
C THR B 51 0.12 -16.87 -3.60
N TYR B 52 -0.10 -15.75 -4.28
CA TYR B 52 -1.28 -15.56 -5.09
C TYR B 52 -1.19 -16.50 -6.30
N VAL B 53 -2.14 -17.42 -6.42
CA VAL B 53 -2.13 -18.35 -7.57
C VAL B 53 -2.96 -17.75 -8.72
N CYS B 54 -4.27 -17.61 -8.54
CA CYS B 54 -5.12 -17.27 -9.67
C CYS B 54 -6.35 -16.44 -9.35
N GLY B 55 -6.90 -15.80 -10.38
CA GLY B 55 -8.27 -15.35 -10.38
C GLY B 55 -9.29 -16.48 -10.43
N GLY B 56 -10.54 -16.15 -10.07
CA GLY B 56 -11.70 -17.04 -10.24
C GLY B 56 -12.96 -16.19 -10.27
N SER B 57 -14.12 -16.83 -10.47
CA SER B 57 -15.41 -16.15 -10.37
C SER B 57 -16.37 -17.02 -9.59
N LEU B 58 -17.17 -16.44 -8.70
CA LEU B 58 -18.20 -17.17 -7.95
C LEU B 58 -19.43 -17.50 -8.86
N MET B 59 -19.71 -18.81 -9.05
CA MET B 59 -20.83 -19.38 -9.87
C MET B 59 -22.12 -19.57 -9.13
N SER B 60 -21.97 -19.87 -7.85
CA SER B 60 -23.03 -20.41 -7.01
C SER B 60 -22.44 -20.37 -5.61
N PRO B 61 -23.26 -20.40 -4.56
CA PRO B 61 -22.67 -20.37 -3.21
C PRO B 61 -21.39 -21.20 -2.97
N CYS B 62 -21.28 -22.40 -3.55
CA CYS B 62 -20.19 -23.30 -3.16
C CYS B 62 -19.24 -23.52 -4.30
N TRP B 63 -19.47 -22.80 -5.38
CA TRP B 63 -18.70 -23.02 -6.56
C TRP B 63 -18.07 -21.76 -7.12
N VAL B 64 -16.76 -21.89 -7.35
CA VAL B 64 -15.96 -20.90 -8.00
C VAL B 64 -15.37 -21.60 -9.21
N ILE B 65 -15.31 -20.89 -10.34
CA ILE B 65 -14.76 -21.46 -11.56
C ILE B 65 -13.48 -20.73 -11.86
N SER B 66 -12.47 -21.45 -12.34
CA SER B 66 -11.19 -20.85 -12.71
C SER B 66 -10.63 -21.57 -13.96
N ALA B 67 -9.32 -21.52 -14.16
CA ALA B 67 -8.66 -22.04 -15.32
C ALA B 67 -7.71 -23.15 -14.85
N THR B 68 -7.72 -24.32 -15.52
CA THR B 68 -6.99 -25.49 -15.00
C THR B 68 -5.48 -25.30 -14.85
N HIS B 69 -4.90 -24.47 -15.71
CA HIS B 69 -3.45 -24.24 -15.83
C HIS B 69 -2.84 -23.71 -14.52
N CYS B 70 -3.63 -22.90 -13.79
CA CYS B 70 -3.37 -22.47 -12.41
C CYS B 70 -2.98 -23.62 -11.46
N PHE B 71 -3.30 -24.84 -11.86
CA PHE B 71 -3.21 -25.95 -10.92
C PHE B 71 -2.36 -27.14 -11.35
N ILE B 72 -1.70 -27.05 -12.51
CA ILE B 72 -0.92 -28.18 -13.09
C ILE B 72 0.38 -28.51 -12.31
N ASP B 73 1.08 -27.49 -11.84
CA ASP B 73 2.29 -27.72 -11.06
C ASP B 73 1.98 -28.20 -9.64
N TYR B 74 0.82 -27.83 -9.09
CA TYR B 74 0.43 -28.24 -7.72
C TYR B 74 -0.97 -28.84 -7.63
N PRO B 75 -1.19 -30.00 -8.28
CA PRO B 75 -2.57 -30.48 -8.47
C PRO B 75 -3.15 -31.28 -7.29
N LYS B 76 -3.28 -30.64 -6.12
CA LYS B 76 -3.85 -31.23 -4.90
C LYS B 76 -4.69 -30.17 -4.24
N LYS B 77 -5.89 -30.54 -3.82
CA LYS B 77 -6.84 -29.55 -3.33
C LYS B 77 -6.34 -28.71 -2.14
N GLU B 78 -5.97 -29.33 -1.03
CA GLU B 78 -5.94 -28.50 0.18
C GLU B 78 -4.69 -27.66 0.36
N ASP B 79 -3.96 -27.46 -0.72
CA ASP B 79 -2.89 -26.48 -0.76
C ASP B 79 -3.38 -25.06 -1.07
N TYR B 80 -4.70 -24.90 -1.20
CA TYR B 80 -5.30 -23.66 -1.74
C TYR B 80 -6.24 -22.94 -0.78
N ILE B 81 -6.23 -21.61 -0.86
CA ILE B 81 -7.25 -20.79 -0.20
C ILE B 81 -7.87 -19.89 -1.24
N VAL B 82 -9.17 -19.68 -1.14
CA VAL B 82 -9.80 -18.66 -1.99
C VAL B 82 -10.48 -17.62 -1.12
N TYR B 83 -10.47 -16.38 -1.57
CA TYR B 83 -11.18 -15.34 -0.85
C TYR B 83 -12.35 -14.79 -1.65
N LEU B 84 -13.45 -14.42 -0.99
CA LEU B 84 -14.45 -13.57 -1.63
C LEU B 84 -14.42 -12.23 -0.87
N GLY B 85 -14.78 -11.10 -1.53
CA GLY B 85 -14.84 -9.80 -0.88
C GLY B 85 -13.50 -9.12 -0.55
N ARG B 86 -12.48 -9.43 -1.33
CA ARG B 86 -11.10 -9.00 -1.14
C ARG B 86 -10.59 -8.14 -2.27
N SER B 87 -10.13 -6.95 -1.93
CA SER B 87 -9.66 -5.93 -2.90
C SER B 87 -8.17 -5.75 -2.99
N ARG B 88 -7.43 -6.28 -1.99
CA ARG B 88 -5.98 -6.16 -1.96
C ARG B 88 -5.26 -7.49 -1.83
N LEU B 89 -4.04 -7.51 -2.34
CA LEU B 89 -3.21 -8.70 -2.43
C LEU B 89 -2.59 -9.17 -1.11
N ASN B 90 -2.17 -8.20 -0.30
CA ASN B 90 -1.23 -8.33 0.83
C ASN B 90 -1.87 -8.29 2.20
N SER B 91 -2.85 -7.40 2.35
CA SER B 91 -3.53 -7.12 3.62
C SER B 91 -4.95 -7.58 3.50
N ASN B 92 -5.66 -7.64 4.63
CA ASN B 92 -7.05 -8.05 4.70
C ASN B 92 -8.06 -6.94 4.36
N THR B 93 -9.01 -7.29 3.50
CA THR B 93 -10.13 -6.40 3.24
C THR B 93 -11.21 -6.71 4.23
N GLN B 94 -11.66 -5.71 4.96
CA GLN B 94 -12.79 -5.87 5.87
C GLN B 94 -14.04 -6.41 5.12
N GLY B 95 -14.72 -7.41 5.69
CA GLY B 95 -15.84 -8.09 5.06
C GLY B 95 -15.54 -9.21 4.09
N GLU B 96 -14.26 -9.49 3.87
CA GLU B 96 -13.85 -10.58 3.05
C GLU B 96 -14.20 -11.93 3.69
N MET B 97 -14.17 -12.98 2.86
CA MET B 97 -14.44 -14.32 3.36
C MET B 97 -13.45 -15.28 2.77
N LYS B 98 -12.88 -16.11 3.65
CA LYS B 98 -11.77 -17.01 3.31
C LYS B 98 -12.32 -18.43 3.21
N PHE B 99 -11.88 -19.17 2.20
CA PHE B 99 -12.37 -20.53 1.95
C PHE B 99 -11.25 -21.51 1.64
N GLU B 100 -11.38 -22.73 2.16
CA GLU B 100 -10.60 -23.88 1.62
C GLU B 100 -11.33 -24.62 0.49
N VAL B 101 -10.58 -25.45 -0.23
CA VAL B 101 -11.10 -26.18 -1.37
C VAL B 101 -11.42 -27.65 -1.01
N GLU B 102 -12.71 -27.94 -0.95
CA GLU B 102 -13.24 -29.28 -0.66
C GLU B 102 -13.11 -30.28 -1.80
N ASN B 103 -13.02 -29.76 -3.03
CA ASN B 103 -13.03 -30.52 -4.26
C ASN B 103 -12.36 -29.60 -5.23
N LEU B 104 -11.28 -30.07 -5.83
CA LEU B 104 -10.68 -29.37 -6.95
C LEU B 104 -10.82 -30.23 -8.20
N ILE B 105 -11.52 -29.71 -9.20
CA ILE B 105 -11.77 -30.51 -10.39
C ILE B 105 -11.18 -29.88 -11.64
N LEU B 106 -10.29 -30.61 -12.31
CA LEU B 106 -9.69 -30.14 -13.53
C LEU B 106 -10.45 -30.69 -14.76
N HIS B 107 -10.21 -30.13 -15.94
CA HIS B 107 -10.78 -30.68 -17.17
C HIS B 107 -9.85 -31.68 -17.86
N LYS B 108 -10.37 -32.89 -18.00
CA LYS B 108 -9.71 -34.09 -18.51
C LYS B 108 -9.01 -33.89 -19.84
N ASP B 109 -9.56 -32.99 -20.66
CA ASP B 109 -9.04 -32.79 -22.01
C ASP B 109 -8.17 -31.57 -22.12
N TYR B 110 -7.67 -31.11 -20.97
CA TYR B 110 -6.74 -30.02 -20.93
C TYR B 110 -5.58 -30.34 -21.83
N SER B 111 -5.10 -29.34 -22.56
CA SER B 111 -3.89 -29.46 -23.35
C SER B 111 -3.25 -28.11 -23.45
N ALA B 112 -1.96 -28.12 -23.79
CA ALA B 112 -1.24 -26.90 -24.14
C ALA B 112 -0.10 -27.29 -25.08
N ASP B 113 0.45 -26.32 -25.79
CA ASP B 113 1.78 -26.40 -26.36
C ASP B 113 2.67 -25.29 -25.79
N THR B 114 3.35 -24.57 -26.67
CA THR B 114 4.24 -23.49 -26.27
C THR B 114 3.46 -22.22 -25.87
N LEU B 115 2.31 -22.03 -26.53
CA LEU B 115 1.51 -20.81 -26.41
C LEU B 115 0.06 -21.05 -26.75
N ALA B 116 -0.61 -21.90 -26.00
CA ALA B 116 -2.07 -22.02 -26.14
C ALA B 116 -2.54 -22.94 -25.07
N HIS B 117 -3.76 -22.75 -24.60
CA HIS B 117 -4.30 -23.57 -23.53
C HIS B 117 -5.72 -23.98 -23.91
N HIS B 118 -5.89 -25.27 -24.21
CA HIS B 118 -7.15 -25.83 -24.71
C HIS B 118 -7.86 -26.35 -23.51
N ASN B 119 -9.18 -26.12 -23.45
CA ASN B 119 -10.06 -26.58 -22.36
C ASN B 119 -9.65 -26.04 -20.95
N ASP B 120 -9.04 -24.84 -20.96
CA ASP B 120 -8.45 -24.30 -19.73
C ASP B 120 -9.50 -23.80 -18.76
N ILE B 121 -10.08 -24.71 -18.00
CA ILE B 121 -11.24 -24.47 -17.14
C ILE B 121 -11.18 -25.45 -16.00
N ALA B 122 -11.67 -25.03 -14.83
CA ALA B 122 -11.48 -25.75 -13.56
C ALA B 122 -12.51 -25.26 -12.62
N LEU B 123 -12.93 -26.13 -11.71
CA LEU B 123 -13.94 -25.79 -10.73
C LEU B 123 -13.45 -26.09 -9.34
N LEU B 124 -13.65 -25.12 -8.45
CA LEU B 124 -13.27 -25.32 -7.07
C LEU B 124 -14.54 -25.21 -6.25
N LYS B 125 -14.86 -26.24 -5.49
CA LYS B 125 -15.91 -26.13 -4.50
C LYS B 125 -15.27 -25.60 -3.23
N ILE B 126 -15.98 -24.67 -2.56
CA ILE B 126 -15.45 -23.92 -1.42
C ILE B 126 -16.27 -24.16 -0.16
N ARG B 127 -15.55 -24.30 0.95
CA ARG B 127 -16.13 -24.27 2.26
C ARG B 127 -15.13 -23.54 3.13
N SER B 128 -15.66 -22.66 3.98
CA SER B 128 -14.86 -21.95 4.94
C SER B 128 -14.43 -22.93 6.05
N LYS B 129 -13.59 -22.46 6.98
CA LYS B 129 -13.25 -23.32 8.13
C LYS B 129 -14.51 -23.68 8.92
N GLU B 130 -15.45 -22.75 9.04
CA GLU B 130 -16.73 -22.94 9.76
C GLU B 130 -17.80 -23.70 8.97
N GLY B 131 -17.43 -24.39 7.91
CA GLY B 131 -18.39 -25.24 7.17
C GLY B 131 -19.60 -24.52 6.60
N ARG B 132 -19.37 -23.31 6.09
CA ARG B 132 -20.40 -22.56 5.36
C ARG B 132 -19.94 -22.36 3.92
N CYS B 133 -20.88 -22.03 3.04
CA CYS B 133 -20.52 -21.57 1.69
C CYS B 133 -20.61 -20.03 1.66
N ALA B 134 -20.33 -19.46 0.49
CA ALA B 134 -20.40 -18.00 0.29
C ALA B 134 -21.67 -17.32 0.82
N GLN B 135 -21.54 -16.14 1.42
CA GLN B 135 -22.71 -15.36 1.83
C GLN B 135 -22.90 -14.10 0.98
N PRO B 136 -24.13 -13.85 0.49
CA PRO B 136 -24.43 -12.58 -0.22
C PRO B 136 -24.17 -11.32 0.61
N SER B 137 -23.52 -10.34 -0.02
CA SER B 137 -23.40 -8.97 0.53
C SER B 137 -22.95 -8.05 -0.59
N ARG B 138 -22.77 -6.76 -0.29
CA ARG B 138 -22.32 -5.79 -1.33
C ARG B 138 -20.94 -6.09 -1.91
N THR B 139 -20.12 -6.86 -1.22
CA THR B 139 -18.81 -7.19 -1.76
C THR B 139 -18.72 -8.66 -2.24
N ILE B 140 -19.79 -9.44 -2.05
CA ILE B 140 -19.84 -10.89 -2.44
C ILE B 140 -21.12 -11.28 -3.20
N GLN B 141 -20.95 -11.67 -4.46
CA GLN B 141 -22.04 -11.87 -5.42
C GLN B 141 -21.65 -12.99 -6.37
N THR B 142 -22.64 -13.69 -6.94
CA THR B 142 -22.47 -14.62 -8.07
C THR B 142 -22.53 -13.88 -9.43
N ILE B 143 -21.94 -14.44 -10.48
CA ILE B 143 -22.12 -13.94 -11.88
C ILE B 143 -23.15 -14.86 -12.53
N CYS B 144 -23.61 -14.50 -13.72
CA CYS B 144 -24.46 -15.37 -14.54
C CYS B 144 -23.56 -16.13 -15.51
N LEU B 145 -23.95 -17.37 -15.77
CA LEU B 145 -23.32 -18.18 -16.84
C LEU B 145 -24.13 -18.07 -18.10
N PRO B 146 -23.47 -18.22 -19.26
CA PRO B 146 -24.19 -18.25 -20.54
C PRO B 146 -25.30 -19.32 -20.60
N SER B 147 -26.19 -19.16 -21.58
CA SER B 147 -26.99 -20.28 -22.04
C SER B 147 -26.13 -20.97 -23.09
N MET B 148 -26.44 -22.24 -23.34
CA MET B 148 -25.61 -23.08 -24.20
C MET B 148 -25.76 -22.51 -25.56
N TYR B 149 -24.69 -21.95 -26.09
CA TYR B 149 -24.72 -21.34 -27.42
C TYR B 149 -23.93 -20.05 -27.51
N ASN B 150 -24.36 -19.07 -26.72
CA ASN B 150 -23.94 -17.66 -26.86
C ASN B 150 -23.41 -17.09 -25.56
N ASP B 151 -22.54 -16.09 -25.59
CA ASP B 151 -21.91 -15.43 -26.77
C ASP B 151 -22.57 -14.19 -27.40
N PRO B 152 -22.12 -13.00 -26.95
CA PRO B 152 -22.32 -11.70 -27.54
C PRO B 152 -21.60 -11.53 -28.87
N GLN B 153 -22.16 -10.69 -29.72
CA GLN B 153 -21.65 -10.39 -31.07
C GLN B 153 -20.22 -9.87 -31.00
N PHE B 154 -19.43 -10.14 -32.04
CA PHE B 154 -18.09 -9.56 -32.10
C PHE B 154 -18.21 -8.05 -31.91
N GLY B 155 -17.19 -7.41 -31.36
CA GLY B 155 -17.27 -6.00 -31.03
C GLY B 155 -17.85 -5.64 -29.66
N THR B 156 -18.65 -6.53 -29.06
CA THR B 156 -19.20 -6.29 -27.72
C THR B 156 -18.10 -5.94 -26.71
N SER B 157 -18.34 -4.90 -25.92
CA SER B 157 -17.48 -4.48 -24.81
C SER B 157 -17.71 -5.28 -23.54
N CYS B 158 -16.62 -5.78 -22.98
CA CYS B 158 -16.68 -6.65 -21.81
C CYS B 158 -15.68 -6.14 -20.76
N GLU B 159 -15.82 -6.53 -19.51
CA GLU B 159 -14.76 -6.18 -18.53
C GLU B 159 -13.97 -7.39 -18.08
N ILE B 160 -12.66 -7.21 -17.94
CA ILE B 160 -11.79 -8.22 -17.36
C ILE B 160 -11.22 -7.69 -16.03
N THR B 161 -11.04 -8.56 -15.04
CA THR B 161 -10.50 -8.10 -13.77
C THR B 161 -9.39 -9.04 -13.25
N GLY B 162 -8.43 -8.48 -12.52
CA GLY B 162 -7.38 -9.28 -11.90
C GLY B 162 -6.23 -8.60 -11.16
N PHE B 163 -5.47 -9.44 -10.45
CA PHE B 163 -4.30 -9.06 -9.69
C PHE B 163 -3.02 -9.27 -10.48
N GLY B 164 -3.16 -9.51 -11.78
CA GLY B 164 -2.03 -9.79 -12.62
C GLY B 164 -1.13 -8.61 -12.88
N LYS B 165 0.02 -8.90 -13.49
CA LYS B 165 0.98 -7.91 -13.96
C LYS B 165 0.39 -6.64 -14.57
N GLU B 166 1.10 -5.53 -14.38
CA GLU B 166 0.82 -4.23 -15.00
C GLU B 166 1.71 -4.00 -16.24
N ASN B 167 2.76 -4.83 -16.33
CA ASN B 167 3.75 -4.88 -17.41
C ASN B 167 4.17 -6.34 -17.52
N SER B 168 4.59 -6.82 -18.70
CA SER B 168 5.23 -8.15 -18.70
C SER B 168 6.63 -8.08 -18.09
N THR B 169 7.28 -6.92 -18.19
CA THR B 169 8.61 -6.66 -17.62
C THR B 169 8.63 -6.68 -16.08
N ASP B 170 7.47 -6.45 -15.48
CA ASP B 170 7.27 -6.32 -14.02
C ASP B 170 7.56 -7.58 -13.25
N TYR B 171 8.13 -7.42 -12.05
CA TYR B 171 8.36 -8.56 -11.17
C TYR B 171 7.21 -8.80 -10.18
N LEU B 172 6.68 -7.74 -9.58
CA LEU B 172 5.66 -7.96 -8.57
C LEU B 172 4.25 -7.71 -9.12
N TYR B 173 3.26 -8.32 -8.48
CA TYR B 173 1.86 -8.03 -8.78
C TYR B 173 1.43 -6.70 -8.13
N PRO B 174 0.50 -5.95 -8.76
CA PRO B 174 0.04 -4.75 -8.04
C PRO B 174 -0.65 -5.10 -6.73
N GLU B 175 -0.63 -4.15 -5.81
CA GLU B 175 -1.21 -4.25 -4.49
C GLU B 175 -2.76 -4.32 -4.53
N GLN B 176 -3.35 -3.55 -5.42
CA GLN B 176 -4.79 -3.41 -5.56
C GLN B 176 -5.28 -4.09 -6.84
N LEU B 177 -6.50 -4.65 -6.77
CA LEU B 177 -7.28 -5.17 -7.90
C LEU B 177 -7.44 -4.15 -9.04
N LYS B 178 -7.31 -4.64 -10.28
CA LYS B 178 -7.43 -3.81 -11.50
C LYS B 178 -8.58 -4.36 -12.34
N MET B 179 -9.21 -3.48 -13.12
CA MET B 179 -10.14 -3.87 -14.18
C MET B 179 -9.88 -3.02 -15.40
N THR B 180 -10.19 -3.56 -16.55
CA THR B 180 -10.15 -2.84 -17.80
C THR B 180 -11.31 -3.30 -18.66
N VAL B 181 -11.47 -2.66 -19.81
CA VAL B 181 -12.50 -3.04 -20.76
C VAL B 181 -11.83 -3.48 -22.03
N VAL B 182 -12.41 -4.48 -22.66
CA VAL B 182 -11.80 -5.08 -23.82
C VAL B 182 -12.96 -5.49 -24.79
N LYS B 183 -12.78 -5.34 -26.11
CA LYS B 183 -13.87 -5.74 -27.02
C LYS B 183 -13.65 -7.08 -27.71
N LEU B 184 -14.69 -7.91 -27.64
CA LEU B 184 -14.77 -9.19 -28.35
C LEU B 184 -14.32 -9.16 -29.82
N ILE B 185 -13.67 -10.24 -30.23
CA ILE B 185 -13.04 -10.40 -31.55
C ILE B 185 -13.59 -11.68 -32.18
N SER B 186 -13.96 -11.59 -33.46
CA SER B 186 -14.59 -12.73 -34.13
C SER B 186 -13.64 -13.91 -34.23
N HIS B 187 -14.19 -15.10 -34.14
CA HIS B 187 -13.43 -16.35 -34.24
C HIS B 187 -12.62 -16.41 -35.54
N ARG B 188 -13.23 -15.94 -36.62
CA ARG B 188 -12.58 -15.90 -37.93
C ARG B 188 -11.40 -14.91 -37.99
N GLU B 189 -11.55 -13.74 -37.38
CA GLU B 189 -10.47 -12.77 -37.44
C GLU B 189 -9.32 -13.16 -36.52
N CYS B 190 -9.63 -13.93 -35.47
CA CYS B 190 -8.63 -14.41 -34.52
C CYS B 190 -7.81 -15.63 -35.04
N GLN B 191 -8.05 -16.05 -36.28
CA GLN B 191 -7.19 -17.08 -36.91
C GLN B 191 -6.36 -16.56 -38.09
N GLN B 192 -6.22 -15.24 -38.22
CA GLN B 192 -5.46 -14.60 -39.30
C GLN B 192 -4.07 -15.25 -39.47
N PRO B 193 -3.81 -15.89 -40.64
CA PRO B 193 -2.55 -16.58 -40.98
C PRO B 193 -1.27 -15.73 -40.84
N HIS B 194 -1.46 -14.50 -40.37
CA HIS B 194 -0.41 -13.75 -39.69
C HIS B 194 -1.00 -13.17 -38.41
N TYR B 195 -0.65 -13.80 -37.29
CA TYR B 195 -0.78 -13.26 -35.92
C TYR B 195 -1.36 -14.20 -34.83
N TYR B 196 -2.53 -14.81 -35.01
CA TYR B 196 -2.92 -15.93 -34.11
C TYR B 196 -3.27 -17.30 -34.74
N GLY B 197 -3.45 -17.36 -36.06
CA GLY B 197 -3.65 -18.62 -36.79
C GLY B 197 -4.41 -19.75 -36.11
N SER B 198 -3.85 -20.96 -36.20
CA SER B 198 -4.54 -22.20 -35.83
C SER B 198 -4.53 -22.57 -34.34
N GLU B 199 -3.87 -21.76 -33.52
CA GLU B 199 -3.83 -21.97 -32.07
C GLU B 199 -5.21 -21.87 -31.37
N VAL B 200 -6.07 -20.97 -31.87
CA VAL B 200 -7.39 -20.75 -31.33
C VAL B 200 -8.35 -21.83 -31.80
N THR B 201 -9.16 -22.34 -30.89
CA THR B 201 -10.08 -23.41 -31.23
C THR B 201 -11.52 -22.90 -31.02
N THR B 202 -12.48 -23.80 -31.17
CA THR B 202 -13.87 -23.44 -31.01
C THR B 202 -14.25 -23.27 -29.53
N LYS B 203 -13.34 -23.67 -28.65
CA LYS B 203 -13.58 -23.69 -27.19
C LYS B 203 -13.01 -22.45 -26.52
N MET B 204 -12.42 -21.59 -27.34
CA MET B 204 -11.73 -20.39 -26.93
C MET B 204 -12.48 -19.19 -27.55
N LEU B 205 -12.08 -18.00 -27.15
CA LEU B 205 -12.74 -16.75 -27.51
C LEU B 205 -11.65 -15.71 -27.36
N CYS B 206 -11.54 -14.80 -28.31
CA CYS B 206 -10.53 -13.77 -28.19
C CYS B 206 -11.12 -12.42 -27.88
N ALA B 207 -10.36 -11.61 -27.16
CA ALA B 207 -10.76 -10.25 -26.83
C ALA B 207 -9.54 -9.36 -26.67
N ALA B 208 -9.67 -8.11 -27.10
CA ALA B 208 -8.56 -7.17 -27.06
C ALA B 208 -9.03 -5.74 -27.16
N ASP B 209 -8.09 -4.82 -26.95
CA ASP B 209 -8.31 -3.41 -27.20
C ASP B 209 -7.92 -3.19 -28.65
N PRO B 210 -8.75 -2.43 -29.41
CA PRO B 210 -8.38 -1.99 -30.75
C PRO B 210 -6.99 -1.36 -30.90
N GLN B 211 -6.56 -0.53 -29.95
CA GLN B 211 -5.51 0.43 -30.26
C GLN B 211 -4.32 0.71 -29.31
N TRP B 212 -3.52 -0.26 -28.86
CA TRP B 212 -3.79 -1.67 -28.67
C TRP B 212 -3.33 -1.85 -27.19
N LYS B 213 -3.94 -1.07 -26.30
CA LYS B 213 -3.25 -0.57 -25.09
C LYS B 213 -3.56 -1.21 -23.71
N THR B 214 -4.61 -2.01 -23.64
CA THR B 214 -4.96 -2.70 -22.41
C THR B 214 -5.23 -4.17 -22.72
N ASP B 215 -4.97 -5.06 -21.76
CA ASP B 215 -5.12 -6.50 -21.95
C ASP B 215 -4.91 -7.21 -20.61
N SER B 216 -5.29 -8.48 -20.52
CA SER B 216 -4.91 -9.33 -19.40
C SER B 216 -3.41 -9.71 -19.46
N CYS B 217 -2.86 -10.27 -18.38
CA CYS B 217 -1.43 -10.61 -18.31
C CYS B 217 -1.22 -11.74 -17.33
N GLN B 218 0.04 -12.16 -17.19
CA GLN B 218 0.49 -13.09 -16.14
C GLN B 218 -0.15 -12.68 -14.85
N GLY B 219 -0.74 -13.61 -14.12
CA GLY B 219 -1.44 -13.29 -12.88
C GLY B 219 -2.95 -13.21 -12.96
N ASP B 220 -3.48 -13.01 -14.17
CA ASP B 220 -4.92 -12.78 -14.42
C ASP B 220 -5.72 -14.01 -14.77
N SER B 221 -5.01 -15.09 -15.06
CA SER B 221 -5.59 -16.37 -15.43
C SER B 221 -6.57 -16.78 -14.44
N GLY B 222 -7.62 -17.44 -14.92
CA GLY B 222 -8.74 -17.89 -14.10
C GLY B 222 -9.79 -16.80 -13.89
N GLY B 223 -9.42 -15.54 -14.10
CA GLY B 223 -10.34 -14.41 -13.80
C GLY B 223 -11.47 -14.13 -14.81
N PRO B 224 -12.51 -13.37 -14.39
CA PRO B 224 -13.74 -13.18 -15.21
C PRO B 224 -13.60 -12.28 -16.45
N LEU B 225 -14.23 -12.68 -17.56
CA LEU B 225 -14.53 -11.81 -18.71
C LEU B 225 -16.03 -11.66 -18.71
N VAL B 226 -16.53 -10.46 -18.46
CA VAL B 226 -17.94 -10.25 -18.16
C VAL B 226 -18.49 -9.31 -19.24
N CYS B 227 -19.65 -9.70 -19.80
CA CYS B 227 -20.32 -8.94 -20.85
C CYS B 227 -21.79 -8.93 -20.53
N SER B 228 -22.51 -7.93 -21.03
CA SER B 228 -23.98 -7.98 -20.96
C SER B 228 -24.50 -9.02 -21.96
N LEU B 229 -25.41 -9.88 -21.50
CA LEU B 229 -25.96 -10.91 -22.36
C LEU B 229 -27.39 -11.35 -21.96
N GLN B 230 -28.30 -10.99 -22.86
CA GLN B 230 -29.75 -11.15 -22.70
C GLN B 230 -30.28 -10.60 -21.39
N GLY B 231 -29.94 -9.32 -21.17
CA GLY B 231 -30.41 -8.59 -20.02
C GLY B 231 -29.63 -8.83 -18.73
N ARG B 232 -28.55 -9.63 -18.81
CA ARG B 232 -27.86 -10.10 -17.59
C ARG B 232 -26.35 -10.03 -17.71
N MET B 233 -25.68 -9.65 -16.62
CA MET B 233 -24.22 -9.59 -16.59
C MET B 233 -23.65 -11.00 -16.44
N THR B 234 -22.72 -11.32 -17.33
CA THR B 234 -22.54 -12.71 -17.71
C THR B 234 -21.09 -13.10 -17.95
N LEU B 235 -20.75 -14.26 -17.40
CA LEU B 235 -19.42 -14.86 -17.54
C LEU B 235 -19.21 -15.53 -18.89
N THR B 236 -18.84 -14.73 -19.87
CA THR B 236 -18.66 -15.18 -21.24
C THR B 236 -17.29 -15.87 -21.42
N GLY B 237 -16.30 -15.42 -20.63
CA GLY B 237 -14.96 -15.99 -20.76
C GLY B 237 -14.20 -16.19 -19.46
N ILE B 238 -13.12 -16.98 -19.54
CA ILE B 238 -12.10 -17.04 -18.44
C ILE B 238 -10.64 -16.77 -18.95
N VAL B 239 -9.87 -15.96 -18.24
CA VAL B 239 -8.53 -15.62 -18.73
C VAL B 239 -7.70 -16.92 -18.86
N SER B 240 -6.97 -17.05 -19.98
CA SER B 240 -6.31 -18.31 -20.38
C SER B 240 -4.93 -17.95 -20.87
N TRP B 241 -4.83 -17.29 -22.01
CA TRP B 241 -3.51 -17.07 -22.54
C TRP B 241 -3.39 -15.92 -23.48
N GLY B 242 -2.17 -15.76 -23.95
CA GLY B 242 -1.84 -14.76 -24.93
C GLY B 242 -0.34 -14.78 -25.06
N ARG B 243 0.13 -14.31 -26.22
CA ARG B 243 1.53 -14.06 -26.48
C ARG B 243 1.76 -12.60 -26.22
N GLY B 244 2.72 -12.30 -25.34
CA GLY B 244 2.94 -10.93 -24.89
C GLY B 244 1.87 -10.48 -23.91
N CYS B 245 1.84 -9.17 -23.64
CA CYS B 245 0.69 -8.54 -23.00
C CYS B 245 0.47 -7.22 -23.71
N ALA B 246 -0.73 -7.02 -24.26
CA ALA B 246 -1.07 -5.82 -25.03
C ALA B 246 -0.11 -5.53 -26.19
N LEU B 247 0.18 -6.56 -26.97
CA LEU B 247 0.97 -6.41 -28.21
C LEU B 247 0.03 -6.19 -29.38
N LYS B 248 0.45 -5.41 -30.38
CA LYS B 248 -0.35 -5.21 -31.60
C LYS B 248 -0.63 -6.51 -32.31
N ASP B 249 -1.86 -6.64 -32.82
CA ASP B 249 -2.36 -7.87 -33.45
C ASP B 249 -2.23 -9.15 -32.60
N LYS B 250 -1.93 -9.01 -31.32
CA LYS B 250 -1.87 -10.16 -30.42
C LYS B 250 -2.84 -10.02 -29.22
N PRO B 251 -4.11 -10.46 -29.41
CA PRO B 251 -5.19 -10.43 -28.41
C PRO B 251 -5.02 -11.34 -27.19
N GLY B 252 -5.89 -11.17 -26.18
CA GLY B 252 -5.96 -12.10 -25.07
C GLY B 252 -6.92 -13.19 -25.45
N VAL B 253 -6.82 -14.35 -24.80
CA VAL B 253 -7.65 -15.46 -25.22
C VAL B 253 -8.28 -16.06 -24.00
N TYR B 254 -9.54 -16.49 -24.13
CA TYR B 254 -10.38 -16.82 -23.00
C TYR B 254 -11.06 -18.14 -23.24
N THR B 255 -11.21 -18.94 -22.20
CA THR B 255 -12.10 -20.08 -22.29
C THR B 255 -13.54 -19.61 -22.56
N ARG B 256 -14.09 -20.12 -23.66
CA ARG B 256 -15.47 -19.91 -24.07
C ARG B 256 -16.40 -20.71 -23.20
N VAL B 257 -17.00 -20.05 -22.23
CA VAL B 257 -17.79 -20.73 -21.20
C VAL B 257 -19.12 -21.37 -21.68
N SER B 258 -19.71 -20.81 -22.75
CA SER B 258 -20.98 -21.34 -23.32
C SER B 258 -20.79 -22.67 -24.08
N HIS B 259 -19.54 -23.10 -24.21
CA HIS B 259 -19.18 -24.43 -24.73
C HIS B 259 -18.79 -25.43 -23.66
N PHE B 260 -19.18 -25.17 -22.40
CA PHE B 260 -18.84 -26.03 -21.26
C PHE B 260 -20.01 -26.21 -20.33
N LEU B 261 -21.19 -25.82 -20.80
CA LEU B 261 -22.39 -25.91 -19.98
C LEU B 261 -22.69 -27.34 -19.49
N PRO B 262 -22.60 -28.37 -20.39
CA PRO B 262 -22.72 -29.72 -19.80
C PRO B 262 -21.57 -30.04 -18.83
N TRP B 263 -20.32 -29.78 -19.24
CA TRP B 263 -19.13 -30.00 -18.37
C TRP B 263 -19.30 -29.40 -16.98
N ILE B 264 -19.74 -28.13 -16.91
CA ILE B 264 -20.01 -27.44 -15.64
C ILE B 264 -21.11 -28.13 -14.87
N ARG B 265 -22.22 -28.41 -15.55
CA ARG B 265 -23.43 -29.00 -14.95
C ARG B 265 -23.26 -30.43 -14.41
N SER B 266 -22.58 -31.30 -15.17
CA SER B 266 -22.31 -32.68 -14.73
C SER B 266 -21.45 -32.71 -13.46
N HIS B 267 -20.46 -31.81 -13.39
CA HIS B 267 -19.52 -31.75 -12.27
C HIS B 267 -20.04 -30.99 -11.04
N THR B 268 -21.19 -30.34 -11.17
CA THR B 268 -21.73 -29.49 -10.09
C THR B 268 -22.53 -30.27 -9.03
N LYS B 269 -23.12 -31.39 -9.45
CA LYS B 269 -24.05 -32.15 -8.58
C LYS B 269 -23.34 -33.17 -7.67
N GLU B 270 -22.66 -34.15 -8.29
CA GLU B 270 -21.94 -35.23 -7.60
C GLU B 270 -21.21 -36.17 -8.58
N GLU B 271 -21.66 -36.19 -9.83
CA GLU B 271 -21.05 -37.02 -10.89
C GLU B 271 -20.05 -36.23 -11.77
N ASN B 272 -20.34 -35.88 -12.92
N PHE C 11 -44.37 14.09 -32.21
CA PHE C 11 -44.73 13.95 -30.77
C PHE C 11 -46.18 14.33 -30.50
N GLN C 12 -46.76 13.58 -29.57
CA GLN C 12 -48.10 13.82 -29.10
C GLN C 12 -48.09 13.68 -27.59
N CYS C 13 -48.08 14.82 -26.89
CA CYS C 13 -47.79 14.83 -25.45
C CYS C 13 -48.73 13.96 -24.62
N GLY C 14 -48.17 13.24 -23.65
CA GLY C 14 -48.92 12.31 -22.83
C GLY C 14 -49.50 11.04 -23.45
N GLN C 15 -49.33 10.86 -24.76
CA GLN C 15 -49.99 9.73 -25.46
C GLN C 15 -49.13 8.47 -25.53
N LYS C 16 -49.59 7.41 -24.89
CA LYS C 16 -48.93 6.12 -24.98
C LYS C 16 -49.53 5.33 -26.15
N THR C 17 -48.89 4.21 -26.49
CA THR C 17 -49.29 3.37 -27.62
C THR C 17 -50.16 2.22 -27.14
N LEU C 18 -51.47 2.34 -27.33
CA LEU C 18 -52.40 1.33 -26.86
C LEU C 18 -52.77 0.39 -28.00
N ARG C 19 -52.41 -0.88 -27.83
CA ARG C 19 -52.37 -1.86 -28.93
C ARG C 19 -53.61 -2.73 -29.11
N PRO C 20 -54.33 -2.53 -30.23
CA PRO C 20 -55.53 -3.21 -30.71
C PRO C 20 -55.76 -4.62 -30.19
N ILE C 24 -38.93 2.44 -6.36
CA ILE C 24 -40.34 2.19 -6.13
C ILE C 24 -40.47 0.97 -5.24
N ILE C 25 -41.07 1.14 -4.07
CA ILE C 25 -41.18 0.02 -3.11
C ILE C 25 -41.99 -1.22 -3.64
N GLY C 26 -43.29 -1.00 -3.87
CA GLY C 26 -44.17 -2.04 -4.42
C GLY C 26 -44.42 -1.75 -5.88
N GLY C 27 -45.66 -1.60 -6.27
CA GLY C 27 -45.97 -1.48 -7.69
C GLY C 27 -45.55 -2.69 -8.51
N GLU C 28 -45.15 -2.45 -9.75
CA GLU C 28 -44.95 -3.51 -10.72
C GLU C 28 -43.83 -3.18 -11.67
N PHE C 29 -43.14 -4.22 -12.15
CA PHE C 29 -42.23 -4.06 -13.28
C PHE C 29 -42.99 -3.68 -14.56
N THR C 30 -42.33 -2.92 -15.44
CA THR C 30 -42.95 -2.48 -16.70
C THR C 30 -41.97 -2.30 -17.88
N THR C 31 -42.51 -1.73 -18.94
CA THR C 31 -41.81 -1.46 -20.18
C THR C 31 -41.94 0.05 -20.35
N ILE C 32 -40.99 0.70 -21.06
CA ILE C 32 -41.19 2.12 -21.40
C ILE C 32 -42.36 2.42 -22.31
N GLU C 33 -43.01 1.41 -22.89
CA GLU C 33 -44.29 1.62 -23.61
C GLU C 33 -45.32 2.24 -22.70
N ASN C 34 -45.27 1.84 -21.44
CA ASN C 34 -46.17 2.39 -20.45
C ASN C 34 -45.81 3.78 -19.98
N GLN C 35 -44.52 4.15 -20.08
CA GLN C 35 -44.02 5.47 -19.68
C GLN C 35 -42.99 5.97 -20.70
N PRO C 36 -43.44 6.29 -21.93
CA PRO C 36 -42.53 6.58 -23.05
C PRO C 36 -41.72 7.89 -22.92
N TRP C 37 -42.08 8.70 -21.93
CA TRP C 37 -41.44 9.98 -21.66
C TRP C 37 -40.33 9.83 -20.63
N PHE C 38 -40.26 8.67 -19.97
CA PHE C 38 -39.22 8.44 -18.97
C PHE C 38 -37.81 8.42 -19.57
N ALA C 39 -36.96 9.31 -19.04
CA ALA C 39 -35.53 9.38 -19.36
C ALA C 39 -34.69 8.74 -18.24
N ALA C 40 -33.69 7.98 -18.65
CA ALA C 40 -32.74 7.34 -17.74
C ALA C 40 -31.37 8.06 -17.83
N ILE C 41 -30.97 8.73 -16.75
CA ILE C 41 -29.77 9.59 -16.77
C ILE C 41 -28.58 8.91 -16.06
N TYR C 42 -27.41 8.93 -16.71
CA TYR C 42 -26.23 8.21 -16.24
C TYR C 42 -25.00 9.11 -16.15
N ARG C 43 -24.04 8.74 -15.33
CA ARG C 43 -22.77 9.46 -15.28
C ARG C 43 -21.67 8.64 -15.95
N ARG C 44 -20.93 9.30 -16.83
CA ARG C 44 -19.74 8.71 -17.44
C ARG C 44 -18.60 9.01 -16.48
N HIS C 45 -17.85 7.97 -16.15
CA HIS C 45 -16.71 8.13 -15.25
C HIS C 45 -15.40 8.17 -16.04
N ARG C 46 -14.61 7.11 -15.85
CA ARG C 46 -13.23 7.01 -16.30
C ARG C 46 -12.94 5.55 -16.66
N GLY C 47 -12.72 5.30 -17.95
CA GLY C 47 -12.43 3.96 -18.45
C GLY C 47 -13.58 3.17 -19.07
N GLY C 48 -14.81 3.61 -18.83
CA GLY C 48 -16.01 2.88 -19.31
C GLY C 48 -17.00 2.46 -18.22
N SER C 49 -17.60 3.46 -17.57
CA SER C 49 -18.60 3.26 -16.53
C SER C 49 -19.40 4.55 -16.43
N VAL C 50 -20.74 4.56 -16.57
CA VAL C 50 -21.74 3.45 -16.54
C VAL C 50 -22.83 3.78 -15.49
N THR C 51 -22.46 4.47 -14.40
CA THR C 51 -23.35 4.63 -13.23
C THR C 51 -24.69 5.36 -13.50
N TYR C 52 -25.81 4.81 -12.98
CA TYR C 52 -27.14 5.44 -13.01
C TYR C 52 -27.24 6.56 -12.00
N VAL C 53 -27.78 7.69 -12.44
CA VAL C 53 -27.86 8.89 -11.62
C VAL C 53 -29.28 9.11 -11.09
N CYS C 54 -30.23 9.26 -12.01
CA CYS C 54 -31.56 9.82 -11.72
C CYS C 54 -32.53 9.58 -12.89
N GLY C 55 -33.84 9.62 -12.60
CA GLY C 55 -34.85 9.59 -13.65
C GLY C 55 -35.02 10.99 -14.22
N GLY C 56 -35.75 11.08 -15.33
CA GLY C 56 -36.12 12.34 -15.97
C GLY C 56 -37.33 12.18 -16.87
N SER C 57 -37.76 13.28 -17.49
CA SER C 57 -38.96 13.34 -18.33
C SER C 57 -38.77 14.20 -19.57
N LEU C 58 -38.97 13.57 -20.73
CA LEU C 58 -38.91 14.20 -22.05
C LEU C 58 -40.12 15.09 -22.26
N MET C 59 -39.87 16.38 -22.46
CA MET C 59 -40.93 17.37 -22.57
C MET C 59 -41.01 18.08 -23.92
N SER C 60 -39.96 17.94 -24.71
CA SER C 60 -39.90 18.49 -26.04
C SER C 60 -38.86 17.62 -26.75
N PRO C 61 -38.73 17.73 -28.08
CA PRO C 61 -37.70 16.90 -28.69
C PRO C 61 -36.28 17.04 -28.08
N CYS C 62 -35.90 18.26 -27.70
CA CYS C 62 -34.53 18.53 -27.23
C CYS C 62 -34.34 18.69 -25.69
N TRP C 63 -35.42 18.63 -24.91
CA TRP C 63 -35.35 18.90 -23.45
C TRP C 63 -35.85 17.78 -22.54
N VAL C 64 -34.99 17.39 -21.60
CA VAL C 64 -35.35 16.57 -20.44
C VAL C 64 -35.43 17.44 -19.16
N ILE C 65 -36.49 17.25 -18.40
CA ILE C 65 -36.64 17.88 -17.10
C ILE C 65 -36.39 16.82 -16.03
N SER C 66 -35.68 17.24 -14.98
CA SER C 66 -35.23 16.36 -13.88
C SER C 66 -35.17 17.19 -12.58
N ALA C 67 -34.43 16.70 -11.57
CA ALA C 67 -34.22 17.33 -10.24
C ALA C 67 -32.79 17.90 -10.07
N THR C 68 -32.62 19.14 -9.59
CA THR C 68 -31.23 19.63 -9.42
C THR C 68 -30.37 18.85 -8.40
N HIS C 69 -31.00 18.22 -7.41
CA HIS C 69 -30.22 17.49 -6.40
C HIS C 69 -29.43 16.32 -6.99
N CYS C 70 -29.86 15.82 -8.14
CA CYS C 70 -29.13 14.79 -8.92
C CYS C 70 -27.76 15.20 -9.45
N PHE C 71 -27.58 16.49 -9.73
CA PHE C 71 -26.43 16.98 -10.50
C PHE C 71 -25.47 17.86 -9.69
N ILE C 72 -25.88 18.19 -8.47
CA ILE C 72 -25.24 19.11 -7.54
C ILE C 72 -23.77 18.74 -7.20
N ASP C 73 -23.50 17.45 -7.12
CA ASP C 73 -22.15 16.98 -6.84
C ASP C 73 -21.21 16.83 -8.04
N TYR C 74 -21.77 16.78 -9.24
CA TYR C 74 -21.00 16.70 -10.47
C TYR C 74 -21.70 17.56 -11.52
N PRO C 75 -21.58 18.90 -11.43
CA PRO C 75 -22.36 19.81 -12.25
C PRO C 75 -21.91 19.95 -13.71
N LYS C 76 -21.01 19.09 -14.17
CA LYS C 76 -20.44 19.19 -15.51
C LYS C 76 -21.23 18.40 -16.54
N LYS C 77 -21.79 19.12 -17.51
CA LYS C 77 -22.63 18.52 -18.55
C LYS C 77 -21.98 17.37 -19.34
N GLU C 78 -20.66 17.41 -19.49
CA GLU C 78 -20.00 16.44 -20.37
C GLU C 78 -19.76 15.06 -19.73
N ASP C 79 -20.08 14.90 -18.44
CA ASP C 79 -20.07 13.57 -17.84
C ASP C 79 -21.36 12.76 -18.08
N TYR C 80 -22.45 13.41 -18.49
CA TYR C 80 -23.77 12.75 -18.49
C TYR C 80 -24.18 12.08 -19.79
N ILE C 81 -24.77 10.90 -19.66
CA ILE C 81 -25.43 10.21 -20.76
C ILE C 81 -26.94 10.14 -20.45
N VAL C 82 -27.81 10.56 -21.38
CA VAL C 82 -29.23 10.20 -21.23
C VAL C 82 -29.81 9.22 -22.26
N TYR C 83 -30.58 8.26 -21.78
CA TYR C 83 -31.32 7.33 -22.63
C TYR C 83 -32.81 7.62 -22.66
N LEU C 84 -33.42 7.31 -23.80
CA LEU C 84 -34.87 7.32 -24.01
C LEU C 84 -35.25 5.99 -24.61
N GLY C 85 -36.41 5.46 -24.24
CA GLY C 85 -36.87 4.19 -24.81
C GLY C 85 -36.13 3.04 -24.18
N ARG C 86 -35.74 3.23 -22.93
CA ARG C 86 -34.99 2.21 -22.23
C ARG C 86 -35.74 1.75 -20.98
N SER C 87 -35.97 0.44 -20.90
CA SER C 87 -36.73 -0.13 -19.80
C SER C 87 -35.87 -0.94 -18.83
N ARG C 88 -34.56 -0.97 -19.11
CA ARG C 88 -33.62 -1.77 -18.35
C ARG C 88 -32.48 -0.89 -17.88
N LEU C 89 -32.07 -1.13 -16.63
CA LEU C 89 -31.05 -0.33 -15.95
C LEU C 89 -29.66 -0.41 -16.58
N ASN C 90 -29.19 -1.64 -16.81
CA ASN C 90 -27.82 -1.91 -17.25
C ASN C 90 -27.68 -2.68 -18.57
N SER C 91 -28.74 -2.69 -19.38
CA SER C 91 -28.71 -3.32 -20.69
C SER C 91 -29.63 -2.59 -21.65
N ASN C 92 -29.51 -2.95 -22.93
CA ASN C 92 -30.17 -2.23 -23.99
C ASN C 92 -31.62 -2.62 -24.15
N THR C 93 -32.40 -1.67 -24.65
CA THR C 93 -33.78 -1.93 -25.04
C THR C 93 -33.85 -1.64 -26.51
N GLN C 94 -34.48 -2.54 -27.24
CA GLN C 94 -34.72 -2.40 -28.65
C GLN C 94 -35.46 -1.08 -28.89
N GLY C 95 -34.84 -0.17 -29.63
CA GLY C 95 -35.43 1.13 -29.97
C GLY C 95 -34.87 2.32 -29.18
N GLU C 96 -34.19 2.04 -28.07
CA GLU C 96 -33.61 3.08 -27.17
C GLU C 96 -32.78 4.12 -27.93
N MET C 97 -32.71 5.34 -27.42
CA MET C 97 -31.81 6.33 -28.02
C MET C 97 -30.95 6.97 -26.95
N LYS C 98 -29.64 7.02 -27.22
CA LYS C 98 -28.66 7.61 -26.31
C LYS C 98 -28.42 9.04 -26.71
N PHE C 99 -28.19 9.92 -25.74
CA PHE C 99 -27.97 11.34 -25.98
C PHE C 99 -26.85 11.87 -25.11
N GLU C 100 -26.23 12.96 -25.56
CA GLU C 100 -25.29 13.72 -24.75
C GLU C 100 -26.02 14.95 -24.22
N VAL C 101 -25.41 15.66 -23.27
CA VAL C 101 -26.01 16.87 -22.72
C VAL C 101 -25.28 18.16 -23.16
N GLU C 102 -25.99 18.97 -23.92
CA GLU C 102 -25.43 20.18 -24.53
C GLU C 102 -25.58 21.36 -23.59
N ASN C 103 -26.53 21.26 -22.67
CA ASN C 103 -26.73 22.26 -21.64
C ASN C 103 -27.36 21.61 -20.42
N LEU C 104 -26.67 21.72 -19.29
CA LEU C 104 -27.20 21.32 -17.98
C LEU C 104 -27.53 22.55 -17.11
N ILE C 105 -28.82 22.83 -16.97
CA ILE C 105 -29.22 23.98 -16.17
C ILE C 105 -29.88 23.64 -14.81
N LEU C 106 -29.23 24.09 -13.75
CA LEU C 106 -29.68 23.86 -12.39
C LEU C 106 -30.38 25.09 -11.89
N HIS C 107 -31.28 24.95 -10.94
CA HIS C 107 -32.07 26.08 -10.48
C HIS C 107 -31.30 26.88 -9.46
N LYS C 108 -31.24 28.16 -9.72
CA LYS C 108 -30.42 29.13 -9.01
C LYS C 108 -30.86 29.24 -7.54
N ASP C 109 -32.13 29.03 -7.26
CA ASP C 109 -32.60 29.06 -5.87
C ASP C 109 -32.71 27.68 -5.21
N TYR C 110 -32.07 26.66 -5.79
CA TYR C 110 -32.03 25.34 -5.17
C TYR C 110 -31.45 25.41 -3.76
N SER C 111 -32.19 24.83 -2.81
CA SER C 111 -31.72 24.70 -1.42
C SER C 111 -32.20 23.38 -0.82
N ALA C 112 -31.69 23.05 0.37
CA ALA C 112 -31.96 21.78 1.04
C ALA C 112 -31.55 21.90 2.51
N ASP C 113 -32.16 21.13 3.41
CA ASP C 113 -31.57 20.89 4.71
C ASP C 113 -31.11 19.43 4.77
N THR C 114 -31.33 18.76 5.87
CA THR C 114 -30.97 17.34 5.95
C THR C 114 -32.01 16.39 5.24
N LEU C 115 -33.22 16.91 4.99
CA LEU C 115 -34.32 16.13 4.42
C LEU C 115 -34.92 16.74 3.14
N ALA C 116 -35.52 17.92 3.30
CA ALA C 116 -36.25 18.63 2.26
C ALA C 116 -35.35 19.34 1.27
N HIS C 117 -35.73 19.25 -0.01
CA HIS C 117 -35.12 19.97 -1.09
C HIS C 117 -36.13 21.02 -1.55
N HIS C 118 -35.67 22.25 -1.76
CA HIS C 118 -36.48 23.35 -2.35
C HIS C 118 -35.99 23.65 -3.77
N ASN C 119 -36.88 24.13 -4.62
CA ASN C 119 -36.57 24.39 -6.05
C ASN C 119 -35.80 23.28 -6.77
N ASP C 120 -36.18 22.04 -6.44
CA ASP C 120 -35.47 20.86 -6.91
C ASP C 120 -35.97 20.52 -8.33
N ILE C 121 -35.40 21.25 -9.30
CA ILE C 121 -35.77 21.19 -10.71
C ILE C 121 -34.57 21.55 -11.60
N ALA C 122 -34.34 20.72 -12.62
CA ALA C 122 -33.23 20.92 -13.54
C ALA C 122 -33.70 20.66 -14.97
N LEU C 123 -32.98 21.26 -15.92
CA LEU C 123 -33.19 21.08 -17.36
C LEU C 123 -31.93 20.56 -18.07
N LEU C 124 -32.11 19.52 -18.87
CA LEU C 124 -31.03 18.94 -19.67
C LEU C 124 -31.43 19.05 -21.14
N LYS C 125 -30.57 19.68 -21.93
CA LYS C 125 -30.72 19.77 -23.39
C LYS C 125 -29.97 18.63 -24.03
N ILE C 126 -30.68 17.81 -24.80
CA ILE C 126 -30.13 16.58 -25.35
C ILE C 126 -29.81 16.71 -26.84
N ARG C 127 -28.98 15.79 -27.34
CA ARG C 127 -28.58 15.67 -28.74
C ARG C 127 -27.70 14.43 -28.86
N SER C 128 -27.89 13.65 -29.92
CA SER C 128 -27.12 12.42 -30.12
C SER C 128 -25.78 12.69 -30.80
N LYS C 129 -24.98 11.64 -30.98
CA LYS C 129 -23.69 11.72 -31.69
C LYS C 129 -23.90 12.31 -33.08
N GLU C 130 -24.96 11.84 -33.72
CA GLU C 130 -25.33 12.25 -35.07
C GLU C 130 -26.12 13.56 -35.09
N GLY C 131 -26.09 14.29 -33.97
CA GLY C 131 -26.66 15.64 -33.87
C GLY C 131 -28.18 15.79 -33.87
N ARG C 132 -28.91 14.66 -33.84
CA ARG C 132 -30.38 14.69 -33.80
C ARG C 132 -30.96 14.88 -32.39
N CYS C 133 -32.12 15.52 -32.32
CA CYS C 133 -32.90 15.55 -31.09
C CYS C 133 -33.73 14.29 -31.00
N ALA C 134 -34.54 14.17 -29.95
CA ALA C 134 -35.42 13.01 -29.78
C ALA C 134 -36.46 12.95 -30.89
N GLN C 135 -36.74 11.73 -31.35
CA GLN C 135 -37.77 11.50 -32.35
C GLN C 135 -38.78 10.47 -31.87
N PRO C 136 -40.08 10.71 -32.14
CA PRO C 136 -41.12 9.80 -31.66
C PRO C 136 -41.07 8.34 -32.13
N SER C 137 -41.64 7.46 -31.31
CA SER C 137 -41.85 6.06 -31.63
C SER C 137 -42.85 5.59 -30.58
N ARG C 138 -43.15 4.30 -30.56
CA ARG C 138 -44.04 3.78 -29.54
C ARG C 138 -43.34 3.69 -28.19
N THR C 139 -42.01 3.79 -28.19
CA THR C 139 -41.23 3.75 -26.96
C THR C 139 -40.68 5.13 -26.50
N ILE C 140 -40.86 6.18 -27.31
CA ILE C 140 -40.34 7.54 -27.03
C ILE C 140 -41.36 8.65 -27.35
N GLN C 141 -41.82 9.33 -26.29
CA GLN C 141 -42.91 10.30 -26.38
C GLN C 141 -42.64 11.43 -25.37
N THR C 142 -43.37 12.54 -25.47
CA THR C 142 -43.27 13.62 -24.53
C THR C 142 -44.39 13.47 -23.55
N ILE C 143 -44.22 14.00 -22.33
CA ILE C 143 -45.34 14.23 -21.40
C ILE C 143 -45.75 15.67 -21.56
N CYS C 144 -46.97 15.98 -21.16
CA CYS C 144 -47.49 17.33 -21.22
C CYS C 144 -47.08 18.13 -19.99
N LEU C 145 -46.67 19.38 -20.21
CA LEU C 145 -46.45 20.29 -19.12
C LEU C 145 -47.77 20.75 -18.48
N PRO C 146 -47.76 21.01 -17.17
CA PRO C 146 -48.97 21.55 -16.54
C PRO C 146 -49.30 22.96 -17.04
N SER C 147 -50.50 23.42 -16.75
CA SER C 147 -50.82 24.80 -16.99
C SER C 147 -50.85 25.43 -15.61
N MET C 148 -50.53 26.72 -15.56
CA MET C 148 -50.43 27.52 -14.34
C MET C 148 -51.75 27.55 -13.59
N TYR C 149 -51.70 27.42 -12.24
CA TYR C 149 -52.86 27.57 -11.30
C TYR C 149 -53.94 26.46 -11.24
N ASN C 150 -53.68 25.30 -11.85
CA ASN C 150 -54.65 24.17 -11.87
C ASN C 150 -53.96 22.81 -11.79
N ASP C 151 -53.50 22.43 -10.62
CA ASP C 151 -53.08 21.06 -10.39
C ASP C 151 -54.34 20.27 -10.04
N PRO C 152 -54.30 18.92 -10.17
CA PRO C 152 -55.46 18.16 -9.70
C PRO C 152 -55.69 18.32 -8.20
N GLN C 153 -56.89 17.98 -7.74
CA GLN C 153 -57.22 18.16 -6.34
C GLN C 153 -56.69 16.97 -5.53
N PHE C 154 -56.56 17.15 -4.22
CA PHE C 154 -56.18 16.04 -3.34
C PHE C 154 -57.09 14.80 -3.51
N GLY C 155 -56.49 13.62 -3.43
CA GLY C 155 -57.16 12.33 -3.57
C GLY C 155 -57.03 11.75 -4.98
N THR C 156 -56.49 12.55 -5.90
CA THR C 156 -56.23 12.12 -7.27
C THR C 156 -55.14 11.04 -7.29
N SER C 157 -55.39 10.01 -8.10
CA SER C 157 -54.44 8.95 -8.40
C SER C 157 -53.48 9.39 -9.50
N CYS C 158 -52.20 9.15 -9.29
CA CYS C 158 -51.17 9.58 -10.23
C CYS C 158 -50.15 8.45 -10.32
N GLU C 159 -49.33 8.40 -11.37
CA GLU C 159 -48.37 7.31 -11.49
C GLU C 159 -46.93 7.80 -11.37
N ILE C 160 -46.11 7.04 -10.65
CA ILE C 160 -44.68 7.31 -10.55
C ILE C 160 -43.88 6.16 -11.15
N THR C 161 -42.71 6.47 -11.74
CA THR C 161 -41.85 5.50 -12.39
C THR C 161 -40.36 5.79 -12.13
N GLY C 162 -39.59 4.71 -11.97
CA GLY C 162 -38.15 4.77 -11.96
C GLY C 162 -37.42 3.47 -11.68
N PHE C 163 -36.09 3.55 -11.74
CA PHE C 163 -35.20 2.49 -11.37
C PHE C 163 -34.80 2.49 -9.87
N GLY C 164 -35.51 3.24 -9.04
CA GLY C 164 -35.11 3.39 -7.63
C GLY C 164 -35.26 2.12 -6.82
N LYS C 165 -34.76 2.15 -5.58
CA LYS C 165 -34.77 0.97 -4.72
C LYS C 165 -36.19 0.45 -4.49
N GLU C 166 -36.29 -0.89 -4.35
CA GLU C 166 -37.55 -1.59 -4.07
C GLU C 166 -37.83 -1.78 -2.59
N ASN C 167 -36.80 -1.60 -1.77
CA ASN C 167 -36.86 -1.56 -0.33
C ASN C 167 -35.70 -0.68 0.12
N SER C 168 -35.91 0.13 1.16
CA SER C 168 -34.91 1.14 1.55
C SER C 168 -33.60 0.58 2.11
N THR C 169 -33.61 -0.69 2.54
CA THR C 169 -32.41 -1.33 3.11
C THR C 169 -31.53 -2.01 2.04
N ASP C 170 -32.05 -2.13 0.81
CA ASP C 170 -31.34 -2.69 -0.32
C ASP C 170 -30.11 -1.88 -0.68
N TYR C 171 -29.09 -2.55 -1.17
CA TYR C 171 -27.93 -1.88 -1.80
C TYR C 171 -27.97 -2.06 -3.30
N LEU C 172 -28.93 -2.86 -3.74
CA LEU C 172 -29.16 -3.18 -5.15
C LEU C 172 -30.39 -2.42 -5.67
N TYR C 173 -30.32 -1.97 -6.92
CA TYR C 173 -31.45 -1.38 -7.63
C TYR C 173 -32.06 -2.41 -8.64
N PRO C 174 -33.36 -2.27 -8.96
CA PRO C 174 -33.93 -3.25 -9.92
C PRO C 174 -33.39 -3.15 -11.36
N GLU C 175 -33.18 -4.32 -11.97
CA GLU C 175 -32.78 -4.44 -13.37
C GLU C 175 -33.79 -3.78 -14.29
N GLN C 176 -35.05 -3.85 -13.89
CA GLN C 176 -36.18 -3.48 -14.74
C GLN C 176 -36.98 -2.30 -14.16
N LEU C 177 -37.34 -1.37 -15.03
CA LEU C 177 -38.21 -0.26 -14.73
C LEU C 177 -39.45 -0.69 -13.96
N LYS C 178 -39.91 0.18 -13.04
CA LYS C 178 -41.06 -0.08 -12.21
C LYS C 178 -41.92 1.14 -12.26
N MET C 179 -43.22 0.95 -12.05
CA MET C 179 -44.18 2.01 -11.81
C MET C 179 -45.12 1.62 -10.69
N THR C 180 -45.80 2.64 -10.15
CA THR C 180 -46.85 2.42 -9.18
C THR C 180 -47.86 3.58 -9.16
N VAL C 181 -48.99 3.36 -8.52
CA VAL C 181 -49.97 4.45 -8.35
C VAL C 181 -50.01 4.91 -6.91
N VAL C 182 -50.12 6.22 -6.75
CA VAL C 182 -49.92 6.92 -5.52
C VAL C 182 -50.99 8.01 -5.55
N LYS C 183 -51.54 8.41 -4.40
CA LYS C 183 -52.47 9.58 -4.45
C LYS C 183 -52.01 10.86 -3.80
N LEU C 184 -52.37 11.96 -4.45
CA LEU C 184 -52.14 13.29 -3.93
C LEU C 184 -52.78 13.51 -2.56
N ILE C 185 -51.95 13.98 -1.62
CA ILE C 185 -52.35 14.36 -0.25
C ILE C 185 -52.48 15.91 -0.13
N SER C 186 -53.49 16.39 0.60
CA SER C 186 -53.64 17.84 0.75
C SER C 186 -52.42 18.39 1.48
N HIS C 187 -52.08 19.61 1.08
CA HIS C 187 -50.99 20.33 1.70
C HIS C 187 -51.11 20.42 3.21
N ARG C 188 -52.32 20.69 3.70
CA ARG C 188 -52.60 20.74 5.15
C ARG C 188 -52.54 19.42 5.88
N GLU C 189 -52.94 18.35 5.21
CA GLU C 189 -52.71 17.01 5.78
C GLU C 189 -51.21 16.71 5.92
N CYS C 190 -50.42 17.19 4.95
CA CYS C 190 -48.98 16.88 4.87
C CYS C 190 -48.15 17.75 5.84
N GLN C 191 -48.82 18.77 6.35
CA GLN C 191 -48.19 19.76 7.20
C GLN C 191 -48.62 19.48 8.64
N GLN C 192 -49.28 18.35 8.86
CA GLN C 192 -49.58 17.86 10.20
C GLN C 192 -48.32 17.41 10.96
N PRO C 193 -48.35 17.48 12.31
CA PRO C 193 -47.19 17.14 13.13
C PRO C 193 -46.61 15.79 12.76
N HIS C 194 -47.48 14.81 12.56
CA HIS C 194 -47.05 13.43 12.29
C HIS C 194 -46.56 13.18 10.87
N TYR C 195 -46.82 14.14 9.99
CA TYR C 195 -46.31 14.14 8.63
C TYR C 195 -44.98 14.88 8.54
N TYR C 196 -44.96 16.05 7.88
CA TYR C 196 -43.73 16.82 7.65
C TYR C 196 -43.69 18.22 8.27
N GLY C 197 -44.74 18.54 9.03
CA GLY C 197 -45.03 19.92 9.39
C GLY C 197 -44.61 20.86 8.31
N SER C 198 -43.73 21.78 8.64
CA SER C 198 -43.34 22.85 7.72
C SER C 198 -42.21 22.56 6.75
N GLU C 199 -41.68 21.33 6.75
CA GLU C 199 -40.79 20.89 5.66
C GLU C 199 -41.44 21.01 4.29
N VAL C 200 -42.73 20.65 4.16
CA VAL C 200 -43.43 20.82 2.87
C VAL C 200 -43.87 22.27 2.63
N THR C 201 -43.54 22.82 1.47
CA THR C 201 -44.04 24.14 1.10
C THR C 201 -45.16 24.05 0.04
N THR C 202 -45.65 25.19 -0.45
CA THR C 202 -46.75 25.21 -1.42
C THR C 202 -46.14 25.03 -2.80
N LYS C 203 -44.83 24.91 -2.86
CA LYS C 203 -44.10 24.61 -4.12
C LYS C 203 -43.79 23.11 -4.28
N MET C 204 -44.37 22.30 -3.40
CA MET C 204 -44.20 20.86 -3.39
C MET C 204 -45.59 20.25 -3.23
N LEU C 205 -45.71 18.96 -3.57
CA LEU C 205 -46.92 18.17 -3.36
C LEU C 205 -46.54 16.89 -2.65
N CYS C 206 -47.47 16.35 -1.88
CA CYS C 206 -47.23 15.10 -1.24
C CYS C 206 -48.11 14.07 -1.94
N ALA C 207 -47.55 12.88 -2.14
CA ALA C 207 -48.31 11.75 -2.67
C ALA C 207 -47.89 10.46 -1.98
N ALA C 208 -48.87 9.60 -1.68
CA ALA C 208 -48.63 8.32 -1.05
C ALA C 208 -49.76 7.32 -1.27
N ASP C 209 -49.51 6.10 -0.81
CA ASP C 209 -50.52 5.08 -0.79
C ASP C 209 -51.31 5.25 0.51
N PRO C 210 -52.65 5.22 0.42
CA PRO C 210 -53.55 5.21 1.60
C PRO C 210 -53.16 4.18 2.67
N GLN C 211 -52.69 3.00 2.24
CA GLN C 211 -52.22 1.94 3.15
C GLN C 211 -50.70 1.91 3.43
N TRP C 212 -49.96 2.80 2.77
CA TRP C 212 -48.50 2.96 2.95
C TRP C 212 -47.71 1.71 2.54
N LYS C 213 -48.13 1.06 1.46
CA LYS C 213 -47.42 -0.10 0.95
C LYS C 213 -46.59 0.20 -0.33
N THR C 214 -46.86 1.34 -0.97
CA THR C 214 -46.18 1.69 -2.21
C THR C 214 -45.74 3.17 -2.17
N ASP C 215 -44.62 3.51 -2.82
CA ASP C 215 -43.98 4.83 -2.62
C ASP C 215 -42.78 4.88 -3.56
N SER C 216 -42.27 6.08 -3.80
CA SER C 216 -40.94 6.29 -4.39
C SER C 216 -39.82 6.04 -3.37
N CYS C 217 -38.61 5.79 -3.86
CA CYS C 217 -37.46 5.54 -3.00
C CYS C 217 -36.18 6.16 -3.57
N GLN C 218 -35.08 5.99 -2.84
CA GLN C 218 -33.72 6.29 -3.27
C GLN C 218 -33.53 5.74 -4.68
N GLY C 219 -33.00 6.55 -5.59
CA GLY C 219 -32.82 6.20 -7.01
C GLY C 219 -33.94 6.65 -7.96
N ASP C 220 -35.08 7.04 -7.40
CA ASP C 220 -36.25 7.51 -8.17
C ASP C 220 -36.26 9.03 -8.41
N SER C 221 -35.36 9.76 -7.70
CA SER C 221 -35.21 11.20 -7.90
C SER C 221 -35.23 11.64 -9.34
N GLY C 222 -35.84 12.78 -9.59
CA GLY C 222 -35.95 13.32 -10.93
C GLY C 222 -37.05 12.74 -11.83
N GLY C 223 -37.60 11.60 -11.44
CA GLY C 223 -38.59 10.93 -12.27
C GLY C 223 -39.93 11.64 -12.24
N PRO C 224 -40.91 11.16 -13.06
CA PRO C 224 -42.18 11.85 -13.21
C PRO C 224 -43.28 11.42 -12.24
N LEU C 225 -44.09 12.37 -11.82
CA LEU C 225 -45.39 12.08 -11.22
C LEU C 225 -46.40 12.55 -12.28
N VAL C 226 -47.10 11.57 -12.87
CA VAL C 226 -47.97 11.80 -14.02
C VAL C 226 -49.44 11.76 -13.57
N CYS C 227 -50.17 12.84 -13.84
CA CYS C 227 -51.58 12.84 -13.47
C CYS C 227 -52.40 13.09 -14.73
N SER C 228 -53.54 12.42 -14.84
CA SER C 228 -54.44 12.68 -15.96
C SER C 228 -55.30 13.87 -15.67
N LEU C 229 -55.14 14.91 -16.44
CA LEU C 229 -55.95 16.10 -16.25
C LEU C 229 -56.75 16.36 -17.51
N GLN C 230 -58.07 16.10 -17.44
CA GLN C 230 -58.99 16.26 -18.59
C GLN C 230 -58.44 15.41 -19.76
N GLY C 231 -58.01 14.21 -19.42
CA GLY C 231 -57.43 13.30 -20.39
C GLY C 231 -56.05 13.59 -20.94
N ARG C 232 -55.38 14.62 -20.45
CA ARG C 232 -53.98 14.88 -20.82
C ARG C 232 -53.04 14.34 -19.73
N MET C 233 -52.13 13.45 -20.11
CA MET C 233 -51.17 12.88 -19.16
C MET C 233 -50.07 13.92 -18.87
N THR C 234 -50.09 14.46 -17.67
CA THR C 234 -49.32 15.67 -17.42
C THR C 234 -48.31 15.54 -16.29
N LEU C 235 -47.20 16.26 -16.46
CA LEU C 235 -46.11 16.21 -15.49
C LEU C 235 -46.47 17.12 -14.35
N THR C 236 -47.07 16.53 -13.33
CA THR C 236 -47.58 17.31 -12.21
C THR C 236 -46.47 17.52 -11.19
N GLY C 237 -45.67 16.46 -10.99
CA GLY C 237 -44.55 16.50 -10.10
C GLY C 237 -43.26 15.90 -10.62
N ILE C 238 -42.20 16.08 -9.82
CA ILE C 238 -40.88 15.46 -10.01
C ILE C 238 -40.44 14.90 -8.63
N VAL C 239 -40.08 13.63 -8.58
CA VAL C 239 -39.60 12.95 -7.38
C VAL C 239 -38.44 13.73 -6.81
N SER C 240 -38.61 14.12 -5.54
CA SER C 240 -37.64 14.96 -4.88
C SER C 240 -37.09 14.33 -3.60
N TRP C 241 -37.95 14.05 -2.63
CA TRP C 241 -37.49 13.56 -1.35
C TRP C 241 -38.62 12.95 -0.57
N GLY C 242 -38.27 12.37 0.58
CA GLY C 242 -39.23 11.81 1.52
C GLY C 242 -38.40 11.17 2.62
N ARG C 243 -39.06 10.91 3.77
CA ARG C 243 -38.45 10.28 4.96
C ARG C 243 -38.67 8.79 4.90
N GLY C 244 -37.59 8.03 4.84
CA GLY C 244 -37.69 6.61 4.60
C GLY C 244 -38.41 6.41 3.28
N CYS C 245 -39.07 5.27 3.16
CA CYS C 245 -39.73 4.85 1.92
C CYS C 245 -40.87 3.96 2.35
N ALA C 246 -42.10 4.39 2.05
CA ALA C 246 -43.31 3.61 2.35
C ALA C 246 -43.56 3.51 3.84
N LEU C 247 -43.22 4.58 4.56
CA LEU C 247 -43.48 4.68 5.99
C LEU C 247 -44.78 5.39 6.24
N LYS C 248 -45.52 4.93 7.24
CA LYS C 248 -46.74 5.57 7.70
C LYS C 248 -46.54 7.07 7.96
N ASP C 249 -47.38 7.88 7.32
CA ASP C 249 -47.41 9.34 7.55
C ASP C 249 -46.19 10.05 7.00
N LYS C 250 -45.41 9.34 6.18
CA LYS C 250 -44.22 9.89 5.55
C LYS C 250 -44.29 9.76 4.01
N PRO C 251 -45.15 10.60 3.37
CA PRO C 251 -45.35 10.62 1.93
C PRO C 251 -44.10 10.93 1.11
N GLY C 252 -44.16 10.64 -0.18
CA GLY C 252 -43.24 11.20 -1.15
C GLY C 252 -43.54 12.67 -1.35
N VAL C 253 -42.51 13.45 -1.68
CA VAL C 253 -42.71 14.88 -1.86
C VAL C 253 -42.16 15.15 -3.24
N TYR C 254 -42.84 16.01 -3.97
CA TYR C 254 -42.61 16.18 -5.37
C TYR C 254 -42.49 17.66 -5.66
N THR C 255 -41.53 18.04 -6.49
CA THR C 255 -41.48 19.41 -6.94
C THR C 255 -42.81 19.68 -7.68
N ARG C 256 -43.50 20.76 -7.30
CA ARG C 256 -44.74 21.14 -8.00
C ARG C 256 -44.45 21.87 -9.31
N VAL C 257 -44.63 21.15 -10.43
CA VAL C 257 -44.07 21.62 -11.69
C VAL C 257 -44.74 22.87 -12.23
N SER C 258 -46.04 23.04 -11.91
CA SER C 258 -46.81 24.22 -12.33
C SER C 258 -46.26 25.55 -11.80
N HIS C 259 -45.69 25.58 -10.62
CA HIS C 259 -45.10 26.85 -10.20
C HIS C 259 -43.78 27.27 -10.85
N PHE C 260 -43.21 26.37 -11.67
CA PHE C 260 -41.94 26.62 -12.39
C PHE C 260 -42.07 26.84 -13.90
N LEU C 261 -43.30 27.00 -14.38
CA LEU C 261 -43.55 27.24 -15.82
C LEU C 261 -42.83 28.45 -16.45
N PRO C 262 -42.88 29.64 -15.80
CA PRO C 262 -42.04 30.75 -16.26
C PRO C 262 -40.53 30.43 -16.42
N TRP C 263 -39.93 29.85 -15.37
CA TRP C 263 -38.54 29.34 -15.39
C TRP C 263 -38.28 28.34 -16.53
N ILE C 264 -39.19 27.39 -16.71
CA ILE C 264 -38.99 26.40 -17.75
C ILE C 264 -38.92 27.08 -19.11
N ARG C 265 -39.81 28.05 -19.34
CA ARG C 265 -39.85 28.82 -20.59
C ARG C 265 -38.58 29.65 -20.80
N SER C 266 -38.38 30.64 -19.92
CA SER C 266 -37.16 31.43 -19.82
C SER C 266 -35.91 30.66 -20.27
N HIS C 267 -35.72 29.48 -19.71
CA HIS C 267 -34.52 28.66 -19.92
C HIS C 267 -34.57 27.69 -21.11
N THR C 268 -35.69 27.64 -21.81
CA THR C 268 -35.92 26.60 -22.84
C THR C 268 -36.06 27.09 -24.30
N LYS C 269 -36.15 28.40 -24.47
CA LYS C 269 -36.02 29.00 -25.79
C LYS C 269 -34.68 29.71 -25.79
N GLU C 270 -34.54 30.72 -24.94
CA GLU C 270 -33.32 31.51 -24.86
C GLU C 270 -32.46 31.20 -23.63
N GLU C 271 -31.65 32.19 -23.21
CA GLU C 271 -30.71 32.08 -22.09
C GLU C 271 -31.38 31.84 -20.70
N ASN C 272 -32.11 32.68 -20.16
N LEU D 9 11.35 -30.19 8.17
CA LEU D 9 11.57 -28.70 8.17
C LEU D 9 12.51 -28.24 9.31
N LYS D 10 13.70 -27.81 8.91
CA LYS D 10 14.79 -27.38 9.81
C LYS D 10 15.58 -26.27 9.12
N PHE D 11 16.43 -25.58 9.88
CA PHE D 11 17.20 -24.49 9.33
C PHE D 11 18.39 -25.00 8.55
N GLN D 12 18.61 -24.36 7.40
CA GLN D 12 19.69 -24.65 6.48
C GLN D 12 20.24 -23.29 6.07
N CYS D 13 20.98 -22.70 7.00
CA CYS D 13 21.42 -21.31 6.88
C CYS D 13 21.76 -20.94 5.47
N GLY D 14 21.21 -19.81 5.04
CA GLY D 14 21.62 -19.21 3.78
C GLY D 14 20.88 -19.66 2.55
N GLN D 15 19.92 -20.55 2.75
CA GLN D 15 19.24 -21.18 1.65
C GLN D 15 17.84 -20.68 1.54
N LYS D 16 17.54 -20.17 0.35
CA LYS D 16 16.25 -19.62 0.07
C LYS D 16 15.49 -20.39 -1.04
N THR D 17 14.18 -20.20 -0.99
CA THR D 17 13.19 -20.76 -1.91
C THR D 17 13.42 -20.45 -3.39
N LEU D 18 12.66 -21.13 -4.24
CA LEU D 18 12.74 -20.92 -5.70
C LEU D 18 11.36 -21.04 -6.36
N ILE D 24 16.59 1.76 1.35
CA ILE D 24 17.46 1.36 0.25
C ILE D 24 17.27 2.33 -0.92
N ILE D 25 18.36 2.83 -1.47
CA ILE D 25 18.32 3.73 -2.60
C ILE D 25 18.47 2.87 -3.82
N GLY D 26 17.62 3.08 -4.81
CA GLY D 26 17.60 2.20 -5.98
C GLY D 26 17.19 0.81 -5.56
N GLY D 27 17.82 -0.17 -6.17
CA GLY D 27 17.41 -1.55 -5.99
C GLY D 27 15.97 -1.78 -6.37
N GLU D 28 15.34 -2.75 -5.72
CA GLU D 28 14.02 -3.21 -6.10
C GLU D 28 13.22 -3.53 -4.88
N PHE D 29 11.91 -3.41 -4.99
CA PHE D 29 11.02 -4.00 -4.01
C PHE D 29 11.16 -5.53 -3.99
N THR D 30 10.91 -6.15 -2.83
CA THR D 30 11.02 -7.60 -2.67
C THR D 30 10.02 -8.13 -1.67
N THR D 31 10.08 -9.43 -1.43
CA THR D 31 9.27 -10.12 -0.45
C THR D 31 10.22 -10.87 0.50
N ILE D 32 9.78 -11.25 1.70
CA ILE D 32 10.72 -11.89 2.66
C ILE D 32 11.23 -13.26 2.23
N GLU D 33 10.57 -13.93 1.28
CA GLU D 33 11.03 -15.20 0.67
C GLU D 33 12.36 -14.99 -0.05
N ASN D 34 12.53 -13.82 -0.64
CA ASN D 34 13.81 -13.48 -1.24
C ASN D 34 14.90 -13.12 -0.19
N GLN D 35 14.56 -13.13 1.10
CA GLN D 35 15.48 -12.83 2.24
C GLN D 35 14.98 -13.40 3.56
N PRO D 36 14.77 -14.73 3.61
CA PRO D 36 13.98 -15.29 4.70
C PRO D 36 14.58 -15.09 6.14
N TRP D 37 15.84 -14.68 6.22
CA TRP D 37 16.54 -14.40 7.52
C TRP D 37 16.36 -12.98 8.05
N PHE D 38 15.74 -12.10 7.28
CA PHE D 38 15.47 -10.70 7.70
C PHE D 38 14.56 -10.53 8.90
N ALA D 39 15.02 -9.78 9.91
CA ALA D 39 14.24 -9.50 11.05
C ALA D 39 13.88 -7.99 11.00
N ALA D 40 12.64 -7.69 11.35
CA ALA D 40 12.09 -6.35 11.35
C ALA D 40 11.94 -5.99 12.82
N ILE D 41 12.69 -5.02 13.32
CA ILE D 41 12.66 -4.64 14.76
C ILE D 41 11.89 -3.35 14.93
N TYR D 42 10.92 -3.40 15.83
CA TYR D 42 10.06 -2.29 16.14
C TYR D 42 10.15 -1.91 17.60
N ARG D 43 9.88 -0.63 17.87
CA ARG D 43 9.61 -0.23 19.22
C ARG D 43 8.14 -0.23 19.48
N ARG D 44 7.74 -0.88 20.58
CA ARG D 44 6.35 -0.96 21.04
C ARG D 44 6.05 0.23 21.97
N HIS D 45 4.80 0.71 21.97
CA HIS D 45 4.38 1.87 22.80
C HIS D 45 3.09 1.59 23.54
N ARG D 46 2.85 2.31 24.63
CA ARG D 46 1.58 2.26 25.29
C ARG D 46 0.45 2.58 24.28
N GLY D 47 -0.62 1.81 24.34
CA GLY D 47 -1.67 1.86 23.32
C GLY D 47 -1.54 0.78 22.25
N GLY D 48 -0.31 0.30 22.02
CA GLY D 48 -0.02 -0.75 21.07
C GLY D 48 0.52 -0.36 19.68
N SER D 49 0.78 0.92 19.44
CA SER D 49 1.45 1.31 18.20
C SER D 49 2.91 0.89 18.27
N VAL D 50 3.54 0.83 17.11
CA VAL D 50 4.86 0.26 16.93
C VAL D 50 5.54 1.20 15.99
N THR D 51 6.81 1.51 16.26
CA THR D 51 7.57 2.32 15.33
C THR D 51 8.76 1.46 14.92
N TYR D 52 9.07 1.50 13.64
CA TYR D 52 10.14 0.72 13.11
C TYR D 52 11.47 1.31 13.59
N VAL D 53 12.35 0.44 14.07
CA VAL D 53 13.65 0.86 14.58
C VAL D 53 14.76 0.49 13.62
N CYS D 54 14.95 -0.79 13.40
CA CYS D 54 16.07 -1.31 12.62
C CYS D 54 15.78 -2.66 11.94
N GLY D 55 16.71 -3.11 11.09
CA GLY D 55 16.70 -4.48 10.56
C GLY D 55 17.52 -5.41 11.42
N GLY D 56 17.52 -6.70 11.06
CA GLY D 56 18.29 -7.72 11.76
C GLY D 56 18.48 -8.96 10.89
N SER D 57 19.05 -10.01 11.45
CA SER D 57 19.25 -11.28 10.78
C SER D 57 19.16 -12.39 11.83
N LEU D 58 18.43 -13.45 11.49
CA LEU D 58 18.27 -14.60 12.34
C LEU D 58 19.53 -15.42 12.23
N MET D 59 20.15 -15.75 13.38
CA MET D 59 21.42 -16.52 13.45
C MET D 59 21.22 -17.97 13.80
N SER D 60 20.17 -18.21 14.55
CA SER D 60 19.95 -19.46 15.22
C SER D 60 18.48 -19.36 15.64
N PRO D 61 17.85 -20.50 16.02
CA PRO D 61 16.43 -20.43 16.43
C PRO D 61 16.05 -19.26 17.34
N CYS D 62 16.95 -18.87 18.24
CA CYS D 62 16.58 -17.91 19.29
C CYS D 62 17.37 -16.59 19.27
N TRP D 63 18.20 -16.36 18.26
CA TRP D 63 19.12 -15.22 18.26
C TRP D 63 19.03 -14.50 16.94
N VAL D 64 18.83 -13.18 17.02
CA VAL D 64 18.89 -12.22 15.92
C VAL D 64 20.07 -11.28 16.16
N ILE D 65 20.73 -10.85 15.08
CA ILE D 65 21.89 -10.00 15.22
C ILE D 65 21.63 -8.75 14.42
N SER D 66 22.08 -7.63 14.98
CA SER D 66 21.72 -6.32 14.55
C SER D 66 22.86 -5.37 14.97
N ALA D 67 22.54 -4.09 15.14
CA ALA D 67 23.51 -3.02 15.34
C ALA D 67 23.30 -2.39 16.71
N THR D 68 24.35 -2.03 17.44
CA THR D 68 24.10 -1.52 18.78
C THR D 68 23.55 -0.10 18.71
N HIS D 69 23.81 0.59 17.59
CA HIS D 69 23.31 1.95 17.36
C HIS D 69 21.78 2.03 17.42
N CYS D 70 21.10 0.99 16.96
CA CYS D 70 19.65 0.89 17.04
C CYS D 70 19.03 1.11 18.43
N PHE D 71 19.77 0.78 19.50
CA PHE D 71 19.19 0.63 20.84
C PHE D 71 19.67 1.61 21.88
N ILE D 72 20.75 2.35 21.56
CA ILE D 72 21.37 3.43 22.36
C ILE D 72 20.36 4.27 23.15
N ASP D 73 19.34 4.75 22.47
CA ASP D 73 18.47 5.76 23.03
C ASP D 73 17.35 5.12 23.85
N TYR D 74 17.08 3.83 23.62
CA TYR D 74 16.09 3.12 24.41
C TYR D 74 16.58 1.76 24.78
N PRO D 75 17.55 1.67 25.74
CA PRO D 75 18.22 0.40 26.02
C PRO D 75 17.45 -0.64 26.85
N LYS D 76 16.12 -0.65 26.81
CA LYS D 76 15.37 -1.62 27.60
C LYS D 76 14.80 -2.67 26.65
N LYS D 77 15.09 -3.95 26.90
CA LYS D 77 14.61 -5.07 26.07
C LYS D 77 13.08 -5.12 25.96
N GLU D 78 12.42 -4.63 27.00
CA GLU D 78 10.95 -4.67 27.19
C GLU D 78 10.22 -3.81 26.17
N ASP D 79 10.95 -2.89 25.57
CA ASP D 79 10.39 -1.91 24.62
C ASP D 79 10.24 -2.47 23.18
N TYR D 80 10.84 -3.63 22.90
CA TYR D 80 10.98 -4.05 21.53
C TYR D 80 10.24 -5.31 21.18
N ILE D 81 10.08 -5.49 19.88
CA ILE D 81 9.35 -6.56 19.32
C ILE D 81 10.01 -6.81 18.00
N VAL D 82 10.32 -8.06 17.73
CA VAL D 82 10.88 -8.40 16.45
C VAL D 82 9.92 -9.31 15.65
N TYR D 83 9.85 -9.06 14.33
CA TYR D 83 9.21 -10.02 13.41
C TYR D 83 10.17 -10.79 12.54
N LEU D 84 9.75 -12.03 12.26
CA LEU D 84 10.26 -12.82 11.14
C LEU D 84 9.11 -13.12 10.12
N GLY D 85 9.41 -13.22 8.82
CA GLY D 85 8.40 -13.59 7.81
C GLY D 85 7.54 -12.39 7.47
N ARG D 86 8.15 -11.20 7.49
CA ARG D 86 7.41 -9.96 7.33
C ARG D 86 8.03 -9.13 6.20
N SER D 87 7.20 -8.71 5.25
CA SER D 87 7.75 -7.92 4.14
C SER D 87 7.11 -6.56 3.96
N ARG D 88 6.09 -6.26 4.74
CA ARG D 88 5.54 -4.91 4.74
C ARG D 88 5.67 -4.21 6.11
N LEU D 89 5.72 -2.88 6.10
CA LEU D 89 6.09 -2.13 7.28
C LEU D 89 4.91 -1.94 8.22
N ASN D 90 3.79 -1.51 7.63
CA ASN D 90 2.62 -1.07 8.40
C ASN D 90 1.45 -2.05 8.53
N SER D 91 1.46 -3.16 7.80
CA SER D 91 0.39 -4.15 7.93
C SER D 91 0.99 -5.55 8.10
N ASN D 92 0.14 -6.52 8.45
CA ASN D 92 0.49 -7.93 8.69
C ASN D 92 0.68 -8.80 7.45
N THR D 93 1.81 -9.53 7.45
CA THR D 93 2.16 -10.48 6.40
C THR D 93 1.78 -11.87 6.92
N GLN D 94 0.89 -12.57 6.20
CA GLN D 94 0.49 -13.93 6.68
C GLN D 94 1.67 -14.87 6.77
N GLY D 95 1.81 -15.62 7.86
CA GLY D 95 2.99 -16.46 8.06
C GLY D 95 4.13 -15.80 8.86
N GLU D 96 3.95 -14.54 9.23
CA GLU D 96 4.97 -13.82 9.98
C GLU D 96 4.99 -14.29 11.43
N MET D 97 6.15 -14.21 12.06
CA MET D 97 6.20 -14.56 13.47
C MET D 97 6.77 -13.39 14.28
N LYS D 98 6.07 -13.06 15.37
CA LYS D 98 6.33 -11.92 16.25
C LYS D 98 6.91 -12.38 17.58
N PHE D 99 7.97 -11.72 18.03
CA PHE D 99 8.78 -12.18 19.16
C PHE D 99 9.02 -11.07 20.19
N GLU D 100 8.97 -11.43 21.46
CA GLU D 100 9.52 -10.56 22.52
C GLU D 100 11.03 -10.72 22.55
N VAL D 101 11.73 -9.75 23.16
CA VAL D 101 13.19 -9.79 23.29
C VAL D 101 13.56 -10.15 24.75
N GLU D 102 14.18 -11.31 24.94
CA GLU D 102 14.40 -11.83 26.30
C GLU D 102 15.74 -11.39 26.90
N ASN D 103 16.61 -10.91 26.03
CA ASN D 103 17.94 -10.50 26.36
C ASN D 103 18.36 -9.63 25.21
N LEU D 104 18.74 -8.41 25.54
CA LEU D 104 19.21 -7.43 24.58
C LEU D 104 20.66 -7.13 24.92
N ILE D 105 21.58 -7.73 24.19
CA ILE D 105 22.97 -7.49 24.44
C ILE D 105 23.72 -6.56 23.44
N LEU D 106 24.26 -5.47 23.98
CA LEU D 106 24.97 -4.48 23.18
C LEU D 106 26.48 -4.72 23.31
N HIS D 107 27.28 -4.17 22.42
CA HIS D 107 28.70 -4.35 22.61
C HIS D 107 29.23 -3.33 23.63
N LYS D 108 29.94 -3.85 24.64
CA LYS D 108 30.51 -3.07 25.74
C LYS D 108 31.43 -1.93 25.28
N ASP D 109 32.15 -2.19 24.19
CA ASP D 109 33.12 -1.25 23.61
C ASP D 109 32.60 -0.61 22.34
N TYR D 110 31.30 -0.35 22.32
CA TYR D 110 30.75 0.29 21.18
C TYR D 110 31.24 1.69 21.29
N SER D 111 31.38 2.35 20.15
CA SER D 111 31.77 3.73 20.14
C SER D 111 31.42 4.43 18.82
N ALA D 112 31.22 5.73 18.85
CA ALA D 112 30.85 6.50 17.66
C ALA D 112 31.53 7.88 17.72
N ASP D 113 31.65 8.58 16.59
CA ASP D 113 32.05 9.99 16.62
C ASP D 113 30.92 10.69 15.96
N THR D 114 31.20 11.74 15.20
CA THR D 114 30.17 12.42 14.46
C THR D 114 29.59 11.65 13.26
N LEU D 115 30.25 10.57 12.80
CA LEU D 115 29.85 9.85 11.56
C LEU D 115 29.85 8.34 11.74
N ALA D 116 30.96 7.85 12.25
CA ALA D 116 31.24 6.42 12.30
C ALA D 116 30.75 5.74 13.57
N HIS D 117 30.48 4.42 13.49
CA HIS D 117 30.22 3.56 14.66
C HIS D 117 31.15 2.35 14.58
N HIS D 118 31.71 1.95 15.72
CA HIS D 118 32.69 0.91 15.82
C HIS D 118 32.12 -0.02 16.83
N ASN D 119 32.36 -1.31 16.65
CA ASN D 119 31.69 -2.38 17.38
C ASN D 119 30.15 -2.26 17.40
N ASP D 120 29.60 -1.82 16.25
CA ASP D 120 28.16 -1.62 16.04
C ASP D 120 27.48 -2.97 15.76
N ILE D 121 27.15 -3.65 16.84
CA ILE D 121 26.73 -5.05 16.79
C ILE D 121 25.99 -5.34 18.10
N ALA D 122 24.86 -6.01 17.99
CA ALA D 122 23.96 -6.30 19.13
C ALA D 122 23.36 -7.66 18.91
N LEU D 123 23.00 -8.34 19.98
CA LEU D 123 22.30 -9.61 19.90
C LEU D 123 20.98 -9.50 20.65
N LEU D 124 19.94 -10.07 20.05
CA LEU D 124 18.62 -10.08 20.66
C LEU D 124 18.18 -11.51 20.77
N LYS D 125 17.96 -11.96 21.99
CA LYS D 125 17.46 -13.29 22.24
C LYS D 125 15.94 -13.19 22.10
N ILE D 126 15.36 -14.02 21.24
CA ILE D 126 13.93 -13.94 20.93
C ILE D 126 13.11 -15.11 21.46
N ARG D 127 11.83 -14.84 21.74
CA ARG D 127 10.93 -15.82 22.32
C ARG D 127 9.52 -15.27 22.11
N SER D 128 8.61 -16.08 21.55
CA SER D 128 7.22 -15.66 21.35
C SER D 128 6.41 -15.53 22.67
N LYS D 129 5.19 -14.97 22.59
CA LYS D 129 4.27 -15.02 23.73
C LYS D 129 3.92 -16.48 24.04
N GLU D 130 3.85 -17.29 22.98
CA GLU D 130 3.70 -18.75 23.07
C GLU D 130 4.89 -19.42 23.80
N GLY D 131 5.90 -18.63 24.13
CA GLY D 131 7.10 -19.10 24.78
C GLY D 131 8.03 -19.91 23.90
N ARG D 132 7.95 -19.72 22.59
CA ARG D 132 8.88 -20.43 21.72
C ARG D 132 9.79 -19.53 20.89
N CYS D 133 10.82 -20.16 20.31
CA CYS D 133 11.74 -19.51 19.39
C CYS D 133 11.21 -19.61 17.96
N ALA D 134 11.98 -19.08 17.01
CA ALA D 134 11.70 -19.19 15.58
C ALA D 134 11.66 -20.63 15.08
N GLN D 135 10.88 -20.85 14.03
CA GLN D 135 10.87 -22.13 13.34
C GLN D 135 10.77 -21.99 11.84
N PRO D 136 11.46 -22.86 11.09
CA PRO D 136 11.66 -22.72 9.68
C PRO D 136 10.43 -22.89 8.78
N SER D 137 10.46 -22.16 7.66
CA SER D 137 9.47 -22.21 6.58
C SER D 137 10.10 -21.45 5.45
N ARG D 138 9.37 -21.35 4.35
CA ARG D 138 9.86 -20.68 3.14
C ARG D 138 10.16 -19.19 3.39
N THR D 139 9.56 -18.64 4.43
CA THR D 139 9.78 -17.24 4.80
C THR D 139 10.65 -16.98 6.08
N ILE D 140 11.11 -18.04 6.76
CA ILE D 140 11.91 -18.00 8.01
C ILE D 140 13.11 -19.00 7.95
N GLN D 141 14.32 -18.45 7.99
CA GLN D 141 15.54 -19.17 7.72
C GLN D 141 16.60 -18.40 8.48
N THR D 142 17.76 -19.03 8.73
CA THR D 142 18.93 -18.44 9.36
C THR D 142 19.89 -18.03 8.26
N ILE D 143 20.80 -17.08 8.53
CA ILE D 143 21.97 -16.93 7.63
C ILE D 143 23.20 -17.54 8.30
N CYS D 144 24.22 -17.83 7.50
CA CYS D 144 25.43 -18.50 7.93
C CYS D 144 26.41 -17.42 8.39
N LEU D 145 27.17 -17.73 9.42
CA LEU D 145 28.23 -16.83 9.88
C LEU D 145 29.55 -17.15 9.16
N PRO D 146 30.36 -16.12 8.85
CA PRO D 146 31.69 -16.40 8.32
C PRO D 146 32.55 -17.13 9.35
N SER D 147 33.66 -17.69 8.88
CA SER D 147 34.74 -18.24 9.71
C SER D 147 35.70 -17.10 10.06
N MET D 148 36.45 -17.23 11.17
CA MET D 148 37.28 -16.14 11.69
C MET D 148 38.14 -15.50 10.64
N TYR D 149 37.89 -14.21 10.41
CA TYR D 149 38.66 -13.37 9.46
C TYR D 149 38.48 -13.64 7.97
N ASN D 150 37.66 -14.59 7.55
CA ASN D 150 37.48 -14.63 6.11
C ASN D 150 36.29 -13.85 5.60
N ASP D 151 36.61 -12.93 4.69
CA ASP D 151 35.64 -12.15 3.95
C ASP D 151 35.87 -12.57 2.49
N PRO D 152 34.87 -12.30 1.61
CA PRO D 152 35.10 -12.43 0.17
C PRO D 152 36.15 -11.38 -0.15
N GLN D 153 36.67 -11.34 -1.37
CA GLN D 153 37.65 -10.28 -1.71
C GLN D 153 36.97 -9.07 -2.37
N PHE D 154 37.74 -8.01 -2.66
CA PHE D 154 37.15 -6.83 -3.27
C PHE D 154 36.43 -7.24 -4.55
N GLY D 155 35.34 -6.54 -4.87
CA GLY D 155 34.63 -6.84 -6.10
C GLY D 155 33.49 -7.83 -6.02
N THR D 156 33.50 -8.71 -5.02
CA THR D 156 32.35 -9.61 -4.77
C THR D 156 31.07 -8.78 -4.68
N SER D 157 30.06 -9.18 -5.46
CA SER D 157 28.73 -8.59 -5.38
C SER D 157 28.06 -9.22 -4.16
N CYS D 158 27.37 -8.39 -3.37
CA CYS D 158 26.67 -8.87 -2.18
C CYS D 158 25.30 -8.22 -2.19
N GLU D 159 24.36 -8.75 -1.43
CA GLU D 159 23.07 -8.07 -1.36
C GLU D 159 22.89 -7.34 -0.02
N ILE D 160 22.20 -6.20 -0.06
CA ILE D 160 21.69 -5.53 1.14
C ILE D 160 20.16 -5.46 1.07
N THR D 161 19.49 -5.62 2.21
CA THR D 161 18.01 -5.48 2.30
C THR D 161 17.53 -4.62 3.50
N GLY D 162 16.34 -4.02 3.38
CA GLY D 162 15.76 -3.29 4.51
C GLY D 162 14.53 -2.46 4.19
N PHE D 163 13.95 -1.83 5.21
CA PHE D 163 12.77 -0.91 5.08
C PHE D 163 13.14 0.57 5.08
N GLY D 164 14.42 0.87 4.86
CA GLY D 164 14.90 2.26 4.95
C GLY D 164 14.54 3.17 3.78
N LYS D 165 14.93 4.44 3.90
CA LYS D 165 14.58 5.45 2.89
C LYS D 165 15.05 5.10 1.50
N GLU D 166 14.26 5.47 0.51
CA GLU D 166 14.64 5.26 -0.89
C GLU D 166 15.21 6.54 -1.47
N ASN D 167 15.12 7.61 -0.70
CA ASN D 167 15.72 8.90 -1.02
C ASN D 167 16.12 9.54 0.31
N SER D 168 17.33 10.06 0.37
CA SER D 168 17.85 10.80 1.54
C SER D 168 16.90 11.83 2.16
N THR D 169 16.14 12.54 1.31
CA THR D 169 15.30 13.64 1.75
C THR D 169 13.86 13.25 2.11
N ASP D 170 13.55 11.95 2.02
CA ASP D 170 12.25 11.43 2.36
C ASP D 170 11.98 11.50 3.85
N TYR D 171 10.70 11.64 4.19
CA TYR D 171 10.22 11.61 5.56
C TYR D 171 9.74 10.20 5.93
N LEU D 172 8.98 9.58 5.03
CA LEU D 172 8.39 8.27 5.32
C LEU D 172 9.33 7.16 4.83
N TYR D 173 9.18 5.96 5.37
CA TYR D 173 9.94 4.78 4.90
C TYR D 173 9.01 4.12 3.88
N PRO D 174 9.56 3.33 2.93
CA PRO D 174 8.67 2.52 2.09
C PRO D 174 7.83 1.52 2.86
N GLU D 175 6.66 1.26 2.31
CA GLU D 175 5.73 0.30 2.90
C GLU D 175 6.20 -1.14 2.70
N GLN D 176 7.00 -1.35 1.65
CA GLN D 176 7.46 -2.66 1.17
C GLN D 176 8.95 -2.84 1.33
N LEU D 177 9.34 -4.01 1.80
CA LEU D 177 10.74 -4.36 1.91
C LEU D 177 11.44 -4.16 0.58
N LYS D 178 12.71 -3.70 0.64
CA LYS D 178 13.55 -3.54 -0.56
C LYS D 178 14.91 -4.23 -0.46
N MET D 179 15.53 -4.46 -1.61
CA MET D 179 16.87 -5.02 -1.65
C MET D 179 17.70 -4.48 -2.82
N THR D 180 19.00 -4.42 -2.61
CA THR D 180 19.82 -4.02 -3.70
C THR D 180 21.10 -4.81 -3.76
N VAL D 181 21.93 -4.46 -4.72
CA VAL D 181 23.14 -5.19 -4.95
C VAL D 181 24.33 -4.22 -4.88
N VAL D 182 25.31 -4.55 -4.04
CA VAL D 182 26.52 -3.71 -3.94
C VAL D 182 27.81 -4.52 -4.09
N LYS D 183 28.89 -3.92 -4.50
CA LYS D 183 30.14 -4.64 -4.49
C LYS D 183 31.02 -4.23 -3.32
N LEU D 184 31.72 -5.20 -2.77
CA LEU D 184 32.68 -4.99 -1.73
C LEU D 184 33.79 -4.13 -2.23
N ILE D 185 34.10 -3.14 -1.40
CA ILE D 185 35.25 -2.28 -1.58
C ILE D 185 36.22 -2.80 -0.54
N SER D 186 37.50 -2.60 -0.76
CA SER D 186 38.49 -3.03 0.19
C SER D 186 39.08 -1.78 0.74
N HIS D 187 40.05 -1.91 1.64
CA HIS D 187 39.88 -1.88 3.06
C HIS D 187 40.97 -0.84 2.90
N ARG D 188 41.98 -1.25 2.12
CA ARG D 188 43.00 -0.43 1.45
C ARG D 188 42.46 0.89 0.91
N GLU D 189 41.45 0.78 0.04
CA GLU D 189 40.86 1.89 -0.70
C GLU D 189 39.82 2.64 0.12
N CYS D 190 39.09 1.94 0.98
CA CYS D 190 38.09 2.63 1.82
C CYS D 190 38.73 3.46 2.95
N GLN D 191 39.96 3.12 3.34
CA GLN D 191 40.71 4.00 4.24
C GLN D 191 41.70 4.95 3.54
N GLN D 192 41.41 5.34 2.30
CA GLN D 192 42.03 6.48 1.63
C GLN D 192 41.28 7.72 2.07
N PRO D 193 41.98 8.86 2.31
CA PRO D 193 41.39 10.17 2.63
C PRO D 193 40.10 10.55 1.93
N HIS D 194 40.04 10.39 0.60
CA HIS D 194 38.89 10.84 -0.20
C HIS D 194 37.69 9.88 -0.08
N TYR D 195 37.96 8.72 0.52
CA TYR D 195 36.95 7.82 1.04
C TYR D 195 36.70 8.19 2.50
N TYR D 196 37.12 7.35 3.45
CA TYR D 196 36.81 7.63 4.85
C TYR D 196 38.03 7.94 5.74
N GLY D 197 39.21 7.66 5.21
CA GLY D 197 40.47 7.91 5.91
C GLY D 197 40.56 7.06 7.15
N SER D 198 40.77 7.72 8.28
CA SER D 198 40.92 7.03 9.57
C SER D 198 39.57 6.61 10.17
N GLU D 199 38.45 7.05 9.58
CA GLU D 199 37.11 6.67 10.07
C GLU D 199 36.87 5.16 10.02
N VAL D 200 37.44 4.49 9.03
CA VAL D 200 37.23 3.04 8.88
C VAL D 200 38.28 2.30 9.66
N THR D 201 37.80 1.41 10.54
CA THR D 201 38.65 0.61 11.39
C THR D 201 38.72 -0.80 10.80
N THR D 202 39.49 -1.66 11.45
CA THR D 202 39.59 -3.04 11.00
C THR D 202 38.29 -3.82 11.21
N LYS D 203 37.43 -3.39 12.16
CA LYS D 203 36.15 -4.09 12.37
C LYS D 203 35.05 -3.66 11.39
N MET D 204 35.40 -2.96 10.32
CA MET D 204 34.41 -2.46 9.37
C MET D 204 34.74 -2.92 7.96
N LEU D 205 33.70 -2.98 7.10
CA LEU D 205 33.89 -3.11 5.66
C LEU D 205 33.00 -2.18 4.85
N CYS D 206 33.53 -1.70 3.75
CA CYS D 206 32.78 -0.82 2.88
C CYS D 206 32.29 -1.61 1.68
N ALA D 207 31.03 -1.38 1.33
CA ALA D 207 30.43 -1.88 0.11
C ALA D 207 29.73 -0.72 -0.57
N ALA D 208 29.79 -0.71 -1.90
CA ALA D 208 29.15 0.32 -2.69
C ALA D 208 28.85 -0.13 -4.11
N ASP D 209 27.95 0.60 -4.76
CA ASP D 209 27.63 0.43 -6.17
C ASP D 209 28.76 1.00 -7.03
N PRO D 210 29.34 0.15 -7.91
CA PRO D 210 30.33 0.53 -8.89
C PRO D 210 29.69 0.97 -10.19
N GLN D 211 29.24 2.22 -10.32
CA GLN D 211 29.27 3.26 -9.32
C GLN D 211 28.13 4.20 -9.80
N TRP D 212 27.37 4.97 -9.01
CA TRP D 212 27.27 5.08 -7.53
C TRP D 212 25.79 5.41 -7.27
N LYS D 213 24.88 4.54 -7.71
CA LYS D 213 23.42 4.85 -7.73
C LYS D 213 22.60 4.16 -6.65
N THR D 214 23.06 3.01 -6.18
CA THR D 214 22.33 2.24 -5.16
C THR D 214 23.19 2.07 -3.86
N ASP D 215 22.52 1.96 -2.71
CA ASP D 215 23.18 2.05 -1.39
C ASP D 215 22.17 1.84 -0.26
N SER D 216 22.66 1.50 0.94
CA SER D 216 21.86 1.54 2.14
C SER D 216 21.57 3.01 2.56
N CYS D 217 20.58 3.22 3.40
CA CYS D 217 20.24 4.58 3.81
C CYS D 217 19.73 4.61 5.22
N GLN D 218 19.24 5.77 5.62
CA GLN D 218 18.63 5.96 6.93
C GLN D 218 17.46 5.01 7.09
N GLY D 219 17.41 4.28 8.21
CA GLY D 219 16.43 3.23 8.42
C GLY D 219 16.86 1.82 7.99
N ASP D 220 17.97 1.70 7.31
CA ASP D 220 18.51 0.34 6.98
C ASP D 220 19.43 -0.27 8.03
N SER D 221 19.78 0.53 9.03
CA SER D 221 20.76 0.14 10.04
C SER D 221 20.45 -1.23 10.65
N GLY D 222 21.45 -2.05 10.91
CA GLY D 222 21.19 -3.34 11.55
C GLY D 222 20.91 -4.51 10.58
N GLY D 223 20.67 -4.23 9.31
CA GLY D 223 20.18 -5.25 8.42
C GLY D 223 21.33 -5.97 7.77
N PRO D 224 21.05 -6.99 6.94
CA PRO D 224 22.08 -7.91 6.38
C PRO D 224 22.90 -7.45 5.15
N LEU D 225 24.19 -7.80 5.16
CA LEU D 225 25.05 -7.71 3.96
C LEU D 225 25.49 -9.16 3.66
N VAL D 226 24.89 -9.71 2.60
CA VAL D 226 24.93 -11.15 2.33
C VAL D 226 25.74 -11.41 1.07
N CYS D 227 26.74 -12.28 1.21
CA CYS D 227 27.63 -12.67 0.11
C CYS D 227 27.87 -14.18 0.08
N SER D 228 28.21 -14.67 -1.10
CA SER D 228 28.67 -16.07 -1.21
C SER D 228 30.10 -16.18 -0.72
N LEU D 229 30.33 -17.13 0.18
CA LEU D 229 31.65 -17.39 0.72
C LEU D 229 31.77 -18.83 1.07
N GLN D 230 32.80 -19.50 0.53
CA GLN D 230 32.99 -20.95 0.73
C GLN D 230 31.75 -21.73 0.36
N GLY D 231 31.01 -21.23 -0.63
CA GLY D 231 29.73 -21.81 -1.08
C GLY D 231 28.60 -21.80 -0.07
N ARG D 232 28.56 -20.77 0.78
CA ARG D 232 27.39 -20.49 1.63
C ARG D 232 26.91 -19.05 1.46
N MET D 233 25.61 -18.81 1.59
CA MET D 233 25.09 -17.45 1.74
C MET D 233 25.37 -16.97 3.16
N THR D 234 26.24 -15.99 3.26
CA THR D 234 26.86 -15.74 4.54
C THR D 234 26.68 -14.28 4.94
N LEU D 235 26.50 -14.06 6.24
CA LEU D 235 26.37 -12.70 6.76
C LEU D 235 27.74 -12.06 6.83
N THR D 236 28.04 -11.19 5.88
CA THR D 236 29.36 -10.61 5.80
C THR D 236 29.46 -9.26 6.54
N GLY D 237 28.35 -8.58 6.65
CA GLY D 237 28.32 -7.28 7.29
C GLY D 237 26.93 -7.01 7.81
N ILE D 238 26.88 -6.02 8.71
CA ILE D 238 25.66 -5.49 9.29
C ILE D 238 25.58 -4.00 8.91
N VAL D 239 24.49 -3.54 8.33
CA VAL D 239 24.39 -2.11 8.02
C VAL D 239 24.72 -1.20 9.25
N SER D 240 25.73 -0.34 9.13
CA SER D 240 26.18 0.51 10.26
C SER D 240 26.06 1.99 9.93
N TRP D 241 26.79 2.46 8.92
CA TRP D 241 26.88 3.87 8.67
C TRP D 241 27.38 4.27 7.29
N GLY D 242 27.17 5.53 6.95
CA GLY D 242 27.78 6.15 5.80
C GLY D 242 27.50 7.63 5.75
N ARG D 243 28.30 8.33 4.97
CA ARG D 243 28.17 9.74 4.66
C ARG D 243 27.10 9.91 3.57
N GLY D 244 26.01 10.62 3.87
CA GLY D 244 24.89 10.69 2.97
C GLY D 244 24.31 9.35 2.55
N CYS D 245 23.71 9.32 1.36
CA CYS D 245 23.15 8.08 0.80
C CYS D 245 23.36 8.16 -0.72
N ALA D 246 24.04 7.14 -1.26
CA ALA D 246 24.35 7.03 -2.68
C ALA D 246 25.14 8.21 -3.24
N LEU D 247 26.12 8.69 -2.45
CA LEU D 247 26.97 9.78 -2.92
C LEU D 247 28.27 9.24 -3.48
N LYS D 248 28.80 9.91 -4.50
CA LYS D 248 30.06 9.54 -5.12
C LYS D 248 31.17 9.49 -4.07
N ASP D 249 31.87 8.36 -4.00
CA ASP D 249 33.02 8.18 -3.12
C ASP D 249 32.67 8.08 -1.63
N LYS D 250 31.39 7.83 -1.33
CA LYS D 250 30.93 7.67 0.05
C LYS D 250 30.10 6.39 0.13
N PRO D 251 30.78 5.25 0.25
CA PRO D 251 30.10 3.98 0.30
C PRO D 251 29.42 3.78 1.64
N GLY D 252 28.64 2.71 1.72
CA GLY D 252 28.05 2.31 2.98
C GLY D 252 29.11 1.57 3.73
N VAL D 253 29.04 1.58 5.07
CA VAL D 253 29.98 0.87 5.89
C VAL D 253 29.20 -0.10 6.75
N TYR D 254 29.86 -1.21 7.06
CA TYR D 254 29.23 -2.39 7.61
C TYR D 254 30.14 -2.87 8.69
N THR D 255 29.55 -3.33 9.79
CA THR D 255 30.24 -4.10 10.84
C THR D 255 30.74 -5.45 10.26
N ARG D 256 32.05 -5.65 10.32
CA ARG D 256 32.71 -6.79 9.71
C ARG D 256 32.53 -7.99 10.59
N VAL D 257 31.56 -8.82 10.23
CA VAL D 257 31.07 -9.92 11.05
C VAL D 257 32.17 -10.97 11.31
N SER D 258 33.09 -11.14 10.37
CA SER D 258 34.19 -12.09 10.54
C SER D 258 35.18 -11.69 11.66
N HIS D 259 35.13 -10.42 12.06
CA HIS D 259 36.03 -9.97 13.13
C HIS D 259 35.31 -10.00 14.49
N PHE D 260 34.22 -10.78 14.59
CA PHE D 260 33.33 -10.80 15.80
C PHE D 260 32.89 -12.15 16.34
N LEU D 261 33.55 -13.21 15.91
CA LEU D 261 33.06 -14.55 16.21
C LEU D 261 33.15 -14.95 17.69
N PRO D 262 34.33 -14.73 18.35
CA PRO D 262 34.34 -15.07 19.80
C PRO D 262 33.24 -14.38 20.59
N TRP D 263 32.96 -13.12 20.25
CA TRP D 263 31.91 -12.35 20.89
C TRP D 263 30.51 -12.95 20.65
N ILE D 264 30.23 -13.35 19.44
CA ILE D 264 28.93 -13.94 19.15
C ILE D 264 28.77 -15.23 19.96
N ARG D 265 29.76 -16.14 19.85
CA ARG D 265 29.81 -17.39 20.64
C ARG D 265 29.66 -17.20 22.16
N SER D 266 30.50 -16.38 22.77
CA SER D 266 30.40 -16.17 24.22
C SER D 266 29.10 -15.54 24.67
N HIS D 267 28.45 -14.75 23.81
CA HIS D 267 27.22 -14.08 24.25
C HIS D 267 25.95 -14.81 23.87
N THR D 268 26.11 -16.00 23.32
CA THR D 268 25.04 -16.75 22.71
C THR D 268 24.64 -18.01 23.53
N LYS D 269 25.60 -18.87 23.88
CA LYS D 269 25.25 -20.07 24.67
C LYS D 269 25.06 -19.79 26.17
N GLU D 270 25.59 -18.65 26.66
CA GLU D 270 25.65 -18.40 28.12
C GLU D 270 25.75 -16.92 28.58
N GLU D 271 26.75 -16.20 28.06
CA GLU D 271 27.17 -14.93 28.69
C GLU D 271 26.79 -13.69 27.88
N ASN D 272 27.51 -12.68 27.86
N LEU E 9 -1.29 8.99 32.20
CA LEU E 9 -1.53 9.60 30.84
C LEU E 9 -2.86 10.31 30.81
N LYS E 10 -2.83 11.62 30.58
CA LYS E 10 -4.04 12.41 30.37
C LYS E 10 -4.00 12.97 28.94
N PHE E 11 -5.15 13.50 28.49
CA PHE E 11 -5.21 14.30 27.29
C PHE E 11 -4.66 15.69 27.58
N GLN E 12 -3.90 16.18 26.61
CA GLN E 12 -3.27 17.48 26.69
C GLN E 12 -3.46 18.07 25.29
N CYS E 13 -4.60 18.70 25.08
CA CYS E 13 -5.09 18.98 23.76
C CYS E 13 -4.01 19.62 22.91
N GLY E 14 -3.96 19.27 21.63
CA GLY E 14 -3.18 20.01 20.67
C GLY E 14 -1.72 19.62 20.55
N GLN E 15 -1.26 18.77 21.47
CA GLN E 15 0.15 18.46 21.70
C GLN E 15 0.50 17.11 21.11
N LYS E 16 1.54 17.14 20.28
CA LYS E 16 2.04 15.99 19.61
C LYS E 16 3.42 15.61 20.07
N THR E 17 3.73 14.38 19.70
CA THR E 17 5.04 13.75 19.72
C THR E 17 6.07 14.54 18.94
N LEU E 18 7.34 14.33 19.27
CA LEU E 18 8.47 15.03 18.63
C LEU E 18 9.60 14.05 18.22
N ILE E 24 -6.83 15.82 -0.05
CA ILE E 24 -5.70 16.73 -0.03
C ILE E 24 -4.96 16.71 -1.37
N ILE E 25 -5.04 17.86 -2.05
CA ILE E 25 -4.37 18.04 -3.30
C ILE E 25 -2.90 18.35 -3.03
N GLY E 26 -2.65 19.35 -2.20
CA GLY E 26 -1.30 19.53 -1.68
C GLY E 26 -0.52 18.31 -2.05
N GLY E 27 -0.06 17.54 -1.08
CA GLY E 27 0.41 18.05 0.21
C GLY E 27 1.59 17.13 0.55
N GLU E 28 1.56 16.55 1.74
CA GLU E 28 2.50 15.48 2.13
C GLU E 28 1.71 14.30 2.72
N PHE E 29 2.15 13.06 2.47
CA PHE E 29 1.85 11.90 3.36
C PHE E 29 2.36 12.00 4.81
N THR E 30 1.55 11.59 5.78
CA THR E 30 1.91 11.54 7.18
C THR E 30 1.41 10.27 7.84
N THR E 31 1.57 10.24 9.17
CA THR E 31 1.07 9.16 10.00
C THR E 31 0.26 9.82 11.09
N ILE E 32 -0.55 9.05 11.84
CA ILE E 32 -1.48 9.74 12.78
C ILE E 32 -0.76 10.46 13.91
N GLU E 33 0.52 10.14 14.16
CA GLU E 33 1.30 10.76 15.24
C GLU E 33 1.47 12.23 14.99
N ASN E 34 1.49 12.60 13.73
CA ASN E 34 1.46 14.01 13.34
C ASN E 34 0.12 14.71 13.37
N GLN E 35 -0.97 13.98 13.62
CA GLN E 35 -2.32 14.59 13.76
C GLN E 35 -3.14 13.72 14.68
N PRO E 36 -2.66 13.55 15.93
CA PRO E 36 -3.21 12.47 16.75
C PRO E 36 -4.68 12.59 17.15
N TRP E 37 -5.29 13.74 16.88
CA TRP E 37 -6.71 14.00 17.12
C TRP E 37 -7.52 13.62 15.92
N PHE E 38 -6.87 13.16 14.83
CA PHE E 38 -7.61 12.86 13.55
C PHE E 38 -8.45 11.60 13.65
N ALA E 39 -9.77 11.78 13.43
CA ALA E 39 -10.71 10.65 13.45
C ALA E 39 -11.09 10.18 12.03
N ALA E 40 -10.96 8.85 11.78
CA ALA E 40 -11.38 8.22 10.48
C ALA E 40 -12.80 7.63 10.53
N ILE E 41 -13.74 8.18 9.77
CA ILE E 41 -15.17 7.78 9.89
C ILE E 41 -15.65 7.04 8.62
N TYR E 42 -16.10 5.81 8.85
CA TYR E 42 -16.47 4.84 7.84
C TYR E 42 -17.92 4.44 8.05
N ARG E 43 -18.59 3.98 6.99
CA ARG E 43 -19.87 3.25 7.06
C ARG E 43 -19.62 1.77 7.06
N ARG E 44 -20.22 1.10 8.06
CA ARG E 44 -20.25 -0.35 8.22
C ARG E 44 -21.37 -0.99 7.35
N HIS E 45 -21.04 -2.09 6.66
CA HIS E 45 -22.04 -2.81 5.85
C HIS E 45 -22.28 -4.19 6.39
N ARG E 46 -23.51 -4.71 6.20
CA ARG E 46 -23.80 -6.05 6.75
C ARG E 46 -22.89 -7.02 6.02
N GLY E 47 -22.66 -6.72 4.75
CA GLY E 47 -21.66 -7.46 4.05
C GLY E 47 -20.24 -7.14 4.49
N GLY E 48 -20.01 -7.36 5.84
CA GLY E 48 -18.85 -6.99 6.74
C GLY E 48 -17.96 -5.77 6.45
N SER E 49 -18.08 -5.25 5.25
CA SER E 49 -17.17 -4.28 4.72
C SER E 49 -17.48 -2.91 5.27
N VAL E 50 -16.56 -1.98 5.01
CA VAL E 50 -16.69 -0.59 5.44
C VAL E 50 -16.26 0.24 4.25
N THR E 51 -16.86 1.39 4.05
CA THR E 51 -16.35 2.36 3.07
C THR E 51 -16.12 3.71 3.77
N TYR E 52 -15.05 4.43 3.39
CA TYR E 52 -14.71 5.72 4.02
C TYR E 52 -15.76 6.78 3.75
N VAL E 53 -16.06 7.59 4.77
CA VAL E 53 -17.09 8.63 4.70
C VAL E 53 -16.48 10.03 4.86
N CYS E 54 -15.88 10.29 6.01
CA CYS E 54 -15.43 11.65 6.36
C CYS E 54 -14.35 11.66 7.42
N GLY E 55 -13.61 12.76 7.51
CA GLY E 55 -12.67 12.98 8.60
C GLY E 55 -13.46 13.56 9.76
N GLY E 56 -12.83 13.57 10.94
CA GLY E 56 -13.40 14.20 12.11
C GLY E 56 -12.26 14.55 13.09
N SER E 57 -12.59 15.05 14.26
CA SER E 57 -11.53 15.47 15.25
C SER E 57 -12.00 15.13 16.65
N LEU E 58 -11.16 14.50 17.46
CA LEU E 58 -11.47 14.20 18.87
C LEU E 58 -11.34 15.47 19.73
N MET E 59 -12.44 15.90 20.36
CA MET E 59 -12.67 17.13 21.18
C MET E 59 -12.47 16.90 22.69
N SER E 60 -12.76 15.67 23.11
CA SER E 60 -12.79 15.29 24.51
C SER E 60 -12.82 13.79 24.41
N PRO E 61 -12.62 13.03 25.51
CA PRO E 61 -12.55 11.57 25.41
C PRO E 61 -13.67 10.83 24.64
N CYS E 62 -14.90 11.35 24.74
CA CYS E 62 -16.10 10.66 24.24
C CYS E 62 -16.74 11.36 23.05
N TRP E 63 -16.17 12.49 22.61
CA TRP E 63 -16.78 13.27 21.54
C TRP E 63 -15.84 13.56 20.38
N VAL E 64 -16.29 13.17 19.18
CA VAL E 64 -15.67 13.56 17.92
C VAL E 64 -16.51 14.64 17.19
N ILE E 65 -15.88 15.63 16.59
CA ILE E 65 -16.58 16.70 15.87
C ILE E 65 -16.25 16.53 14.39
N SER E 66 -17.30 16.61 13.55
CA SER E 66 -17.12 16.46 12.10
C SER E 66 -18.10 17.46 11.47
N ALA E 67 -18.56 17.14 10.26
CA ALA E 67 -19.47 17.92 9.41
C ALA E 67 -20.82 17.18 9.21
N THR E 68 -21.95 17.89 9.20
CA THR E 68 -23.24 17.20 9.12
C THR E 68 -23.42 16.67 7.73
N HIS E 69 -22.86 17.37 6.72
CA HIS E 69 -22.98 16.96 5.31
C HIS E 69 -22.60 15.50 5.11
N CYS E 70 -21.72 15.00 5.97
CA CYS E 70 -21.21 13.64 5.90
C CYS E 70 -22.30 12.60 6.18
N PHE E 71 -23.35 12.97 6.90
CA PHE E 71 -24.30 11.99 7.43
C PHE E 71 -25.71 12.13 6.86
N ILE E 72 -25.92 13.10 5.96
CA ILE E 72 -27.24 13.39 5.37
C ILE E 72 -27.95 12.14 4.75
N ASP E 73 -27.21 11.36 3.98
CA ASP E 73 -27.82 10.31 3.13
C ASP E 73 -28.14 9.01 3.88
N TYR E 74 -27.50 8.83 5.03
CA TYR E 74 -27.85 7.81 6.00
C TYR E 74 -27.66 8.37 7.38
N PRO E 75 -28.68 9.11 7.90
CA PRO E 75 -28.53 9.79 9.19
C PRO E 75 -28.86 8.87 10.37
N LYS E 76 -28.27 7.68 10.40
CA LYS E 76 -28.53 6.69 11.44
C LYS E 76 -27.24 6.33 12.20
N LYS E 77 -27.14 6.71 13.47
CA LYS E 77 -25.90 6.47 14.24
C LYS E 77 -25.30 5.06 14.07
N GLU E 78 -26.14 4.03 14.03
CA GLU E 78 -25.59 2.65 14.03
C GLU E 78 -24.96 2.17 12.69
N ASP E 79 -25.09 2.96 11.61
CA ASP E 79 -24.35 2.71 10.35
C ASP E 79 -22.83 3.02 10.40
N TYR E 80 -22.39 3.71 11.45
CA TYR E 80 -21.05 4.31 11.48
C TYR E 80 -20.08 3.70 12.49
N ILE E 81 -18.79 3.81 12.13
CA ILE E 81 -17.67 3.33 12.86
C ILE E 81 -16.58 4.44 12.81
N VAL E 82 -16.04 4.84 13.96
CA VAL E 82 -14.95 5.78 13.97
C VAL E 82 -13.64 5.19 14.47
N TYR E 83 -12.54 5.50 13.79
CA TYR E 83 -11.21 5.09 14.25
C TYR E 83 -10.44 6.28 14.76
N LEU E 84 -9.71 6.03 15.83
CA LEU E 84 -8.66 6.92 16.35
C LEU E 84 -7.33 6.14 16.19
N GLY E 85 -6.20 6.77 15.89
CA GLY E 85 -4.94 6.00 15.91
C GLY E 85 -4.65 5.29 14.60
N ARG E 86 -5.23 5.77 13.51
CA ARG E 86 -5.25 5.04 12.25
C ARG E 86 -4.70 5.98 11.19
N SER E 87 -3.77 5.42 10.39
CA SER E 87 -2.98 6.14 9.38
C SER E 87 -3.30 5.77 7.96
N ARG E 88 -3.93 4.60 7.76
CA ARG E 88 -4.22 4.01 6.47
C ARG E 88 -5.69 3.63 6.28
N LEU E 89 -6.13 3.73 5.04
CA LEU E 89 -7.56 3.58 4.72
C LEU E 89 -8.11 2.15 4.83
N ASN E 90 -7.37 1.17 4.30
CA ASN E 90 -7.92 -0.18 4.06
C ASN E 90 -7.25 -1.30 4.82
N SER E 91 -6.22 -1.00 5.60
CA SER E 91 -5.59 -1.99 6.48
C SER E 91 -5.50 -1.37 7.85
N ASN E 92 -5.26 -2.20 8.86
CA ASN E 92 -5.25 -1.82 10.25
C ASN E 92 -3.90 -1.19 10.76
N THR E 93 -4.00 -0.13 11.57
CA THR E 93 -2.84 0.52 12.20
C THR E 93 -2.68 -0.04 13.62
N GLN E 94 -1.57 -0.73 13.92
CA GLN E 94 -1.33 -1.10 15.34
C GLN E 94 -1.46 0.12 16.26
N GLY E 95 -2.24 -0.06 17.31
CA GLY E 95 -2.58 1.01 18.24
C GLY E 95 -3.90 1.72 18.01
N GLU E 96 -4.54 1.50 16.86
CA GLU E 96 -5.76 2.24 16.55
C GLU E 96 -6.83 1.81 17.54
N MET E 97 -7.82 2.66 17.76
CA MET E 97 -9.00 2.22 18.52
C MET E 97 -10.24 2.43 17.66
N LYS E 98 -11.15 1.46 17.71
CA LYS E 98 -12.40 1.46 16.91
C LYS E 98 -13.58 1.71 17.82
N PHE E 99 -14.42 2.68 17.45
CA PHE E 99 -15.60 3.07 18.22
C PHE E 99 -16.91 2.99 17.38
N GLU E 100 -17.98 2.62 18.09
CA GLU E 100 -19.35 2.82 17.63
C GLU E 100 -19.80 4.22 17.94
N VAL E 101 -20.91 4.62 17.33
CA VAL E 101 -21.43 5.95 17.52
C VAL E 101 -22.73 5.84 18.35
N GLU E 102 -22.66 6.30 19.61
CA GLU E 102 -23.78 6.16 20.57
C GLU E 102 -24.73 7.36 20.47
N ASN E 103 -24.18 8.49 20.03
CA ASN E 103 -24.98 9.65 19.70
C ASN E 103 -24.50 10.25 18.42
N LEU E 104 -25.40 10.56 17.50
CA LEU E 104 -25.07 11.32 16.31
C LEU E 104 -25.92 12.58 16.25
N ILE E 105 -25.28 13.74 16.27
CA ILE E 105 -26.04 14.97 16.32
C ILE E 105 -25.67 15.96 15.18
N LEU E 106 -26.67 16.19 14.34
CA LEU E 106 -26.57 17.04 13.18
C LEU E 106 -26.98 18.42 13.61
N HIS E 107 -26.48 19.45 12.96
CA HIS E 107 -26.93 20.78 13.33
C HIS E 107 -28.32 21.00 12.73
N LYS E 108 -29.23 21.37 13.62
CA LYS E 108 -30.63 21.64 13.34
C LYS E 108 -30.85 22.73 12.28
N ASP E 109 -29.89 23.62 12.12
CA ASP E 109 -30.03 24.68 11.16
C ASP E 109 -29.07 24.49 9.97
N TYR E 110 -28.66 23.25 9.74
CA TYR E 110 -27.95 22.88 8.51
C TYR E 110 -28.76 23.26 7.30
N SER E 111 -28.07 23.76 6.29
CA SER E 111 -28.67 23.95 4.98
C SER E 111 -27.57 23.97 3.96
N ALA E 112 -27.90 23.66 2.71
CA ALA E 112 -26.97 23.86 1.62
C ALA E 112 -27.63 24.40 0.34
N ASP E 113 -26.82 24.96 -0.55
CA ASP E 113 -27.37 25.23 -1.87
C ASP E 113 -26.72 24.33 -2.90
N THR E 114 -26.47 24.81 -4.11
CA THR E 114 -25.76 23.98 -5.09
C THR E 114 -24.24 23.85 -4.84
N LEU E 115 -23.72 24.65 -3.91
CA LEU E 115 -22.27 24.73 -3.63
C LEU E 115 -21.97 24.85 -2.13
N ALA E 116 -22.47 25.90 -1.50
CA ALA E 116 -22.13 26.17 -0.09
C ALA E 116 -22.90 25.24 0.82
N HIS E 117 -22.32 24.94 1.98
CA HIS E 117 -23.04 24.35 3.12
C HIS E 117 -22.92 25.28 4.31
N HIS E 118 -24.05 25.49 5.00
CA HIS E 118 -24.17 26.31 6.21
C HIS E 118 -24.35 25.41 7.41
N ASN E 119 -23.77 25.81 8.55
CA ASN E 119 -23.95 25.09 9.82
C ASN E 119 -23.59 23.62 9.69
N ASP E 120 -22.51 23.38 8.97
CA ASP E 120 -22.03 22.08 8.57
C ASP E 120 -21.15 21.57 9.65
N ILE E 121 -21.77 21.06 10.69
CA ILE E 121 -21.07 20.74 11.87
C ILE E 121 -21.83 19.62 12.53
N ALA E 122 -21.12 18.65 13.12
CA ALA E 122 -21.73 17.47 13.69
C ALA E 122 -20.90 17.01 14.85
N LEU E 123 -21.55 16.33 15.77
CA LEU E 123 -20.96 15.77 16.97
C LEU E 123 -21.27 14.30 17.07
N LEU E 124 -20.24 13.48 17.23
CA LEU E 124 -20.40 12.06 17.43
C LEU E 124 -19.87 11.64 18.80
N LYS E 125 -20.74 11.00 19.58
CA LYS E 125 -20.33 10.38 20.82
C LYS E 125 -19.90 8.98 20.52
N ILE E 126 -18.63 8.73 20.82
CA ILE E 126 -17.97 7.49 20.52
C ILE E 126 -17.93 6.56 21.71
N ARG E 127 -18.03 5.27 21.42
CA ARG E 127 -18.03 4.27 22.44
C ARG E 127 -17.57 2.98 21.84
N SER E 128 -16.47 2.42 22.36
CA SER E 128 -15.97 1.14 21.94
C SER E 128 -16.98 0.03 22.17
N LYS E 129 -16.82 -1.08 21.45
CA LYS E 129 -17.64 -2.26 21.67
C LYS E 129 -17.58 -2.68 23.15
N GLU E 130 -16.42 -2.48 23.77
CA GLU E 130 -16.24 -2.77 25.20
C GLU E 130 -16.68 -1.65 26.13
N GLY E 131 -17.41 -0.66 25.61
CA GLY E 131 -17.95 0.42 26.42
C GLY E 131 -17.03 1.58 26.77
N ARG E 132 -15.88 1.67 26.11
CA ARG E 132 -14.87 2.65 26.53
C ARG E 132 -14.81 3.87 25.62
N CYS E 133 -14.34 4.96 26.18
CA CYS E 133 -14.07 6.14 25.39
C CYS E 133 -12.58 6.19 25.02
N ALA E 134 -12.18 7.29 24.44
CA ALA E 134 -10.84 7.41 23.91
C ALA E 134 -9.82 7.53 25.07
N GLN E 135 -8.68 6.84 24.94
CA GLN E 135 -7.57 6.98 25.92
C GLN E 135 -6.26 7.47 25.30
N PRO E 136 -5.60 8.46 25.95
CA PRO E 136 -4.39 9.07 25.40
C PRO E 136 -3.29 8.04 25.13
N SER E 137 -2.63 8.18 24.01
CA SER E 137 -1.50 7.37 23.67
C SER E 137 -0.80 8.36 22.79
N ARG E 138 0.34 7.97 22.26
CA ARG E 138 1.07 8.85 21.36
C ARG E 138 0.37 9.04 20.00
N THR E 139 -0.57 8.14 19.67
CA THR E 139 -1.36 8.24 18.41
C THR E 139 -2.81 8.79 18.55
N ILE E 140 -3.25 8.99 19.79
CA ILE E 140 -4.61 9.47 20.12
C ILE E 140 -4.54 10.59 21.14
N GLN E 141 -5.11 11.74 20.74
CA GLN E 141 -4.99 12.98 21.45
C GLN E 141 -6.19 13.85 21.06
N THR E 142 -6.51 14.88 21.85
CA THR E 142 -7.63 15.81 21.57
C THR E 142 -7.11 17.10 20.89
N ILE E 143 -7.93 17.82 20.13
CA ILE E 143 -7.52 19.20 19.69
C ILE E 143 -8.21 20.15 20.66
N CYS E 144 -7.57 21.29 20.93
CA CYS E 144 -8.19 22.38 21.65
C CYS E 144 -9.24 23.06 20.80
N LEU E 145 -10.29 23.54 21.47
CA LEU E 145 -11.28 24.43 20.90
C LEU E 145 -10.95 25.91 21.17
N PRO E 146 -11.35 26.78 20.21
CA PRO E 146 -11.17 28.21 20.30
C PRO E 146 -12.04 28.82 21.38
N SER E 147 -11.72 30.06 21.79
CA SER E 147 -12.59 30.76 22.74
C SER E 147 -13.60 31.52 21.89
N MET E 148 -14.76 31.85 22.45
CA MET E 148 -15.83 32.47 21.66
C MET E 148 -15.33 33.59 20.77
N TYR E 149 -15.85 33.64 19.54
CA TYR E 149 -15.52 34.64 18.52
C TYR E 149 -14.04 34.89 18.11
N ASN E 150 -13.06 34.17 18.66
CA ASN E 150 -11.70 34.44 18.19
C ASN E 150 -11.02 33.38 17.33
N ASP E 151 -10.58 33.86 16.17
CA ASP E 151 -9.92 33.04 15.17
C ASP E 151 -8.60 33.77 14.97
N PRO E 152 -7.60 33.12 14.36
CA PRO E 152 -6.37 33.83 14.00
C PRO E 152 -6.60 34.83 12.87
N GLN E 153 -5.65 35.75 12.71
CA GLN E 153 -5.77 36.80 11.71
C GLN E 153 -5.50 36.15 10.37
N PHE E 154 -5.94 36.80 9.29
CA PHE E 154 -5.68 36.26 7.95
C PHE E 154 -4.19 36.22 7.62
N GLY E 155 -3.81 35.31 6.73
CA GLY E 155 -2.42 35.12 6.40
C GLY E 155 -1.76 34.11 7.31
N THR E 156 -2.41 33.72 8.39
CA THR E 156 -1.88 32.66 9.28
C THR E 156 -1.84 31.31 8.56
N SER E 157 -0.67 30.68 8.53
CA SER E 157 -0.48 29.30 8.08
C SER E 157 -1.14 28.26 9.04
N CYS E 158 -2.00 27.39 8.47
CA CYS E 158 -2.76 26.36 9.23
C CYS E 158 -2.68 25.00 8.54
N GLU E 159 -2.75 23.92 9.31
CA GLU E 159 -2.68 22.60 8.72
C GLU E 159 -4.07 21.96 8.48
N ILE E 160 -4.20 21.33 7.32
CA ILE E 160 -5.34 20.43 7.05
C ILE E 160 -4.85 19.00 6.78
N THR E 161 -5.70 18.04 7.16
CA THR E 161 -5.40 16.62 7.03
C THR E 161 -6.65 15.84 6.66
N GLY E 162 -6.47 14.84 5.81
CA GLY E 162 -7.56 14.03 5.26
C GLY E 162 -7.08 12.83 4.46
N PHE E 163 -7.96 11.84 4.30
CA PHE E 163 -7.78 10.71 3.34
C PHE E 163 -8.40 10.99 1.95
N GLY E 164 -8.81 12.23 1.73
CA GLY E 164 -9.47 12.66 0.48
C GLY E 164 -8.67 12.61 -0.80
N LYS E 165 -9.28 12.98 -1.93
CA LYS E 165 -8.62 12.87 -3.25
C LYS E 165 -7.34 13.68 -3.39
N GLU E 166 -6.36 13.09 -4.06
CA GLU E 166 -5.08 13.73 -4.36
C GLU E 166 -5.23 14.57 -5.65
N ASN E 167 -6.18 14.16 -6.50
CA ASN E 167 -6.57 14.80 -7.76
C ASN E 167 -8.09 14.72 -7.89
N SER E 168 -8.75 15.85 -8.20
CA SER E 168 -10.21 15.85 -8.43
C SER E 168 -10.70 14.84 -9.47
N THR E 169 -9.85 14.45 -10.42
CA THR E 169 -10.24 13.49 -11.47
C THR E 169 -10.12 12.02 -11.02
N ASP E 170 -9.42 11.82 -9.91
CA ASP E 170 -9.25 10.50 -9.29
C ASP E 170 -10.57 9.83 -8.92
N TYR E 171 -10.52 8.50 -8.91
CA TYR E 171 -11.60 7.62 -8.48
C TYR E 171 -11.43 7.11 -7.04
N LEU E 172 -10.30 6.49 -6.75
CA LEU E 172 -10.02 6.03 -5.39
C LEU E 172 -9.30 7.10 -4.53
N TYR E 173 -9.35 6.91 -3.21
CA TYR E 173 -8.63 7.77 -2.25
C TYR E 173 -7.20 7.23 -1.97
N PRO E 174 -6.27 8.11 -1.51
CA PRO E 174 -4.92 7.64 -1.14
C PRO E 174 -5.02 6.64 0.00
N GLU E 175 -4.12 5.67 -0.02
CA GLU E 175 -4.03 4.64 0.97
C GLU E 175 -3.52 5.25 2.31
N GLN E 176 -2.70 6.28 2.23
CA GLN E 176 -2.16 6.92 3.40
C GLN E 176 -2.71 8.32 3.63
N LEU E 177 -2.93 8.62 4.91
CA LEU E 177 -3.28 9.93 5.36
C LEU E 177 -2.38 10.99 4.73
N LYS E 178 -2.96 12.17 4.49
CA LYS E 178 -2.19 13.28 4.00
C LYS E 178 -2.45 14.54 4.81
N MET E 179 -1.58 15.51 4.65
CA MET E 179 -1.73 16.76 5.33
C MET E 179 -1.06 17.79 4.45
N THR E 180 -1.51 19.04 4.52
CA THR E 180 -0.87 20.13 3.80
C THR E 180 -1.01 21.41 4.63
N VAL E 181 -0.33 22.47 4.20
CA VAL E 181 -0.48 23.78 4.83
C VAL E 181 -1.19 24.77 3.89
N VAL E 182 -2.07 25.54 4.51
CA VAL E 182 -2.95 26.42 3.81
C VAL E 182 -3.00 27.73 4.65
N LYS E 183 -3.16 28.91 4.06
CA LYS E 183 -3.28 30.12 4.90
C LYS E 183 -4.64 30.79 4.86
N LEU E 184 -5.09 31.24 6.02
CA LEU E 184 -6.34 31.94 6.13
C LEU E 184 -6.56 33.07 5.09
N ILE E 185 -7.80 33.24 4.65
CA ILE E 185 -8.12 34.32 3.74
C ILE E 185 -9.16 35.19 4.45
N SER E 186 -9.11 36.50 4.21
CA SER E 186 -10.05 37.41 4.81
C SER E 186 -11.44 37.20 4.24
N HIS E 187 -12.46 37.59 5.01
CA HIS E 187 -13.84 37.54 4.60
C HIS E 187 -14.13 38.38 3.37
N ARG E 188 -13.52 39.54 3.33
CA ARG E 188 -13.73 40.55 2.28
C ARG E 188 -13.17 40.09 0.93
N GLU E 189 -12.02 39.42 0.98
CA GLU E 189 -11.42 38.84 -0.22
C GLU E 189 -12.22 37.63 -0.74
N CYS E 190 -12.77 36.82 0.17
CA CYS E 190 -13.54 35.64 -0.17
C CYS E 190 -14.98 35.98 -0.63
N GLN E 191 -15.46 37.16 -0.26
CA GLN E 191 -16.77 37.65 -0.67
C GLN E 191 -16.73 38.35 -2.05
N GLN E 192 -15.52 38.42 -2.63
CA GLN E 192 -15.25 39.01 -3.97
C GLN E 192 -15.87 38.17 -5.08
N PRO E 193 -16.56 38.80 -6.04
CA PRO E 193 -17.23 38.07 -7.16
C PRO E 193 -16.42 36.93 -7.80
N HIS E 194 -15.11 37.11 -7.98
CA HIS E 194 -14.27 36.08 -8.58
C HIS E 194 -13.96 34.91 -7.63
N TYR E 195 -14.18 35.15 -6.33
CA TYR E 195 -14.14 34.09 -5.32
C TYR E 195 -15.56 33.58 -5.14
N TYR E 196 -16.18 33.80 -3.99
CA TYR E 196 -17.46 33.15 -3.70
C TYR E 196 -18.64 34.09 -3.46
N GLY E 197 -18.41 35.40 -3.56
CA GLY E 197 -19.49 36.37 -3.38
C GLY E 197 -20.39 36.13 -2.18
N SER E 198 -21.70 36.13 -2.45
CA SER E 198 -22.72 35.95 -1.44
C SER E 198 -22.66 34.60 -0.72
N GLU E 199 -21.96 33.64 -1.31
CA GLU E 199 -21.98 32.24 -0.83
C GLU E 199 -21.37 32.02 0.55
N VAL E 200 -20.36 32.82 0.90
CA VAL E 200 -19.64 32.64 2.17
C VAL E 200 -20.22 33.54 3.25
N THR E 201 -20.55 32.97 4.40
CA THR E 201 -21.23 33.70 5.44
C THR E 201 -20.32 33.93 6.64
N THR E 202 -20.85 34.64 7.62
CA THR E 202 -20.14 34.99 8.85
C THR E 202 -19.63 33.75 9.67
N LYS E 203 -20.24 32.58 9.46
CA LYS E 203 -19.87 31.32 10.16
C LYS E 203 -19.05 30.36 9.31
N MET E 204 -18.41 30.90 8.29
CA MET E 204 -17.46 30.19 7.43
C MET E 204 -16.13 30.95 7.42
N LEU E 205 -15.04 30.21 7.20
CA LEU E 205 -13.72 30.76 6.92
C LEU E 205 -13.24 30.14 5.63
N CYS E 206 -12.60 30.94 4.78
CA CYS E 206 -11.80 30.46 3.66
C CYS E 206 -10.30 30.29 3.97
N ALA E 207 -9.67 29.37 3.24
CA ALA E 207 -8.24 29.13 3.30
C ALA E 207 -7.79 28.53 1.99
N ALA E 208 -6.60 28.92 1.53
CA ALA E 208 -6.04 28.42 0.27
C ALA E 208 -4.50 28.58 0.23
N ASP E 209 -3.89 28.01 -0.80
CA ASP E 209 -2.48 28.18 -1.08
C ASP E 209 -2.34 29.55 -1.80
N PRO E 210 -1.38 30.41 -1.35
CA PRO E 210 -1.05 31.72 -1.95
C PRO E 210 -1.12 31.77 -3.48
N GLN E 211 -0.68 30.74 -4.18
CA GLN E 211 -1.48 30.39 -5.35
C GLN E 211 -1.60 28.97 -5.90
N TRP E 212 -2.65 28.33 -5.40
CA TRP E 212 -3.47 27.37 -6.17
C TRP E 212 -2.96 25.95 -6.23
N LYS E 213 -1.94 25.62 -5.48
CA LYS E 213 -1.29 24.31 -5.67
C LYS E 213 -1.70 23.26 -4.62
N THR E 214 -2.21 23.73 -3.49
CA THR E 214 -2.64 22.83 -2.46
C THR E 214 -3.95 23.25 -1.84
N ASP E 215 -4.68 22.27 -1.29
CA ASP E 215 -6.11 22.40 -0.96
C ASP E 215 -6.70 21.09 -0.42
N SER E 216 -7.87 21.25 0.19
CA SER E 216 -8.76 20.16 0.54
C SER E 216 -9.50 19.66 -0.73
N CYS E 217 -10.01 18.43 -0.69
CA CYS E 217 -10.75 17.91 -1.82
C CYS E 217 -11.85 16.97 -1.37
N GLN E 218 -12.56 16.39 -2.34
CA GLN E 218 -13.63 15.48 -2.03
C GLN E 218 -13.07 14.35 -1.19
N GLY E 219 -13.78 14.01 -0.12
CA GLY E 219 -13.27 12.97 0.77
C GLY E 219 -12.51 13.56 1.96
N ASP E 220 -12.31 14.88 2.00
CA ASP E 220 -11.65 15.56 3.15
C ASP E 220 -12.66 16.19 4.09
N SER E 221 -13.95 16.29 3.66
CA SER E 221 -15.02 16.84 4.49
C SER E 221 -14.90 16.37 5.92
N GLY E 222 -15.23 17.26 6.86
CA GLY E 222 -15.23 16.94 8.28
C GLY E 222 -13.92 16.97 9.07
N GLY E 223 -12.78 16.85 8.37
CA GLY E 223 -11.46 16.88 9.01
C GLY E 223 -11.03 18.24 9.54
N PRO E 224 -9.92 18.27 10.30
CA PRO E 224 -9.46 19.53 10.99
C PRO E 224 -8.79 20.59 10.14
N LEU E 225 -9.15 21.84 10.40
CA LEU E 225 -8.30 22.97 10.07
C LEU E 225 -7.69 23.47 11.39
N VAL E 226 -6.39 23.26 11.54
CA VAL E 226 -5.68 23.51 12.81
C VAL E 226 -4.62 24.63 12.76
N CYS E 227 -4.80 25.65 13.62
CA CYS E 227 -3.89 26.78 13.73
C CYS E 227 -3.45 27.03 15.18
N SER E 228 -2.26 27.60 15.36
CA SER E 228 -1.89 28.14 16.71
C SER E 228 -2.70 29.37 17.07
N LEU E 229 -3.28 29.35 18.25
CA LEU E 229 -4.11 30.45 18.73
C LEU E 229 -3.90 30.53 20.23
N GLN E 230 -3.47 31.69 20.72
CA GLN E 230 -3.09 31.86 22.11
C GLN E 230 -2.22 30.72 22.65
N GLY E 231 -1.16 30.35 21.91
CA GLY E 231 -0.25 29.31 22.38
C GLY E 231 -0.70 27.85 22.33
N ARG E 232 -1.79 27.57 21.60
CA ARG E 232 -2.28 26.18 21.47
C ARG E 232 -2.75 25.78 20.07
N MET E 233 -2.50 24.53 19.70
CA MET E 233 -3.01 24.07 18.41
C MET E 233 -4.52 23.92 18.59
N THR E 234 -5.26 24.75 17.90
CA THR E 234 -6.72 24.77 18.05
C THR E 234 -7.51 24.45 16.77
N LEU E 235 -8.73 23.94 16.97
CA LEU E 235 -9.65 23.60 15.89
C LEU E 235 -10.35 24.85 15.43
N THR E 236 -9.73 25.54 14.50
CA THR E 236 -10.29 26.78 14.02
C THR E 236 -11.40 26.49 13.00
N GLY E 237 -11.26 25.44 12.22
CA GLY E 237 -12.31 25.09 11.28
C GLY E 237 -12.40 23.62 10.94
N ILE E 238 -13.46 23.29 10.18
CA ILE E 238 -13.77 21.91 9.75
C ILE E 238 -13.97 21.96 8.23
N VAL E 239 -13.27 21.11 7.47
CA VAL E 239 -13.46 21.01 6.01
C VAL E 239 -14.95 20.92 5.63
N SER E 240 -15.40 21.84 4.81
CA SER E 240 -16.78 21.92 4.46
C SER E 240 -17.02 21.83 2.95
N TRP E 241 -16.46 22.78 2.18
CA TRP E 241 -16.81 22.84 0.75
C TRP E 241 -15.90 23.73 -0.02
N GLY E 242 -15.97 23.65 -1.34
CA GLY E 242 -15.23 24.52 -2.23
C GLY E 242 -15.62 24.22 -3.63
N ARG E 243 -15.35 25.14 -4.56
CA ARG E 243 -15.51 24.91 -6.01
C ARG E 243 -14.27 24.27 -6.62
N GLY E 244 -14.47 23.09 -7.21
CA GLY E 244 -13.38 22.32 -7.75
C GLY E 244 -12.39 22.06 -6.64
N CYS E 245 -11.18 21.65 -7.00
CA CYS E 245 -10.11 21.40 -6.04
C CYS E 245 -8.81 21.99 -6.57
N ALA E 246 -8.17 22.86 -5.76
CA ALA E 246 -6.97 23.65 -6.12
C ALA E 246 -7.07 24.49 -7.42
N LEU E 247 -8.13 25.30 -7.49
CA LEU E 247 -8.36 26.29 -8.57
C LEU E 247 -8.19 27.72 -8.07
N LYS E 248 -7.65 28.60 -8.93
CA LYS E 248 -7.40 30.00 -8.61
C LYS E 248 -8.70 30.66 -8.19
N ASP E 249 -8.63 31.46 -7.12
CA ASP E 249 -9.74 32.19 -6.56
C ASP E 249 -10.87 31.35 -6.06
N LYS E 250 -10.65 30.02 -6.01
CA LYS E 250 -11.62 29.07 -5.43
C LYS E 250 -11.03 28.34 -4.21
N PRO E 251 -11.07 29.01 -3.03
CA PRO E 251 -10.45 28.44 -1.82
C PRO E 251 -11.30 27.37 -1.11
N GLY E 252 -10.69 26.67 -0.16
CA GLY E 252 -11.43 25.83 0.77
C GLY E 252 -12.30 26.63 1.67
N VAL E 253 -13.51 26.14 1.89
CA VAL E 253 -14.29 26.79 2.92
C VAL E 253 -14.49 25.81 4.07
N TYR E 254 -14.52 26.34 5.29
CA TYR E 254 -14.41 25.57 6.53
C TYR E 254 -15.45 26.14 7.46
N THR E 255 -16.03 25.32 8.32
CA THR E 255 -17.01 25.75 9.28
C THR E 255 -16.24 26.55 10.34
N ARG E 256 -16.81 27.67 10.78
CA ARG E 256 -16.07 28.54 11.71
C ARG E 256 -16.40 28.10 13.09
N VAL E 257 -15.63 27.17 13.61
CA VAL E 257 -15.91 26.47 14.89
C VAL E 257 -16.10 27.42 16.08
N SER E 258 -15.42 28.57 16.07
CA SER E 258 -15.55 29.53 17.21
C SER E 258 -16.91 30.25 17.25
N HIS E 259 -17.68 30.09 16.17
CA HIS E 259 -19.03 30.60 16.18
C HIS E 259 -20.01 29.58 16.71
N PHE E 260 -19.53 28.42 17.16
CA PHE E 260 -20.41 27.28 17.54
C PHE E 260 -20.17 26.74 18.94
N LEU E 261 -19.39 27.46 19.75
CA LEU E 261 -19.17 27.05 21.14
C LEU E 261 -20.42 26.78 21.97
N PRO E 262 -21.42 27.68 21.95
CA PRO E 262 -22.65 27.37 22.71
C PRO E 262 -23.27 26.04 22.27
N TRP E 263 -23.49 25.85 20.96
CA TRP E 263 -23.95 24.58 20.36
C TRP E 263 -23.09 23.41 20.81
N ILE E 264 -21.78 23.49 20.59
CA ILE E 264 -20.93 22.44 21.14
C ILE E 264 -21.16 22.19 22.63
N ARG E 265 -21.10 23.26 23.45
CA ARG E 265 -21.26 23.09 24.90
C ARG E 265 -22.64 22.55 25.29
N SER E 266 -23.69 23.13 24.71
CA SER E 266 -25.05 22.63 24.88
C SER E 266 -25.14 21.11 24.68
N HIS E 267 -24.59 20.64 23.56
CA HIS E 267 -24.84 19.27 23.08
C HIS E 267 -24.02 18.14 23.67
N THR E 268 -23.01 18.46 24.47
CA THR E 268 -22.06 17.47 24.95
C THR E 268 -22.08 17.20 26.46
N LYS E 269 -23.19 17.56 27.13
CA LYS E 269 -23.28 17.35 28.58
C LYS E 269 -24.49 16.47 28.94
N GLU E 270 -25.63 16.78 28.32
CA GLU E 270 -26.84 15.96 28.44
C GLU E 270 -27.85 16.33 27.33
N GLU E 271 -28.09 17.64 27.20
CA GLU E 271 -29.10 18.16 26.28
C GLU E 271 -28.87 19.65 26.01
N ASN E 272 -28.67 20.42 26.96
N CYS F 13 33.60 -36.15 -27.50
CA CYS F 13 32.25 -36.52 -26.95
C CYS F 13 32.28 -37.78 -26.06
N GLY F 14 31.69 -37.66 -24.87
CA GLY F 14 31.53 -38.77 -23.94
C GLY F 14 32.77 -39.03 -23.10
N GLN F 15 33.89 -38.46 -23.53
CA GLN F 15 35.19 -38.64 -22.87
C GLN F 15 35.43 -37.59 -21.76
N LYS F 16 35.33 -38.08 -20.52
CA LYS F 16 35.65 -37.34 -19.30
C LYS F 16 37.12 -37.57 -18.88
N THR F 17 37.68 -36.64 -18.11
CA THR F 17 39.08 -36.78 -17.63
C THR F 17 39.16 -37.74 -16.44
N LEU F 18 39.49 -39.00 -16.74
CA LEU F 18 39.60 -40.05 -15.73
C LEU F 18 40.96 -39.96 -15.04
N ARG F 19 40.98 -39.17 -13.96
CA ARG F 19 42.11 -39.13 -13.02
C ARG F 19 41.72 -39.26 -11.53
N PRO F 20 40.58 -39.91 -11.21
CA PRO F 20 40.40 -40.45 -9.85
C PRO F 20 41.50 -41.45 -9.45
N ILE F 24 16.84 -34.84 -7.98
CA ILE F 24 17.19 -36.25 -7.89
C ILE F 24 16.97 -36.62 -6.44
N ILE F 25 16.09 -37.58 -6.19
CA ILE F 25 15.84 -38.13 -4.85
C ILE F 25 16.99 -39.13 -4.72
N GLY F 26 17.42 -39.57 -5.91
CA GLY F 26 18.77 -40.09 -6.13
C GLY F 26 19.70 -40.43 -4.96
N GLY F 27 20.96 -40.63 -5.26
CA GLY F 27 21.83 -41.09 -4.22
C GLY F 27 22.76 -40.00 -3.78
N GLU F 28 23.63 -39.59 -4.70
CA GLU F 28 24.91 -39.08 -4.28
C GLU F 28 25.23 -37.75 -4.93
N PHE F 29 25.99 -36.95 -4.21
CA PHE F 29 26.44 -35.66 -4.73
C PHE F 29 27.66 -35.94 -5.60
N THR F 30 28.05 -35.01 -6.47
CA THR F 30 29.20 -35.32 -7.29
C THR F 30 29.93 -34.09 -7.85
N THR F 31 30.75 -34.33 -8.87
CA THR F 31 31.59 -33.29 -9.45
C THR F 31 31.18 -33.05 -10.92
N ILE F 32 31.55 -31.91 -11.50
CA ILE F 32 31.27 -31.67 -12.93
C ILE F 32 32.14 -32.61 -13.79
N GLU F 33 33.27 -33.05 -13.23
CA GLU F 33 34.15 -34.04 -13.86
C GLU F 33 33.48 -35.34 -14.28
N ASN F 34 32.34 -35.67 -13.67
CA ASN F 34 31.58 -36.88 -14.05
C ASN F 34 30.54 -36.65 -15.14
N GLN F 35 30.11 -35.40 -15.29
CA GLN F 35 29.30 -35.02 -16.43
C GLN F 35 29.74 -33.63 -16.90
N PRO F 36 30.96 -33.54 -17.50
CA PRO F 36 31.50 -32.32 -18.08
C PRO F 36 30.60 -31.79 -19.21
N TRP F 37 29.62 -32.61 -19.60
CA TRP F 37 28.59 -32.20 -20.57
C TRP F 37 27.42 -31.48 -19.87
N PHE F 38 27.30 -31.66 -18.55
CA PHE F 38 26.21 -31.05 -17.77
C PHE F 38 26.34 -29.54 -17.69
N ALA F 39 25.39 -28.88 -18.36
CA ALA F 39 25.20 -27.44 -18.36
C ALA F 39 24.07 -27.09 -17.36
N ALA F 40 24.16 -25.92 -16.73
CA ALA F 40 23.10 -25.50 -15.83
C ALA F 40 22.60 -24.17 -16.31
N ILE F 41 21.28 -24.05 -16.50
CA ILE F 41 20.72 -22.84 -17.10
C ILE F 41 20.00 -21.98 -16.06
N TYR F 42 20.36 -20.69 -16.05
CA TYR F 42 19.78 -19.68 -15.18
C TYR F 42 19.01 -18.62 -16.00
N ARG F 43 18.05 -17.93 -15.38
CA ARG F 43 17.34 -16.88 -16.10
C ARG F 43 17.58 -15.49 -15.52
N ARG F 44 18.02 -14.59 -16.40
CA ARG F 44 18.14 -13.17 -16.12
C ARG F 44 16.76 -12.57 -15.79
N HIS F 45 16.66 -11.96 -14.62
CA HIS F 45 15.43 -11.35 -14.15
C HIS F 45 15.36 -9.85 -14.49
N ARG F 46 15.68 -9.03 -13.48
CA ARG F 46 15.26 -7.63 -13.47
C ARG F 46 16.40 -6.64 -13.20
N GLY F 47 17.32 -7.01 -12.30
CA GLY F 47 18.48 -6.17 -11.98
C GLY F 47 19.50 -6.85 -11.07
N GLY F 48 20.04 -7.96 -11.54
CA GLY F 48 21.11 -8.68 -10.84
C GLY F 48 20.78 -10.10 -10.45
N SER F 49 19.49 -10.45 -10.57
CA SER F 49 18.93 -11.70 -10.06
C SER F 49 18.94 -12.78 -11.13
N VAL F 50 19.56 -13.93 -10.81
CA VAL F 50 19.53 -15.11 -11.69
C VAL F 50 19.19 -16.36 -10.88
N THR F 51 18.10 -17.02 -11.29
CA THR F 51 17.69 -18.28 -10.66
C THR F 51 17.96 -19.44 -11.62
N TYR F 52 18.12 -20.65 -11.05
CA TYR F 52 18.11 -21.92 -11.78
C TYR F 52 16.80 -22.05 -12.54
N VAL F 53 16.89 -22.31 -13.85
CA VAL F 53 15.76 -22.78 -14.69
C VAL F 53 15.79 -24.31 -14.89
N CYS F 54 16.90 -24.80 -15.48
CA CYS F 54 16.97 -26.19 -16.00
C CYS F 54 18.38 -26.71 -16.25
N GLY F 55 18.50 -28.04 -16.24
CA GLY F 55 19.69 -28.70 -16.72
C GLY F 55 19.78 -28.71 -18.25
N GLY F 56 20.87 -29.28 -18.74
CA GLY F 56 21.15 -29.31 -20.17
C GLY F 56 22.41 -30.10 -20.45
N SER F 57 22.70 -30.25 -21.75
CA SER F 57 23.80 -31.05 -22.29
C SER F 57 24.43 -30.36 -23.51
N LEU F 58 25.75 -30.47 -23.64
CA LEU F 58 26.53 -29.76 -24.63
C LEU F 58 26.79 -30.71 -25.78
N MET F 59 26.42 -30.23 -26.99
CA MET F 59 26.53 -30.97 -28.26
C MET F 59 27.77 -30.57 -29.05
N SER F 60 27.74 -29.32 -29.51
CA SER F 60 28.77 -28.67 -30.31
C SER F 60 29.60 -27.84 -29.31
N PRO F 61 30.74 -27.27 -29.73
CA PRO F 61 31.33 -26.16 -28.96
C PRO F 61 30.37 -24.95 -28.87
N CYS F 62 29.32 -24.97 -29.70
CA CYS F 62 28.33 -23.87 -29.69
C CYS F 62 26.91 -24.27 -29.17
N TRP F 63 26.53 -25.54 -29.34
CA TRP F 63 25.13 -25.97 -29.15
C TRP F 63 24.78 -26.67 -27.82
N VAL F 64 23.71 -26.22 -27.18
CA VAL F 64 23.15 -26.92 -25.99
C VAL F 64 21.73 -27.53 -26.24
N ILE F 65 21.51 -28.74 -25.75
CA ILE F 65 20.16 -29.31 -25.79
C ILE F 65 19.59 -29.34 -24.40
N SER F 66 18.38 -28.81 -24.28
CA SER F 66 17.62 -28.87 -23.06
C SER F 66 16.20 -29.36 -23.42
N ALA F 67 15.21 -28.94 -22.62
CA ALA F 67 13.80 -29.32 -22.80
C ALA F 67 12.97 -28.08 -23.09
N THR F 68 12.02 -28.19 -24.02
CA THR F 68 11.24 -26.98 -24.42
C THR F 68 10.48 -26.36 -23.25
N HIS F 69 9.80 -27.21 -22.50
CA HIS F 69 8.95 -26.77 -21.41
C HIS F 69 9.63 -25.90 -20.31
N CYS F 70 10.88 -25.49 -20.49
CA CYS F 70 11.64 -24.75 -19.48
C CYS F 70 11.61 -23.25 -19.80
N PHE F 71 11.38 -22.94 -21.08
CA PHE F 71 11.52 -21.56 -21.57
C PHE F 71 10.17 -21.05 -22.08
N ILE F 72 9.16 -21.94 -22.09
CA ILE F 72 7.77 -21.63 -22.50
C ILE F 72 7.26 -20.27 -22.01
N ASP F 73 7.43 -20.02 -20.71
CA ASP F 73 6.86 -18.86 -20.06
C ASP F 73 7.74 -17.65 -20.30
N TYR F 74 9.02 -17.92 -20.55
CA TYR F 74 10.01 -16.87 -20.83
C TYR F 74 10.77 -17.21 -22.13
N PRO F 75 10.10 -17.02 -23.28
CA PRO F 75 10.57 -17.61 -24.55
C PRO F 75 11.79 -16.91 -25.11
N LYS F 76 12.00 -15.66 -24.71
CA LYS F 76 12.92 -14.74 -25.38
C LYS F 76 14.40 -14.96 -25.08
N LYS F 77 15.16 -15.00 -26.19
CA LYS F 77 16.62 -15.17 -26.27
C LYS F 77 17.43 -14.54 -25.13
N GLU F 78 17.49 -13.22 -25.13
CA GLU F 78 18.34 -12.40 -24.25
C GLU F 78 18.21 -12.65 -22.73
N ASP F 79 17.18 -13.41 -22.35
CA ASP F 79 16.89 -13.75 -20.95
C ASP F 79 17.79 -14.80 -20.30
N TYR F 80 18.80 -15.32 -21.01
CA TYR F 80 19.49 -16.52 -20.49
C TYR F 80 21.01 -16.50 -20.31
N ILE F 81 21.43 -17.27 -19.30
CA ILE F 81 22.84 -17.55 -18.98
C ILE F 81 23.11 -19.06 -18.94
N VAL F 82 24.34 -19.48 -19.25
CA VAL F 82 24.72 -20.90 -19.19
C VAL F 82 26.11 -21.16 -18.59
N TYR F 83 26.15 -21.98 -17.53
CA TYR F 83 27.40 -22.40 -16.91
C TYR F 83 27.79 -23.77 -17.37
N LEU F 84 29.04 -23.83 -17.83
CA LEU F 84 29.72 -25.06 -18.16
C LEU F 84 30.83 -25.28 -17.13
N GLY F 85 30.88 -26.47 -16.55
CA GLY F 85 31.82 -26.73 -15.47
C GLY F 85 31.41 -26.09 -14.16
N ARG F 86 30.19 -26.44 -13.73
CA ARG F 86 29.59 -26.02 -12.46
C ARG F 86 29.23 -27.25 -11.61
N SER F 87 29.69 -27.25 -10.36
CA SER F 87 29.38 -28.34 -9.39
C SER F 87 28.26 -27.96 -8.40
N ARG F 88 27.90 -26.69 -8.34
CA ARG F 88 26.94 -26.26 -7.34
C ARG F 88 25.94 -25.21 -7.82
N LEU F 89 24.73 -25.26 -7.26
CA LEU F 89 23.62 -24.42 -7.69
C LEU F 89 23.87 -22.91 -7.62
N ASN F 90 24.57 -22.51 -6.57
CA ASN F 90 24.56 -21.15 -6.07
C ASN F 90 25.90 -20.42 -6.15
N SER F 91 26.99 -21.18 -6.17
CA SER F 91 28.35 -20.63 -6.07
C SER F 91 29.26 -21.12 -7.17
N ASN F 92 30.34 -20.37 -7.41
CA ASN F 92 31.32 -20.67 -8.45
C ASN F 92 32.11 -21.92 -8.16
N THR F 93 32.38 -22.68 -9.21
CA THR F 93 33.28 -23.82 -9.20
C THR F 93 34.57 -23.38 -9.89
N GLN F 94 35.72 -23.86 -9.39
CA GLN F 94 37.00 -23.52 -10.06
C GLN F 94 37.11 -24.18 -11.46
N GLY F 95 37.10 -23.33 -12.48
CA GLY F 95 37.20 -23.74 -13.89
C GLY F 95 36.03 -23.34 -14.78
N GLU F 96 34.92 -22.92 -14.15
CA GLU F 96 33.65 -22.69 -14.84
C GLU F 96 33.75 -21.69 -16.00
N MET F 97 32.92 -21.87 -17.02
CA MET F 97 32.77 -20.87 -18.08
C MET F 97 31.29 -20.51 -18.25
N LYS F 98 31.01 -19.21 -18.36
CA LYS F 98 29.64 -18.67 -18.50
C LYS F 98 29.41 -18.14 -19.91
N PHE F 99 28.16 -18.23 -20.40
CA PHE F 99 27.85 -17.75 -21.75
C PHE F 99 26.50 -17.07 -21.84
N GLU F 100 26.34 -16.31 -22.92
CA GLU F 100 25.03 -15.82 -23.31
C GLU F 100 24.46 -16.76 -24.37
N VAL F 101 23.20 -16.60 -24.74
CA VAL F 101 22.50 -17.61 -25.55
C VAL F 101 21.90 -17.04 -26.87
N GLU F 102 22.79 -16.61 -27.77
CA GLU F 102 22.41 -15.89 -29.01
C GLU F 102 21.38 -16.58 -29.90
N ASN F 103 21.08 -17.84 -29.59
CA ASN F 103 20.04 -18.57 -30.29
C ASN F 103 19.31 -19.52 -29.34
N LEU F 104 18.02 -19.25 -29.13
CA LEU F 104 17.16 -20.14 -28.37
C LEU F 104 16.11 -20.78 -29.30
N ILE F 105 16.15 -22.12 -29.44
CA ILE F 105 15.15 -22.73 -30.31
C ILE F 105 14.18 -23.75 -29.65
N LEU F 106 12.91 -23.44 -29.85
CA LEU F 106 11.83 -24.17 -29.26
C LEU F 106 11.20 -25.09 -30.33
N HIS F 107 10.93 -26.34 -29.93
CA HIS F 107 10.32 -27.33 -30.84
C HIS F 107 8.91 -26.89 -31.19
N LYS F 108 8.79 -26.47 -32.46
CA LYS F 108 7.50 -26.05 -33.00
C LYS F 108 6.39 -27.05 -32.71
N ASP F 109 6.72 -28.36 -32.62
CA ASP F 109 5.76 -29.46 -32.41
C ASP F 109 5.38 -29.78 -30.96
N TYR F 110 6.04 -29.13 -29.99
CA TYR F 110 5.75 -29.25 -28.55
C TYR F 110 4.25 -29.19 -28.15
N SER F 111 3.90 -30.06 -27.21
CA SER F 111 2.55 -30.10 -26.61
C SER F 111 2.67 -30.52 -25.14
N ALA F 112 1.55 -30.43 -24.42
CA ALA F 112 1.41 -30.92 -23.06
C ALA F 112 -0.07 -31.03 -22.68
N ASP F 113 -0.40 -31.98 -21.82
CA ASP F 113 -1.61 -31.88 -20.99
C ASP F 113 -1.20 -31.47 -19.57
N THR F 114 -1.90 -32.04 -18.59
CA THR F 114 -1.72 -31.76 -17.16
C THR F 114 -0.42 -32.36 -16.62
N LEU F 115 0.06 -33.40 -17.30
CA LEU F 115 1.12 -34.26 -16.78
C LEU F 115 2.24 -34.33 -17.81
N ALA F 116 1.94 -34.95 -18.95
CA ALA F 116 2.96 -35.36 -19.87
C ALA F 116 3.33 -34.26 -20.83
N HIS F 117 4.57 -34.34 -21.33
CA HIS F 117 5.03 -33.42 -22.34
C HIS F 117 5.48 -34.23 -23.56
N HIS F 118 4.92 -33.86 -24.72
CA HIS F 118 5.37 -34.39 -26.03
C HIS F 118 6.37 -33.39 -26.70
N ASN F 119 7.20 -33.87 -27.64
CA ASN F 119 8.22 -33.04 -28.37
C ASN F 119 9.08 -32.06 -27.55
N ASP F 120 9.52 -32.52 -26.38
CA ASP F 120 10.10 -31.70 -25.30
C ASP F 120 11.64 -31.73 -25.40
N ILE F 121 12.18 -30.84 -26.21
CA ILE F 121 13.53 -30.93 -26.73
C ILE F 121 13.90 -29.50 -27.15
N ALA F 122 15.09 -29.04 -26.75
CA ALA F 122 15.42 -27.65 -27.03
C ALA F 122 16.88 -27.42 -27.33
N LEU F 123 17.16 -26.57 -28.31
CA LEU F 123 18.53 -26.18 -28.63
C LEU F 123 18.85 -24.74 -28.26
N LEU F 124 19.99 -24.58 -27.58
CA LEU F 124 20.56 -23.25 -27.30
C LEU F 124 21.95 -23.14 -27.95
N LYS F 125 22.13 -22.07 -28.75
CA LYS F 125 23.44 -21.70 -29.29
C LYS F 125 24.06 -20.62 -28.40
N ILE F 126 25.37 -20.71 -28.15
CA ILE F 126 26.00 -19.93 -27.09
C ILE F 126 27.20 -19.07 -27.52
N ARG F 127 27.42 -17.98 -26.77
CA ARG F 127 28.57 -17.08 -26.96
C ARG F 127 29.02 -16.47 -25.61
N SER F 128 30.35 -16.48 -25.38
CA SER F 128 30.95 -15.87 -24.18
C SER F 128 30.92 -14.35 -24.17
N LYS F 129 31.37 -13.77 -23.04
CA LYS F 129 31.41 -12.33 -22.79
C LYS F 129 32.18 -11.57 -23.88
N GLU F 130 33.08 -12.29 -24.56
CA GLU F 130 33.91 -11.76 -25.64
C GLU F 130 33.37 -12.12 -27.05
N GLY F 131 32.66 -13.24 -27.14
CA GLY F 131 32.22 -13.79 -28.43
C GLY F 131 32.86 -15.12 -28.81
N ARG F 132 33.23 -15.93 -27.82
CA ARG F 132 33.71 -17.31 -28.08
C ARG F 132 32.65 -18.39 -27.78
N CYS F 133 32.62 -19.42 -28.64
CA CYS F 133 31.92 -20.68 -28.33
C CYS F 133 32.58 -21.37 -27.12
N ALA F 134 32.35 -22.67 -26.92
CA ALA F 134 32.89 -23.34 -25.73
C ALA F 134 34.22 -24.06 -25.97
N GLN F 135 35.06 -24.11 -24.94
CA GLN F 135 36.40 -24.73 -25.01
C GLN F 135 36.50 -25.88 -24.00
N PRO F 136 36.99 -27.06 -24.48
CA PRO F 136 36.80 -28.37 -23.84
C PRO F 136 37.89 -28.82 -22.85
N SER F 137 37.64 -28.61 -21.56
CA SER F 137 38.61 -28.85 -20.48
C SER F 137 38.36 -30.13 -19.69
N ARG F 138 39.04 -30.21 -18.55
CA ARG F 138 38.90 -31.31 -17.59
C ARG F 138 37.45 -31.42 -16.97
N THR F 139 36.60 -30.44 -17.27
CA THR F 139 35.31 -30.27 -16.61
C THR F 139 34.20 -29.76 -17.56
N ILE F 140 34.59 -29.37 -18.79
CA ILE F 140 33.67 -28.93 -19.86
C ILE F 140 33.88 -29.75 -21.13
N GLN F 141 32.87 -30.50 -21.57
CA GLN F 141 33.06 -31.49 -22.68
C GLN F 141 31.72 -31.87 -23.35
N THR F 142 31.77 -32.24 -24.63
CA THR F 142 30.54 -32.70 -25.26
C THR F 142 30.29 -34.17 -24.91
N ILE F 143 29.02 -34.60 -24.97
CA ILE F 143 28.67 -36.04 -25.10
C ILE F 143 28.16 -36.27 -26.51
N CYS F 144 27.92 -37.53 -26.86
CA CYS F 144 27.37 -37.81 -28.17
C CYS F 144 25.87 -38.09 -28.24
N LEU F 145 25.16 -37.21 -28.94
CA LEU F 145 23.78 -37.49 -29.41
C LEU F 145 23.75 -38.91 -29.95
N PRO F 146 22.56 -39.57 -29.92
CA PRO F 146 22.48 -40.94 -30.43
C PRO F 146 22.49 -41.05 -31.97
N SER F 147 22.42 -42.27 -32.48
CA SER F 147 22.20 -42.52 -33.89
C SER F 147 20.82 -43.18 -33.98
N MET F 148 20.11 -43.00 -35.11
CA MET F 148 18.69 -43.40 -35.19
C MET F 148 18.44 -44.88 -34.93
N TYR F 149 17.19 -45.19 -34.56
CA TYR F 149 16.69 -46.55 -34.30
C TYR F 149 17.24 -47.10 -32.99
N ASN F 150 18.56 -47.06 -32.90
CA ASN F 150 19.33 -47.68 -31.84
C ASN F 150 19.51 -46.75 -30.63
N ASP F 151 18.76 -47.08 -29.59
CA ASP F 151 18.97 -46.62 -28.22
C ASP F 151 19.37 -47.92 -27.53
N PRO F 152 19.81 -47.87 -26.24
CA PRO F 152 20.05 -49.15 -25.54
C PRO F 152 18.74 -49.86 -25.32
N GLN F 153 18.82 -51.09 -24.81
CA GLN F 153 17.61 -51.84 -24.60
C GLN F 153 17.08 -51.68 -23.18
N PHE F 154 15.90 -52.21 -22.91
CA PHE F 154 15.34 -52.09 -21.57
C PHE F 154 16.02 -53.05 -20.58
N GLY F 155 16.27 -52.54 -19.37
CA GLY F 155 17.15 -53.20 -18.38
C GLY F 155 18.48 -52.46 -18.19
N THR F 156 19.07 -51.96 -19.29
CA THR F 156 20.28 -51.12 -19.20
C THR F 156 20.22 -50.01 -18.12
N SER F 157 21.25 -49.99 -17.26
CA SER F 157 21.44 -48.93 -16.26
C SER F 157 22.03 -47.66 -16.86
N CYS F 158 21.26 -46.55 -16.80
CA CYS F 158 21.75 -45.22 -17.20
C CYS F 158 21.92 -44.28 -16.00
N GLU F 159 22.49 -43.10 -16.22
CA GLU F 159 22.78 -42.19 -15.10
C GLU F 159 22.10 -40.81 -15.21
N ILE F 160 21.51 -40.35 -14.11
CA ILE F 160 20.78 -39.08 -14.09
C ILE F 160 21.49 -37.93 -13.32
N THR F 161 21.76 -36.83 -14.02
CA THR F 161 22.40 -35.71 -13.34
C THR F 161 21.60 -34.41 -13.33
N GLY F 162 21.51 -33.82 -12.12
CA GLY F 162 20.81 -32.53 -11.94
C GLY F 162 20.73 -31.94 -10.53
N PHE F 163 20.16 -30.74 -10.49
CA PHE F 163 20.07 -29.92 -9.29
C PHE F 163 18.66 -29.87 -8.72
N GLY F 164 17.89 -30.96 -8.82
CA GLY F 164 16.45 -30.91 -8.50
C GLY F 164 16.13 -31.39 -7.12
N LYS F 165 14.85 -31.33 -6.72
CA LYS F 165 14.40 -31.61 -5.34
C LYS F 165 15.02 -32.91 -4.85
N GLU F 166 15.19 -33.03 -3.54
CA GLU F 166 15.74 -34.22 -2.88
C GLU F 166 14.64 -34.98 -2.16
N ASN F 167 13.58 -34.26 -1.79
CA ASN F 167 12.28 -34.85 -1.55
C ASN F 167 11.29 -34.09 -2.43
N SER F 168 10.25 -34.77 -2.92
CA SER F 168 9.17 -34.09 -3.67
C SER F 168 8.58 -32.87 -2.92
N THR F 169 8.62 -32.89 -1.59
CA THR F 169 7.93 -31.84 -0.81
C THR F 169 8.89 -30.95 -0.02
N ASP F 170 10.04 -30.66 -0.60
CA ASP F 170 10.90 -29.68 0.04
C ASP F 170 10.88 -28.38 -0.79
N TYR F 171 10.95 -27.22 -0.12
CA TYR F 171 10.92 -25.93 -0.83
C TYR F 171 12.30 -25.44 -1.22
N LEU F 172 13.31 -26.19 -0.78
CA LEU F 172 14.74 -25.95 -1.08
C LEU F 172 15.28 -26.97 -2.10
N TYR F 173 16.06 -26.49 -3.09
CA TYR F 173 16.91 -27.32 -3.95
C TYR F 173 18.35 -27.49 -3.36
N PRO F 174 18.96 -28.67 -3.55
CA PRO F 174 20.31 -28.94 -3.05
C PRO F 174 21.36 -28.06 -3.70
N GLU F 175 22.37 -27.71 -2.92
CA GLU F 175 23.44 -26.81 -3.36
C GLU F 175 24.38 -27.47 -4.29
N GLN F 176 24.71 -28.71 -3.95
CA GLN F 176 25.76 -29.48 -4.62
C GLN F 176 25.10 -30.28 -5.74
N LEU F 177 25.76 -30.38 -6.90
CA LEU F 177 25.27 -31.24 -8.01
C LEU F 177 25.04 -32.69 -7.56
N LYS F 178 23.97 -33.31 -8.06
CA LYS F 178 23.60 -34.65 -7.58
C LYS F 178 23.50 -35.57 -8.81
N MET F 179 23.68 -36.87 -8.60
CA MET F 179 23.63 -37.84 -9.70
C MET F 179 23.08 -39.16 -9.16
N THR F 180 22.60 -40.01 -10.07
CA THR F 180 22.13 -41.37 -9.71
C THR F 180 22.09 -42.32 -10.96
N VAL F 181 21.94 -43.62 -10.72
CA VAL F 181 21.77 -44.58 -11.81
C VAL F 181 20.34 -45.14 -11.84
N VAL F 182 19.82 -45.26 -13.05
CA VAL F 182 18.46 -45.71 -13.19
C VAL F 182 18.34 -46.68 -14.40
N LYS F 183 17.27 -47.48 -14.49
CA LYS F 183 17.19 -48.37 -15.69
C LYS F 183 16.01 -48.20 -16.63
N LEU F 184 16.33 -48.31 -17.91
CA LEU F 184 15.30 -48.39 -18.92
C LEU F 184 14.22 -49.43 -18.55
N ILE F 185 12.95 -49.00 -18.68
CA ILE F 185 11.71 -49.82 -18.50
C ILE F 185 11.04 -49.92 -19.86
N SER F 186 10.59 -51.11 -20.24
CA SER F 186 9.98 -51.27 -21.57
C SER F 186 8.73 -50.40 -21.63
N HIS F 187 8.49 -49.80 -22.80
CA HIS F 187 7.29 -49.02 -23.15
C HIS F 187 6.02 -49.78 -22.75
N ARG F 188 5.92 -51.00 -23.28
CA ARG F 188 5.02 -52.04 -22.79
C ARG F 188 4.73 -51.85 -21.29
N GLU F 189 5.71 -52.14 -20.44
CA GLU F 189 5.46 -52.14 -19.00
C GLU F 189 5.00 -50.77 -18.46
N CYS F 190 5.39 -49.70 -19.17
CA CYS F 190 5.13 -48.29 -18.79
C CYS F 190 3.75 -47.74 -19.26
N GLN F 191 3.06 -48.52 -20.11
CA GLN F 191 1.74 -48.18 -20.62
C GLN F 191 0.69 -49.04 -19.92
N GLN F 192 1.13 -49.73 -18.88
CA GLN F 192 0.25 -50.50 -18.01
C GLN F 192 -0.62 -49.57 -17.17
N PRO F 193 -1.84 -50.00 -16.82
CA PRO F 193 -2.79 -49.21 -16.06
C PRO F 193 -2.26 -48.60 -14.74
N HIS F 194 -1.49 -49.37 -13.99
CA HIS F 194 -0.89 -48.86 -12.75
C HIS F 194 0.27 -47.90 -13.01
N TYR F 195 0.89 -47.99 -14.19
CA TYR F 195 1.94 -47.05 -14.56
C TYR F 195 1.32 -45.80 -15.18
N TYR F 196 1.67 -45.55 -16.45
CA TYR F 196 1.23 -44.36 -17.15
C TYR F 196 0.13 -44.52 -18.22
N GLY F 197 -0.46 -45.72 -18.30
CA GLY F 197 -1.34 -46.04 -19.41
C GLY F 197 -0.80 -45.43 -20.71
N SER F 198 -1.71 -44.75 -21.42
CA SER F 198 -1.42 -44.27 -22.76
C SER F 198 -0.61 -42.98 -22.72
N GLU F 199 -0.33 -42.50 -21.49
CA GLU F 199 0.38 -41.21 -21.30
C GLU F 199 1.76 -41.14 -21.98
N VAL F 200 2.54 -42.22 -21.89
CA VAL F 200 3.85 -42.30 -22.57
C VAL F 200 3.60 -42.50 -24.07
N THR F 201 4.40 -41.83 -24.90
CA THR F 201 4.51 -42.26 -26.28
C THR F 201 5.76 -43.15 -26.49
N THR F 202 5.92 -43.61 -27.72
CA THR F 202 7.10 -44.37 -28.19
C THR F 202 8.24 -43.39 -28.53
N LYS F 203 7.95 -42.09 -28.37
CA LYS F 203 8.96 -41.03 -28.57
C LYS F 203 9.47 -40.52 -27.20
N MET F 204 9.20 -41.32 -26.16
CA MET F 204 9.51 -41.09 -24.74
C MET F 204 10.19 -42.36 -24.17
N LEU F 205 11.05 -42.22 -23.16
CA LEU F 205 11.61 -43.41 -22.49
C LEU F 205 11.30 -43.46 -21.00
N CYS F 206 10.87 -44.60 -20.49
CA CYS F 206 10.65 -44.69 -19.06
C CYS F 206 11.85 -45.31 -18.39
N ALA F 207 12.18 -44.78 -17.21
CA ALA F 207 13.38 -45.19 -16.49
C ALA F 207 13.13 -45.02 -14.99
N ALA F 208 13.28 -46.10 -14.24
CA ALA F 208 13.08 -46.03 -12.79
C ALA F 208 14.05 -46.92 -11.98
N ASP F 209 14.12 -46.70 -10.67
CA ASP F 209 14.71 -47.68 -9.77
C ASP F 209 13.74 -48.86 -9.66
N PRO F 210 14.25 -50.14 -9.66
CA PRO F 210 13.39 -51.33 -9.35
C PRO F 210 12.49 -51.21 -8.11
N GLN F 211 12.72 -50.15 -7.34
CA GLN F 211 11.59 -49.33 -6.83
C GLN F 211 11.87 -48.34 -5.74
N TRP F 212 11.33 -47.14 -6.05
CA TRP F 212 11.15 -46.01 -5.17
C TRP F 212 12.37 -45.15 -5.24
N LYS F 213 13.42 -45.63 -4.59
CA LYS F 213 14.27 -44.77 -3.77
C LYS F 213 15.02 -43.71 -4.53
N THR F 214 15.21 -43.90 -5.82
CA THR F 214 15.91 -42.88 -6.60
C THR F 214 15.26 -42.57 -7.96
N ASP F 215 15.31 -41.29 -8.33
CA ASP F 215 14.47 -40.76 -9.40
C ASP F 215 14.91 -39.35 -9.85
N SER F 216 14.49 -39.01 -11.06
CA SER F 216 14.29 -37.66 -11.60
C SER F 216 13.33 -36.91 -10.62
N CYS F 217 13.32 -35.57 -10.64
CA CYS F 217 12.36 -34.78 -9.84
C CYS F 217 12.28 -33.31 -10.18
N GLN F 218 11.23 -32.69 -9.65
CA GLN F 218 11.06 -31.24 -9.60
C GLN F 218 12.42 -30.59 -9.68
N GLY F 219 12.75 -29.95 -10.79
CA GLY F 219 13.98 -29.18 -10.90
C GLY F 219 15.06 -29.80 -11.77
N ASP F 220 14.81 -31.04 -12.20
CA ASP F 220 15.77 -31.80 -13.03
C ASP F 220 15.52 -31.72 -14.55
N SER F 221 14.33 -31.26 -14.94
CA SER F 221 13.99 -30.98 -16.32
C SER F 221 15.20 -30.52 -17.16
N GLY F 222 15.18 -30.85 -18.45
CA GLY F 222 16.31 -30.59 -19.33
C GLY F 222 17.55 -31.45 -19.06
N GLY F 223 17.67 -32.07 -17.89
CA GLY F 223 18.86 -32.91 -17.64
C GLY F 223 18.96 -34.12 -18.60
N PRO F 224 20.21 -34.54 -18.92
CA PRO F 224 20.59 -35.78 -19.66
C PRO F 224 20.40 -37.15 -18.96
N LEU F 225 19.82 -38.13 -19.70
CA LEU F 225 20.02 -39.58 -19.42
C LEU F 225 21.23 -39.95 -20.21
N VAL F 226 22.24 -40.48 -19.55
CA VAL F 226 23.42 -40.99 -20.25
C VAL F 226 23.57 -42.49 -20.08
N CYS F 227 23.67 -43.13 -21.24
CA CYS F 227 23.78 -44.59 -21.31
C CYS F 227 25.03 -44.97 -22.08
N SER F 228 25.63 -46.07 -21.63
CA SER F 228 26.75 -46.71 -22.31
C SER F 228 26.26 -47.52 -23.51
N LEU F 229 26.65 -47.11 -24.73
CA LEU F 229 26.33 -47.83 -25.99
C LEU F 229 27.55 -48.04 -26.89
N GLN F 230 27.92 -49.31 -27.10
CA GLN F 230 29.13 -49.69 -27.86
C GLN F 230 30.29 -48.75 -27.54
N GLY F 231 30.63 -48.65 -26.25
CA GLY F 231 31.75 -47.82 -25.78
C GLY F 231 31.54 -46.31 -25.63
N ARG F 232 30.77 -45.72 -26.54
CA ARG F 232 30.54 -44.28 -26.57
C ARG F 232 29.41 -43.83 -25.61
N MET F 233 29.75 -42.90 -24.71
CA MET F 233 28.78 -42.29 -23.80
C MET F 233 27.87 -41.37 -24.57
N THR F 234 26.56 -41.59 -24.39
CA THR F 234 25.61 -41.14 -25.38
C THR F 234 24.38 -40.54 -24.73
N LEU F 235 23.88 -39.49 -25.36
CA LEU F 235 22.65 -38.79 -24.92
C LEU F 235 21.34 -39.51 -25.33
N THR F 236 20.93 -40.56 -24.59
CA THR F 236 19.67 -41.30 -24.85
C THR F 236 18.37 -40.46 -24.75
N GLY F 237 18.22 -39.81 -23.59
CA GLY F 237 17.01 -39.10 -23.24
C GLY F 237 17.30 -37.83 -22.44
N ILE F 238 16.26 -37.00 -22.29
CA ILE F 238 16.35 -35.74 -21.54
C ILE F 238 15.19 -35.66 -20.52
N VAL F 239 15.54 -35.37 -19.27
CA VAL F 239 14.57 -35.38 -18.16
C VAL F 239 13.34 -34.60 -18.61
N SER F 240 12.14 -35.12 -18.33
CA SER F 240 10.93 -34.50 -18.90
C SER F 240 9.76 -34.44 -17.92
N TRP F 241 9.37 -35.58 -17.33
CA TRP F 241 8.21 -35.55 -16.43
C TRP F 241 8.08 -36.85 -15.69
N GLY F 242 7.15 -36.89 -14.76
CA GLY F 242 6.80 -38.10 -14.01
C GLY F 242 5.76 -37.64 -13.00
N ARG F 243 4.99 -38.54 -12.44
CA ARG F 243 4.07 -38.18 -11.36
C ARG F 243 4.69 -38.46 -10.00
N GLY F 244 4.71 -37.43 -9.14
CA GLY F 244 5.52 -37.46 -7.91
C GLY F 244 6.97 -37.73 -8.26
N CYS F 245 7.80 -38.02 -7.26
CA CYS F 245 9.15 -38.53 -7.53
C CYS F 245 9.37 -39.63 -6.55
N ALA F 246 10.16 -40.63 -6.98
CA ALA F 246 10.37 -41.86 -6.22
C ALA F 246 9.08 -42.62 -5.91
N LEU F 247 8.01 -42.40 -6.67
CA LEU F 247 6.78 -43.14 -6.34
C LEU F 247 6.78 -44.50 -7.02
N LYS F 248 6.33 -45.54 -6.36
CA LYS F 248 6.29 -46.85 -7.03
C LYS F 248 5.28 -46.81 -8.19
N ASP F 249 5.73 -47.32 -9.34
CA ASP F 249 4.97 -47.32 -10.59
C ASP F 249 4.88 -45.97 -11.29
N LYS F 250 5.48 -44.93 -10.71
CA LYS F 250 5.62 -43.66 -11.46
C LYS F 250 7.08 -43.35 -11.92
N PRO F 251 7.53 -44.05 -12.98
CA PRO F 251 8.85 -43.82 -13.54
C PRO F 251 9.05 -42.41 -14.00
N GLY F 252 10.33 -42.07 -14.18
CA GLY F 252 10.66 -40.78 -14.75
C GLY F 252 10.60 -40.93 -16.26
N VAL F 253 10.08 -39.92 -16.94
CA VAL F 253 9.91 -40.02 -18.36
C VAL F 253 10.86 -39.08 -19.08
N TYR F 254 11.36 -39.54 -20.22
CA TYR F 254 12.54 -38.91 -20.78
C TYR F 254 12.28 -38.73 -22.26
N THR F 255 12.58 -37.55 -22.77
CA THR F 255 12.58 -37.31 -24.23
C THR F 255 13.61 -38.20 -24.93
N ARG F 256 13.09 -39.17 -25.68
CA ARG F 256 13.89 -40.14 -26.41
C ARG F 256 14.59 -39.48 -27.61
N VAL F 257 15.81 -39.00 -27.38
CA VAL F 257 16.48 -38.07 -28.30
C VAL F 257 16.66 -38.52 -29.76
N SER F 258 16.86 -39.82 -30.00
CA SER F 258 17.16 -40.30 -31.36
C SER F 258 16.13 -39.90 -32.43
N HIS F 259 14.85 -39.75 -32.06
CA HIS F 259 13.91 -39.45 -33.15
C HIS F 259 13.72 -37.95 -33.51
N PHE F 260 14.52 -37.11 -32.83
CA PHE F 260 14.59 -35.68 -33.10
C PHE F 260 15.92 -35.37 -33.75
N LEU F 261 16.71 -36.40 -34.08
CA LEU F 261 17.98 -36.21 -34.84
C LEU F 261 17.83 -35.36 -36.13
N PRO F 262 16.82 -35.65 -36.99
CA PRO F 262 16.51 -34.76 -38.13
C PRO F 262 16.10 -33.32 -37.73
N TRP F 263 15.57 -33.19 -36.52
CA TRP F 263 15.21 -31.90 -35.98
C TRP F 263 16.45 -31.10 -35.61
N ILE F 264 17.48 -31.77 -35.09
CA ILE F 264 18.70 -31.07 -34.66
C ILE F 264 19.52 -30.59 -35.87
N ARG F 265 19.80 -31.48 -36.83
CA ARG F 265 20.47 -31.11 -38.10
C ARG F 265 19.89 -29.82 -38.70
N SER F 266 18.56 -29.78 -38.80
CA SER F 266 17.88 -28.73 -39.55
C SER F 266 18.02 -27.34 -38.92
N HIS F 267 18.05 -27.31 -37.58
CA HIS F 267 18.12 -26.05 -36.83
C HIS F 267 19.54 -25.76 -36.36
N THR F 268 20.35 -26.82 -36.24
CA THR F 268 21.71 -26.70 -35.70
C THR F 268 22.67 -25.98 -36.65
N LYS F 269 22.47 -26.19 -37.96
CA LYS F 269 23.24 -25.51 -38.99
C LYS F 269 22.45 -24.35 -39.58
N GLU F 270 21.25 -24.65 -40.08
CA GLU F 270 20.48 -23.69 -40.88
C GLU F 270 19.14 -23.19 -40.29
N GLU F 271 18.04 -23.48 -40.99
CA GLU F 271 16.75 -22.78 -40.80
C GLU F 271 15.73 -23.58 -39.99
N ASN F 272 15.68 -24.81 -40.03
N1 QGG G . 20.41 14.29 33.79
C2 QGG G . 20.17 12.97 33.63
N3 QGG G . 19.97 12.45 32.45
C4 QGG G . 20.05 13.13 31.27
N5 QGG G . 20.67 14.29 31.17
C6 QGG G . 20.80 14.95 30.03
C7 QGG G . 20.31 14.45 28.86
CL8 QGG G . 20.49 15.34 27.42
C9 QGG G . 19.63 13.21 28.82
C10 QGG G . 19.11 12.65 27.62
C11 QGG G . 18.47 11.47 27.68
C12 QGG G . 18.32 10.81 28.90
C13 QGG G . 18.83 11.30 30.06
C14 QGG G . 19.49 12.52 30.05
S15 QGG G . 17.43 9.31 28.89
O16 QGG G . 17.17 8.88 30.23
O17 QGG G . 16.44 9.68 28.02
N18 QGG G . 18.49 8.20 28.19
C19 QGG G . 18.62 7.86 26.76
C20 QGG G . 20.12 7.47 26.59
C21 QGG G . 20.48 6.76 27.92
C22 QGG G . 19.47 7.38 28.91
C24 QGG G . 18.81 6.28 29.67
O25 QGG G . 17.82 5.67 29.29
O26 QGG G . 19.40 6.01 30.82
N27 QGG G . 20.08 12.12 34.67
N1 QGG H . -3.65 -11.48 -23.35
C2 QGG H . -2.33 -11.54 -23.67
N3 QGG H . -1.51 -12.22 -22.90
C4 QGG H . -1.86 -12.97 -21.82
N5 QGG H . -3.12 -13.24 -21.48
C6 QGG H . -3.44 -14.00 -20.43
C7 QGG H . -2.49 -14.58 -19.64
CL8 QGG H . -2.92 -15.57 -18.26
C9 QGG H . -1.13 -14.38 -19.91
C10 QGG H . -0.13 -14.95 -19.12
C11 QGG H . 1.17 -14.72 -19.42
C12 QGG H . 1.50 -13.91 -20.50
C13 QGG H . 0.55 -13.35 -21.31
C14 QGG H . -0.79 -13.56 -21.02
S15 QGG H . 3.18 -13.63 -20.84
O16 QGG H . 3.31 -12.52 -21.70
O17 QGG H . 3.80 -13.67 -19.55
N18 QGG H . 3.64 -14.98 -21.72
C19 QGG H . 3.95 -16.30 -21.13
C20 QGG H . 3.42 -17.25 -22.21
C21 QGG H . 4.04 -16.58 -23.47
C22 QGG H . 3.75 -15.11 -23.20
C24 QGG H . 4.81 -14.28 -23.90
O25 QGG H . 5.79 -13.83 -23.36
O26 QGG H . 4.65 -14.04 -25.20
N27 QGG H . -1.84 -10.88 -24.76
S SO4 I . -25.99 1.84 -0.67
O1 SO4 I . -27.29 2.29 -1.19
O2 SO4 I . -26.19 0.98 0.51
O3 SO4 I . -25.24 1.16 -1.71
O4 SO4 I . -25.23 3.02 -0.28
S SO4 J . 7.60 -24.73 -3.41
O1 SO4 J . 6.39 -24.07 -3.88
O2 SO4 J . 7.22 -26.00 -2.75
O3 SO4 J . 8.47 -24.94 -4.57
O4 SO4 J . 8.24 -23.87 -2.44
S SO4 K . -1.21 -2.12 2.58
O1 SO4 K . -2.46 -1.48 2.94
O2 SO4 K . -0.31 -2.29 3.74
O3 SO4 K . -1.43 -3.46 2.01
O4 SO4 K . -0.57 -1.28 1.58
S SO4 L . 5.58 -25.19 1.54
O1 SO4 L . 4.64 -25.45 2.63
O2 SO4 L . 6.38 -26.35 1.18
O3 SO4 L . 4.90 -24.82 0.31
O4 SO4 L . 6.43 -24.08 1.92
N1 QGG M . -40.94 8.74 -1.08
C2 QGG M . -40.25 8.63 0.09
N3 QGG M . -38.95 8.81 0.17
C4 QGG M . -38.13 9.20 -0.85
N5 QGG M . -38.62 9.78 -1.93
C6 QGG M . -37.82 10.19 -2.91
C7 QGG M . -36.45 10.07 -2.89
CL8 QGG M . -35.48 10.62 -4.19
C9 QGG M . -35.82 9.47 -1.79
C10 QGG M . -34.44 9.33 -1.72
C11 QGG M . -33.91 8.75 -0.60
C12 QGG M . -34.70 8.30 0.46
C13 QGG M . -36.06 8.44 0.40
C14 QGG M . -36.66 9.03 -0.72
S15 QGG M . -33.96 7.56 1.88
O16 QGG M . -35.01 6.91 2.59
O17 QGG M . -32.89 6.81 1.39
N18 QGG M . -33.43 8.82 2.79
C19 QGG M . -32.16 9.57 2.65
C20 QGG M . -32.29 10.84 3.53
C21 QGG M . -33.78 10.94 3.87
C22 QGG M . -34.22 9.46 3.84
C24 QGG M . -34.10 8.77 5.18
O25 QGG M . -33.16 8.04 5.47
O26 QGG M . -35.12 8.91 6.01
N27 QGG M . -40.94 8.30 1.19
N1 QGG N . 25.43 3.86 2.97
C2 QGG N . 25.53 5.22 3.12
N3 QGG N . 24.98 5.84 4.15
C4 QGG N . 24.31 5.25 5.19
N5 QGG N . 24.44 3.96 5.46
C6 QGG N . 23.84 3.31 6.45
C7 QGG N . 23.04 3.97 7.30
CL8 QGG N . 22.31 3.08 8.58
C9 QGG N . 22.83 5.37 7.16
C10 QGG N . 22.00 6.09 8.03
C11 QGG N . 21.81 7.41 7.88
C12 QGG N . 22.45 8.08 6.85
C13 QGG N . 23.24 7.42 5.95
C14 QGG N . 23.47 6.05 6.09
S15 QGG N . 22.13 9.80 6.74
O16 QGG N . 22.50 10.33 5.47
O17 QGG N . 20.83 9.88 7.32
N18 QGG N . 23.15 10.48 7.87
C19 QGG N . 22.79 10.66 9.29
C20 QGG N . 24.10 10.39 10.01
C21 QGG N . 25.11 11.13 9.12
C22 QGG N . 24.56 10.90 7.70
C24 QGG N . 24.73 12.16 6.90
O25 QGG N . 25.80 12.33 6.38
O26 QGG N . 23.77 13.08 6.75
N27 QGG N . 26.17 6.00 2.20
S SO4 O . 9.60 9.22 22.15
O1 SO4 O . 9.06 9.96 21.01
O2 SO4 O . 8.62 8.28 22.72
O3 SO4 O . 10.75 8.46 21.67
O4 SO4 O . 9.99 10.18 23.20
S SO4 P . 5.41 5.40 24.89
O1 SO4 P . 4.54 6.08 23.96
O2 SO4 P . 4.67 4.46 25.67
O3 SO4 P . 6.42 4.56 24.22
O4 SO4 P . 5.93 6.49 25.67
S SO4 Q . 38.50 -3.00 19.85
O1 SO4 Q . 37.92 -2.25 20.96
O2 SO4 Q . 39.80 -3.57 20.24
O3 SO4 Q . 37.61 -4.11 19.52
O4 SO4 Q . 38.61 -2.11 18.69
N1 QGG R . -11.32 23.25 -0.97
C2 QGG R . -11.77 23.10 -2.27
N3 QGG R . -12.69 22.19 -2.61
C4 QGG R . -13.32 21.33 -1.78
N5 QGG R . -13.14 21.41 -0.47
C6 QGG R . -13.72 20.60 0.41
C7 QGG R . -14.55 19.63 0.02
CL8 QGG R . -15.25 18.58 1.21
C9 QGG R . -14.81 19.41 -1.35
C10 QGG R . -15.66 18.36 -1.78
C11 QGG R . -15.88 18.18 -3.11
C12 QGG R . -15.27 19.03 -4.06
C13 QGG R . -14.46 20.07 -3.69
C14 QGG R . -14.19 20.27 -2.31
S15 QGG R . -15.62 18.70 -5.75
O16 QGG R . -14.68 19.49 -6.46
O17 QGG R . -15.61 17.28 -5.78
N18 QGG R . -17.17 19.31 -5.89
C19 QGG R . -18.42 18.58 -5.64
C20 QGG R . -19.32 19.66 -5.01
C21 QGG R . -19.04 20.85 -5.91
C22 QGG R . -17.53 20.70 -6.19
C24 QGG R . -17.28 20.99 -7.63
O25 QGG R . -17.06 22.09 -7.98
O26 QGG R . -17.29 20.01 -8.51
N27 QGG R . -11.25 23.86 -3.28
S SO4 S . -25.52 -2.52 3.49
O1 SO4 S . -26.82 -2.52 2.83
O2 SO4 S . -25.62 -3.33 4.69
O3 SO4 S . -24.55 -3.10 2.59
O4 SO4 S . -25.18 -1.17 3.92
S SO4 T . -4.03 -6.32 8.43
O1 SO4 T . -4.64 -7.13 9.48
O2 SO4 T . -2.71 -5.84 8.85
O3 SO4 T . -3.92 -7.12 7.21
O4 SO4 T . -4.91 -5.20 8.26
N1 QGG U . 10.63 -38.54 -12.28
C2 QGG U . 9.45 -38.25 -11.65
N3 QGG U . 8.93 -37.01 -11.66
C4 QGG U . 9.48 -35.96 -12.36
N5 QGG U . 10.42 -36.06 -13.33
C6 QGG U . 10.93 -35.00 -14.01
C7 QGG U . 10.51 -33.70 -13.80
CL8 QGG U . 11.17 -32.34 -14.73
C9 QGG U . 9.52 -33.49 -12.81
C10 QGG U . 9.01 -32.22 -12.49
C11 QGG U . 8.04 -32.08 -11.51
C12 QGG U . 7.57 -33.20 -10.83
C13 QGG U . 8.03 -34.45 -11.10
C14 QGG U . 9.00 -34.61 -12.08
S15 QGG U . 6.34 -33.09 -9.57
O16 QGG U . 6.32 -34.36 -8.94
O17 QGG U . 6.64 -31.89 -8.88
N18 QGG U . 4.90 -32.80 -10.37
C19 QGG U . 4.36 -31.46 -10.74
C20 QGG U . 3.06 -31.68 -11.56
C21 QGG U . 3.06 -33.19 -11.95
C22 QGG U . 3.91 -33.82 -10.81
C24 QGG U . 3.03 -34.16 -9.66
O25 QGG U . 2.76 -35.31 -9.47
O26 QGG U . 2.55 -33.22 -8.83
N27 QGG U . 8.84 -39.27 -10.96
#